data_8WO1
#
_entry.id   8WO1
#
_cell.length_a   1.00
_cell.length_b   1.00
_cell.length_c   1.00
_cell.angle_alpha   90.00
_cell.angle_beta   90.00
_cell.angle_gamma   90.00
#
_symmetry.space_group_name_H-M   'P 1'
#
loop_
_entity.id
_entity.type
_entity.pdbx_description
1 polymer 'Toll-like receptor 4'
2 polymer 'Lymphocyte antigen 96'
3 branched beta-D-mannopyranose-(1-4)-2-acetamido-2-deoxy-beta-D-glucopyranose-(1-4)-2-acetamido-2-deoxy-beta-D-glucopyranose
4 branched 2-acetamido-2-deoxy-beta-D-glucopyranose-(1-4)-2-acetamido-2-deoxy-beta-D-glucopyranose
5 non-polymer 2-acetamido-2-deoxy-beta-D-glucopyranose
6 non-polymer 2-amino-2-deoxy-4-O-phosphono-alpha-D-glucopyranose
7 non-polymer '(3R)-3-(dodecanoyloxy)tetradecanoic acid'
8 non-polymer '(3R)-3-(tetradecanoyloxy)tetradecanoic acid'
9 non-polymer '[(2~{R},3~{S},4~{R},5~{S})-2-(hydroxymethyl)-5-methoxy-4,6-bis(oxidanyl)oxan-3-yl] dihydrogen phosphate'
10 non-polymer '(3~{S})-3-decanoyloxytetradecanoic acid'
#
loop_
_entity_poly.entity_id
_entity_poly.type
_entity_poly.pdbx_seq_one_letter_code
_entity_poly.pdbx_strand_id
1 'polypeptide(L)'
;EPCVEVVPNITYQCMELNFYKIPDNLPFSTKNLDLSFNPLRHLGSYSFFSFPELQVLDLSRCEIQTIEDGAYQSLSHLST
LILTGNPIQSLALGAFSGLSSLQKLVAVETNLASLENFPIGHLKTLKELNVAHNLIQSFKLPEYFSNLTNLEHLDLSSNK
IQSIYCTDLRVLHQMPLLNLSLDLSLNPMNFIQPGAFKEIRLHKLTLRNNFDSLNVMKTCIQGLAGLEVHRLVLGEFRNE
GNLEKFDKSALEGLCNLTIEEFRLAYLDYYLDDIIDLFNCLTNVSSFSLVSVTIERVKDFSYNFGWQHLELVNCKFGQFP
TLKLKSLKRLTFTSNKGGNAFSEVDLPSLEFLDLSRNGLSFKGCCSQSDFGTTSLKYLDLSFNGVITMSSNFLGLEQLEH
LDFQHSNLKQMSEFSVFLSLRNLIYLDISHTHTRVAFNGIFNGLSSLEVLKMAGNSFQENFLPDIFTELRNLTFLDLSQC
QLEQLSPTAFNSLSSLQVLNMSHNNFFSLDTFPYKCLNSLQVLDYSLNHIMTSKKQELQHFPSSLAFLNLTQNDFACTCE
HQSFLQWIKDQRQLLVEVERMECATPSDKQGMPVLSLNITCQMNK
;
A,B
2 'polypeptide(L)'
;QKQYWVCNSSDASISYTYCDKMQYPISINVNPCIELKGSKGLLHIFYIPRRDLKQLYFNLYITVNTMNLPKRKEVICRGS
DDDYSFCRALKGETVNTTISFSFKGIKFSKGKYKCVVEAISGSPEEMLFCLEFVILHQPNSN
;
C,D
#
loop_
_chem_comp.id
_chem_comp.type
_chem_comp.name
_chem_comp.formula
0IL non-polymer '(3R)-3-(tetradecanoyloxy)tetradecanoic acid' 'C28 H54 O4'
2IL non-polymer '(3R)-3-(dodecanoyloxy)tetradecanoic acid' 'C26 H50 O4'
A1L01 non-polymer '(3~{S})-3-decanoyloxytetradecanoic acid' 'C24 H46 O4'
BMA D-saccharide, beta linking beta-D-mannopyranose 'C6 H12 O6'
GP4 D-saccharide, alpha linking 2-amino-2-deoxy-4-O-phosphono-alpha-D-glucopyranose 'C6 H14 N O8 P'
NAG D-saccharide, beta linking 2-acetamido-2-deoxy-beta-D-glucopyranose 'C8 H15 N O6'
X6N D-saccharide, alpha linking '[(2~{R},3~{S},4~{R},5~{S})-2-(hydroxymethyl)-5-methoxy-4,6-bis(oxidanyl)oxan-3-yl] dihydrogen phosphate' 'C7 H15 O9 P'
#
# COMPACT_ATOMS: atom_id res chain seq x y z
N GLU A 1 -17.67 -19.11 54.24
CA GLU A 1 -16.58 -18.44 53.55
C GLU A 1 -17.12 -17.33 52.63
N PRO A 2 -17.58 -16.23 53.22
CA PRO A 2 -18.06 -15.11 52.36
C PRO A 2 -16.95 -14.48 51.54
N CYS A 3 -15.84 -14.09 52.18
CA CYS A 3 -14.78 -13.40 51.47
C CYS A 3 -14.13 -14.31 50.43
N VAL A 4 -14.01 -13.80 49.21
CA VAL A 4 -13.38 -14.55 48.15
C VAL A 4 -11.91 -14.78 48.51
N GLU A 5 -11.38 -15.91 48.07
CA GLU A 5 -10.06 -16.37 48.46
C GLU A 5 -9.19 -16.39 47.21
N VAL A 6 -8.20 -15.51 47.14
CA VAL A 6 -7.43 -15.35 45.91
C VAL A 6 -6.21 -16.26 45.90
N VAL A 7 -5.32 -16.10 46.90
CA VAL A 7 -4.10 -16.89 46.99
C VAL A 7 -4.14 -17.62 48.33
N PRO A 8 -3.81 -18.91 48.37
CA PRO A 8 -4.05 -19.69 49.59
C PRO A 8 -3.36 -19.08 50.81
N ASN A 9 -4.18 -18.63 51.76
CA ASN A 9 -3.74 -18.14 53.06
C ASN A 9 -2.92 -16.87 52.99
N ILE A 10 -2.93 -16.17 51.85
CA ILE A 10 -2.11 -14.97 51.70
C ILE A 10 -2.98 -13.75 51.39
N THR A 11 -3.67 -13.79 50.26
CA THR A 11 -4.44 -12.66 49.76
C THR A 11 -5.92 -12.98 49.89
N TYR A 12 -6.66 -12.09 50.55
CA TYR A 12 -8.08 -12.29 50.76
C TYR A 12 -8.80 -10.99 50.38
N GLN A 13 -9.54 -11.02 49.28
CA GLN A 13 -10.29 -9.85 48.86
C GLN A 13 -11.78 -10.12 49.03
N CYS A 14 -12.49 -9.14 49.56
CA CYS A 14 -13.95 -9.23 49.63
C CYS A 14 -14.55 -7.83 49.64
N MET A 15 -14.94 -7.37 48.45
CA MET A 15 -15.57 -6.06 48.25
C MET A 15 -17.06 -6.24 48.02
N GLU A 16 -17.82 -5.24 48.47
CA GLU A 16 -19.25 -5.13 48.24
C GLU A 16 -20.04 -6.16 49.05
N LEU A 17 -19.34 -7.07 49.72
CA LEU A 17 -20.00 -7.95 50.67
C LEU A 17 -20.47 -7.12 51.85
N ASN A 18 -21.77 -7.12 52.12
CA ASN A 18 -22.33 -6.11 53.00
C ASN A 18 -21.86 -6.42 54.42
N PHE A 19 -20.65 -5.97 54.75
CA PHE A 19 -20.09 -6.17 56.08
C PHE A 19 -20.46 -4.98 56.95
N TYR A 20 -20.23 -5.14 58.25
CA TYR A 20 -20.35 -4.03 59.19
C TYR A 20 -19.21 -3.99 60.19
N LYS A 21 -18.28 -4.94 60.12
CA LYS A 21 -17.14 -5.00 61.02
C LYS A 21 -16.05 -5.78 60.31
N ILE A 22 -14.83 -5.66 60.80
CA ILE A 22 -13.74 -6.44 60.20
C ILE A 22 -14.02 -7.92 60.41
N PRO A 23 -13.92 -8.76 59.38
CA PRO A 23 -14.24 -10.18 59.57
C PRO A 23 -13.24 -10.88 60.49
N ASP A 24 -13.73 -11.90 61.19
CA ASP A 24 -12.95 -12.62 62.18
C ASP A 24 -12.47 -13.98 61.70
N ASN A 25 -13.15 -14.59 60.74
CA ASN A 25 -12.83 -15.94 60.30
C ASN A 25 -11.60 -16.00 59.42
N LEU A 26 -11.02 -14.87 59.04
CA LEU A 26 -9.87 -14.88 58.16
C LEU A 26 -8.65 -15.41 58.90
N PRO A 27 -7.71 -16.03 58.17
CA PRO A 27 -6.52 -16.60 58.80
C PRO A 27 -5.75 -15.57 59.62
N PHE A 28 -4.99 -16.09 60.57
CA PHE A 28 -4.24 -15.22 61.48
C PHE A 28 -3.03 -14.59 60.78
N SER A 29 -2.51 -15.26 59.76
CA SER A 29 -1.35 -14.77 59.01
C SER A 29 -1.77 -14.57 57.57
N THR A 30 -2.30 -13.38 57.27
CA THR A 30 -2.65 -13.00 55.92
C THR A 30 -2.07 -11.63 55.61
N LYS A 31 -1.90 -11.35 54.32
CA LYS A 31 -1.40 -10.07 53.88
C LYS A 31 -2.41 -9.46 52.92
N ASN A 32 -2.18 -8.19 52.60
CA ASN A 32 -2.90 -7.45 51.55
C ASN A 32 -4.38 -7.80 51.49
N LEU A 33 -5.06 -7.51 52.60
CA LEU A 33 -6.51 -7.70 52.71
C LEU A 33 -7.23 -6.56 52.02
N ASP A 34 -8.03 -6.87 51.01
CA ASP A 34 -8.86 -5.88 50.33
C ASP A 34 -10.23 -5.85 50.98
N LEU A 35 -10.66 -4.66 51.38
CA LEU A 35 -11.93 -4.51 52.09
C LEU A 35 -12.50 -3.15 51.74
N SER A 36 -13.31 -3.10 50.68
CA SER A 36 -13.77 -1.83 50.14
C SER A 36 -15.21 -1.93 49.70
N PHE A 37 -15.89 -0.78 49.67
CA PHE A 37 -17.31 -0.69 49.38
C PHE A 37 -18.16 -1.41 50.42
N ASN A 38 -17.66 -1.50 51.64
CA ASN A 38 -18.38 -2.12 52.76
C ASN A 38 -18.71 -1.04 53.78
N PRO A 39 -19.93 -0.95 54.28
CA PRO A 39 -20.26 0.14 55.22
C PRO A 39 -19.64 -0.04 56.60
N LEU A 40 -18.65 0.79 56.93
CA LEU A 40 -18.04 0.85 58.26
C LEU A 40 -18.11 2.30 58.70
N ARG A 41 -19.22 2.69 59.33
CA ARG A 41 -19.46 4.10 59.62
C ARG A 41 -18.41 4.67 60.56
N HIS A 42 -17.68 3.83 61.27
CA HIS A 42 -16.80 4.30 62.34
C HIS A 42 -15.68 3.29 62.55
N LEU A 43 -14.47 3.80 62.76
CA LEU A 43 -13.31 2.95 63.03
C LEU A 43 -12.88 3.17 64.47
N GLY A 44 -12.60 2.08 65.17
CA GLY A 44 -12.31 2.16 66.59
C GLY A 44 -10.90 1.76 66.96
N SER A 45 -10.52 2.00 68.21
CA SER A 45 -9.18 1.66 68.67
C SER A 45 -8.93 0.17 68.55
N TYR A 46 -7.73 -0.19 68.12
CA TYR A 46 -7.32 -1.59 67.97
C TYR A 46 -8.29 -2.36 67.09
N SER A 47 -8.73 -1.74 65.98
CA SER A 47 -9.72 -2.39 65.13
C SER A 47 -9.13 -3.63 64.46
N PHE A 48 -7.92 -3.54 63.95
CA PHE A 48 -7.29 -4.62 63.21
C PHE A 48 -6.28 -5.30 64.14
N PHE A 49 -6.79 -6.18 65.00
CA PHE A 49 -5.95 -6.97 65.89
C PHE A 49 -5.79 -8.41 65.46
N SER A 50 -6.75 -8.96 64.72
CA SER A 50 -6.64 -10.31 64.21
C SER A 50 -5.55 -10.45 63.16
N PHE A 51 -4.95 -9.35 62.73
CA PHE A 51 -3.95 -9.33 61.65
C PHE A 51 -2.67 -8.70 62.16
N PRO A 52 -1.91 -9.40 62.99
CA PRO A 52 -0.63 -8.84 63.45
C PRO A 52 0.38 -8.69 62.33
N GLU A 53 0.29 -9.52 61.30
CA GLU A 53 1.19 -9.47 60.16
C GLU A 53 0.36 -9.15 58.92
N LEU A 54 0.76 -8.11 58.20
CA LEU A 54 -0.06 -7.53 57.14
C LEU A 54 0.79 -6.55 56.34
N GLN A 55 0.56 -6.50 55.03
CA GLN A 55 1.32 -5.61 54.15
C GLN A 55 0.49 -4.47 53.60
N VAL A 56 -0.65 -4.77 52.97
CA VAL A 56 -1.45 -3.78 52.25
C VAL A 56 -2.85 -3.75 52.83
N LEU A 57 -3.37 -2.56 53.05
CA LEU A 57 -4.75 -2.39 53.49
C LEU A 57 -5.46 -1.44 52.53
N ASP A 58 -6.77 -1.61 52.41
CA ASP A 58 -7.54 -0.87 51.41
C ASP A 58 -8.93 -0.62 51.97
N LEU A 59 -9.27 0.65 52.20
CA LEU A 59 -10.61 1.03 52.65
C LEU A 59 -11.11 2.13 51.73
N SER A 60 -11.67 1.73 50.60
CA SER A 60 -12.19 2.67 49.60
C SER A 60 -13.70 2.65 49.66
N ARG A 61 -14.30 3.84 49.78
CA ARG A 61 -15.75 4.00 49.84
C ARG A 61 -16.37 3.37 51.07
N CYS A 62 -15.57 2.78 51.94
CA CYS A 62 -16.09 2.34 53.23
C CYS A 62 -16.40 3.59 54.02
N GLU A 63 -17.66 4.01 54.02
CA GLU A 63 -17.94 5.37 54.44
C GLU A 63 -17.63 5.59 55.92
N ILE A 64 -16.46 6.18 56.18
CA ILE A 64 -15.88 6.33 57.50
C ILE A 64 -15.97 7.78 57.89
N GLN A 65 -16.70 8.07 58.98
CA GLN A 65 -16.87 9.43 59.45
C GLN A 65 -15.78 9.87 60.41
N THR A 66 -15.30 8.99 61.27
CA THR A 66 -14.32 9.34 62.29
C THR A 66 -13.37 8.17 62.51
N ILE A 67 -12.08 8.44 62.42
CA ILE A 67 -11.05 7.51 62.85
C ILE A 67 -10.61 7.99 64.23
N GLU A 68 -10.74 7.13 65.23
CA GLU A 68 -10.37 7.51 66.59
C GLU A 68 -8.91 7.15 66.86
N ASP A 69 -8.37 7.78 67.90
CA ASP A 69 -6.96 7.61 68.24
C ASP A 69 -6.63 6.18 68.57
N GLY A 70 -5.49 5.71 68.08
CA GLY A 70 -4.99 4.40 68.41
C GLY A 70 -5.33 3.31 67.42
N ALA A 71 -6.13 3.59 66.40
CA ALA A 71 -6.38 2.60 65.36
C ALA A 71 -5.07 2.24 64.66
N TYR A 72 -5.07 1.09 64.01
CA TYR A 72 -3.89 0.55 63.34
C TYR A 72 -2.74 0.29 64.31
N GLN A 73 -3.01 0.31 65.62
CA GLN A 73 -1.94 0.26 66.60
C GLN A 73 -1.10 -1.00 66.47
N SER A 74 -1.73 -2.17 66.63
CA SER A 74 -1.00 -3.44 66.59
C SER A 74 -0.74 -3.86 65.14
N LEU A 75 -0.11 -2.96 64.40
CA LEU A 75 -0.01 -3.15 62.95
C LEU A 75 1.25 -2.51 62.43
N SER A 76 2.30 -3.31 62.28
CA SER A 76 3.49 -2.88 61.56
C SER A 76 3.58 -3.69 60.28
N HIS A 77 4.66 -3.50 59.52
CA HIS A 77 4.84 -4.10 58.19
C HIS A 77 3.80 -3.58 57.20
N LEU A 78 2.93 -2.68 57.63
CA LEU A 78 1.89 -2.13 56.77
C LEU A 78 2.48 -1.01 55.93
N SER A 79 2.66 -1.27 54.64
CA SER A 79 3.32 -0.33 53.75
C SER A 79 2.35 0.49 52.91
N THR A 80 1.03 0.28 53.02
CA THR A 80 0.11 0.97 52.14
C THR A 80 -1.23 1.15 52.81
N LEU A 81 -1.77 2.36 52.74
CA LEU A 81 -3.15 2.65 53.10
C LEU A 81 -3.84 3.36 51.95
N ILE A 82 -5.08 3.00 51.69
CA ILE A 82 -5.89 3.64 50.66
C ILE A 82 -7.19 4.07 51.32
N LEU A 83 -7.26 5.32 51.74
CA LEU A 83 -8.49 5.91 52.27
C LEU A 83 -9.22 6.75 51.23
N THR A 84 -9.54 6.19 50.08
CA THR A 84 -10.14 6.98 49.01
C THR A 84 -11.66 7.03 49.18
N GLY A 85 -12.22 8.23 49.07
CA GLY A 85 -13.66 8.40 49.04
C GLY A 85 -14.35 8.35 50.38
N ASN A 86 -13.60 8.29 51.49
CA ASN A 86 -14.21 8.26 52.80
C ASN A 86 -14.41 9.69 53.29
N PRO A 87 -15.62 10.13 53.56
CA PRO A 87 -15.81 11.49 54.07
C PRO A 87 -15.45 11.59 55.54
N ILE A 88 -14.28 12.13 55.84
CA ILE A 88 -13.76 12.16 57.20
C ILE A 88 -13.93 13.57 57.73
N GLN A 89 -14.81 13.74 58.70
CA GLN A 89 -15.05 15.05 59.29
C GLN A 89 -14.36 15.23 60.64
N SER A 90 -13.81 14.16 61.22
CA SER A 90 -13.06 14.31 62.47
C SER A 90 -11.99 13.22 62.50
N LEU A 91 -10.78 13.58 62.10
CA LEU A 91 -9.63 12.69 62.19
C LEU A 91 -8.92 13.02 63.51
N ALA A 92 -9.02 12.11 64.48
CA ALA A 92 -8.47 12.36 65.80
C ALA A 92 -6.95 12.46 65.73
N LEU A 93 -6.42 13.52 66.32
CA LEU A 93 -4.97 13.66 66.46
C LEU A 93 -4.41 12.41 67.13
N GLY A 94 -3.27 11.95 66.64
CA GLY A 94 -2.70 10.72 67.14
C GLY A 94 -3.07 9.49 66.36
N ALA A 95 -4.02 9.58 65.43
CA ALA A 95 -4.25 8.47 64.52
C ALA A 95 -2.99 8.22 63.68
N PHE A 96 -2.96 7.06 63.02
CA PHE A 96 -1.75 6.58 62.37
C PHE A 96 -0.60 6.44 63.37
N SER A 97 -0.93 6.17 64.63
CA SER A 97 0.07 6.16 65.70
C SER A 97 1.17 5.14 65.48
N GLY A 98 0.83 3.86 65.51
CA GLY A 98 1.87 2.87 65.31
C GLY A 98 1.90 2.31 63.91
N LEU A 99 2.75 2.89 63.06
CA LEU A 99 3.02 2.38 61.72
C LEU A 99 4.50 2.65 61.47
N SER A 100 5.34 1.68 61.83
CA SER A 100 6.77 1.93 61.81
C SER A 100 7.31 1.98 60.39
N SER A 101 6.71 1.23 59.47
CA SER A 101 7.15 1.20 58.07
C SER A 101 5.93 1.42 57.18
N LEU A 102 5.58 2.68 56.97
CA LEU A 102 4.53 3.06 56.05
C LEU A 102 5.15 3.89 54.93
N GLN A 103 4.91 3.48 53.70
CA GLN A 103 5.51 4.15 52.55
C GLN A 103 4.51 4.93 51.71
N LYS A 104 3.32 4.38 51.48
CA LYS A 104 2.34 5.01 50.62
C LYS A 104 1.11 5.38 51.44
N LEU A 105 0.62 6.60 51.26
CA LEU A 105 -0.59 7.06 51.94
C LEU A 105 -1.45 7.76 50.91
N VAL A 106 -2.59 7.17 50.57
CA VAL A 106 -3.50 7.71 49.57
C VAL A 106 -4.71 8.25 50.31
N ALA A 107 -4.86 9.56 50.32
CA ALA A 107 -6.04 10.20 50.90
C ALA A 107 -6.63 11.11 49.83
N VAL A 108 -7.42 10.51 48.95
CA VAL A 108 -8.04 11.21 47.83
C VAL A 108 -9.53 11.29 48.12
N GLU A 109 -10.15 12.39 47.72
CA GLU A 109 -11.59 12.60 47.87
C GLU A 109 -12.02 12.66 49.33
N THR A 110 -11.08 12.56 50.26
CA THR A 110 -11.35 12.93 51.63
C THR A 110 -11.58 14.43 51.70
N ASN A 111 -12.36 14.88 52.68
CA ASN A 111 -12.71 16.29 52.79
C ASN A 111 -11.61 17.04 53.56
N LEU A 112 -10.40 16.93 53.06
CA LEU A 112 -9.27 17.66 53.63
C LEU A 112 -9.44 19.16 53.39
N ALA A 113 -8.90 19.94 54.32
CA ALA A 113 -8.97 21.39 54.23
C ALA A 113 -7.64 22.09 54.34
N SER A 114 -6.63 21.47 54.93
CA SER A 114 -5.31 22.06 55.04
C SER A 114 -4.34 20.98 55.49
N LEU A 115 -3.06 21.31 55.51
CA LEU A 115 -2.01 20.34 55.75
C LEU A 115 -1.31 20.47 57.09
N GLU A 116 -1.61 21.49 57.89
CA GLU A 116 -1.02 21.56 59.22
C GLU A 116 -1.81 20.78 60.24
N ASN A 117 -3.13 20.72 60.10
CA ASN A 117 -3.95 19.86 60.95
C ASN A 117 -4.12 18.48 60.34
N PHE A 118 -3.00 17.88 59.94
CA PHE A 118 -2.98 16.56 59.35
C PHE A 118 -1.97 15.73 60.12
N PRO A 119 -2.37 14.64 60.75
CA PRO A 119 -1.55 14.02 61.80
C PRO A 119 -0.34 13.26 61.31
N ILE A 120 0.07 13.45 60.06
CA ILE A 120 1.28 12.79 59.56
C ILE A 120 2.43 13.74 59.85
N GLY A 121 2.92 13.66 61.08
CA GLY A 121 4.10 14.43 61.45
C GLY A 121 5.13 13.65 62.23
N HIS A 122 4.84 12.39 62.47
CA HIS A 122 5.74 11.49 63.17
C HIS A 122 6.09 10.43 62.15
N LEU A 123 5.40 10.41 61.01
CA LEU A 123 5.66 9.41 59.99
C LEU A 123 7.06 9.57 59.44
N LYS A 124 7.57 8.47 58.90
CA LYS A 124 8.90 8.43 58.32
C LYS A 124 8.95 7.21 57.43
N THR A 125 9.94 7.16 56.55
CA THR A 125 10.01 6.16 55.50
C THR A 125 8.84 6.33 54.54
N LEU A 126 8.05 7.37 54.74
CA LEU A 126 6.91 7.67 53.87
C LEU A 126 7.41 8.31 52.58
N LYS A 127 7.18 7.63 51.45
CA LYS A 127 7.69 8.09 50.16
C LYS A 127 6.65 8.92 49.40
N GLU A 128 5.44 8.39 49.23
CA GLU A 128 4.43 9.05 48.44
C GLU A 128 3.27 9.51 49.32
N LEU A 129 2.78 10.71 49.03
CA LEU A 129 1.60 11.26 49.71
C LEU A 129 0.70 11.87 48.65
N ASN A 130 -0.45 11.26 48.41
CA ASN A 130 -1.38 11.70 47.39
C ASN A 130 -2.59 12.33 48.07
N VAL A 131 -2.71 13.65 47.97
CA VAL A 131 -3.90 14.35 48.45
C VAL A 131 -4.43 15.16 47.27
N ALA A 132 -5.25 14.51 46.46
CA ALA A 132 -5.82 15.12 45.28
C ALA A 132 -7.33 15.14 45.42
N HIS A 133 -7.96 16.05 44.69
CA HIS A 133 -9.42 16.18 44.69
C HIS A 133 -9.95 16.55 46.07
N ASN A 134 -9.14 17.21 46.89
CA ASN A 134 -9.55 17.68 48.20
C ASN A 134 -9.97 19.15 48.11
N LEU A 135 -10.14 19.80 49.25
CA LEU A 135 -10.50 21.22 49.32
C LEU A 135 -9.37 21.95 50.06
N ILE A 136 -8.32 22.31 49.33
CA ILE A 136 -7.15 22.96 49.91
C ILE A 136 -6.98 24.32 49.25
N GLN A 137 -6.94 25.37 50.07
CA GLN A 137 -6.91 26.74 49.58
C GLN A 137 -5.50 27.32 49.53
N SER A 138 -4.58 26.83 50.34
CA SER A 138 -3.28 27.46 50.51
C SER A 138 -2.16 26.46 50.24
N PHE A 139 -1.20 26.88 49.42
CA PHE A 139 -0.01 26.07 49.12
C PHE A 139 1.13 26.42 50.06
N LYS A 140 0.88 26.38 51.36
CA LYS A 140 1.92 26.64 52.36
C LYS A 140 2.28 25.32 53.02
N LEU A 141 3.50 24.88 52.82
CA LEU A 141 3.94 23.63 53.43
C LEU A 141 4.13 23.83 54.92
N PRO A 142 3.56 22.97 55.76
CA PRO A 142 3.75 23.10 57.21
C PRO A 142 5.16 22.77 57.65
N GLU A 143 5.46 23.03 58.92
CA GLU A 143 6.82 22.88 59.41
C GLU A 143 7.26 21.43 59.47
N TYR A 144 6.37 20.53 59.91
CA TYR A 144 6.77 19.15 60.13
C TYR A 144 7.34 18.48 58.90
N PHE A 145 7.18 19.10 57.72
CA PHE A 145 7.78 18.55 56.51
C PHE A 145 9.29 18.41 56.65
N SER A 146 9.92 19.26 57.47
CA SER A 146 11.34 19.10 57.73
C SER A 146 11.63 17.76 58.37
N ASN A 147 10.82 17.38 59.36
CA ASN A 147 10.98 16.07 59.99
C ASN A 147 10.71 14.94 59.01
N LEU A 148 9.91 15.21 57.99
CA LEU A 148 9.47 14.17 57.08
C LEU A 148 10.40 14.08 55.89
N THR A 149 11.25 13.05 55.90
CA THR A 149 12.22 12.86 54.83
C THR A 149 11.79 11.65 54.01
N ASN A 150 12.57 11.38 52.96
CA ASN A 150 12.32 10.33 51.98
C ASN A 150 11.12 10.62 51.11
N LEU A 151 10.40 11.71 51.35
CA LEU A 151 9.24 12.05 50.52
C LEU A 151 9.68 12.32 49.10
N GLU A 152 9.07 11.64 48.14
CA GLU A 152 9.43 11.75 46.74
C GLU A 152 8.31 12.28 45.87
N HIS A 153 7.08 11.86 46.10
CA HIS A 153 5.93 12.36 45.35
C HIS A 153 5.03 13.16 46.27
N LEU A 154 4.47 14.24 45.74
CA LEU A 154 3.47 15.03 46.47
C LEU A 154 2.47 15.53 45.43
N ASP A 155 1.39 14.80 45.26
CA ASP A 155 0.36 15.14 44.28
C ASP A 155 -0.74 15.89 44.99
N LEU A 156 -0.90 17.16 44.65
CA LEU A 156 -2.07 17.92 45.09
C LEU A 156 -2.67 18.60 43.87
N SER A 157 -3.49 17.84 43.15
CA SER A 157 -4.17 18.28 41.95
C SER A 157 -5.65 18.41 42.24
N SER A 158 -6.32 19.21 41.42
CA SER A 158 -7.76 19.42 41.54
C SER A 158 -8.14 19.99 42.91
N ASN A 159 -7.33 20.90 43.43
CA ASN A 159 -7.63 21.58 44.68
C ASN A 159 -8.01 23.03 44.38
N LYS A 160 -8.36 23.76 45.42
CA LYS A 160 -8.73 25.17 45.29
C LYS A 160 -7.57 26.12 45.56
N ILE A 161 -6.43 25.94 44.92
CA ILE A 161 -5.26 26.76 45.19
C ILE A 161 -5.25 27.95 44.24
N GLN A 162 -5.42 29.14 44.79
CA GLN A 162 -5.58 30.35 44.01
C GLN A 162 -4.30 31.14 43.81
N SER A 163 -3.37 31.13 44.76
CA SER A 163 -2.22 32.01 44.68
C SER A 163 -1.07 31.41 45.46
N ILE A 164 0.13 31.88 45.15
CA ILE A 164 1.36 31.46 45.82
C ILE A 164 2.07 32.71 46.33
N TYR A 165 2.67 32.60 47.50
CA TYR A 165 3.36 33.71 48.13
C TYR A 165 4.78 33.29 48.49
N CYS A 166 5.66 34.30 48.60
CA CYS A 166 7.06 34.01 48.88
C CYS A 166 7.25 33.33 50.23
N THR A 167 6.37 33.61 51.18
CA THR A 167 6.49 32.98 52.49
C THR A 167 6.23 31.49 52.42
N ASP A 168 5.35 31.07 51.51
CA ASP A 168 5.21 29.65 51.23
C ASP A 168 6.54 29.10 50.75
N LEU A 169 6.80 27.84 51.10
CA LEU A 169 8.09 27.20 50.82
C LEU A 169 9.25 27.93 51.49
N ARG A 170 9.01 28.59 52.64
CA ARG A 170 10.14 28.98 53.47
C ARG A 170 10.81 27.77 54.09
N VAL A 171 10.03 26.75 54.40
CA VAL A 171 10.54 25.40 54.63
C VAL A 171 11.01 24.94 53.27
N LEU A 172 11.67 23.80 53.19
CA LEU A 172 12.20 23.23 51.96
C LEU A 172 13.49 23.94 51.58
N HIS A 173 13.89 24.99 52.29
CA HIS A 173 15.21 25.57 52.11
C HIS A 173 16.25 24.82 52.92
N GLN A 174 15.85 24.29 54.08
CA GLN A 174 16.75 23.48 54.90
C GLN A 174 16.63 22.00 54.56
N MET A 175 16.71 21.68 53.27
CA MET A 175 16.73 20.31 52.76
C MET A 175 17.89 20.20 51.78
N PRO A 176 19.08 19.85 52.26
CA PRO A 176 20.19 19.65 51.32
C PRO A 176 19.88 18.61 50.25
N LEU A 177 19.57 17.39 50.66
CA LEU A 177 19.25 16.30 49.75
C LEU A 177 17.75 16.10 49.68
N LEU A 178 17.15 16.51 48.57
CA LEU A 178 15.69 16.49 48.45
C LEU A 178 15.30 16.20 47.01
N ASN A 179 14.64 15.08 46.80
CA ASN A 179 14.01 14.77 45.52
C ASN A 179 12.51 14.86 45.72
N LEU A 180 11.87 15.77 45.00
CA LEU A 180 10.43 15.99 45.15
C LEU A 180 9.81 16.17 43.76
N SER A 181 8.93 15.25 43.39
CA SER A 181 8.17 15.36 42.15
C SER A 181 6.81 15.96 42.49
N LEU A 182 6.65 17.23 42.13
CA LEU A 182 5.45 17.95 42.48
C LEU A 182 4.45 17.92 41.31
N ASP A 183 3.18 18.14 41.63
CA ASP A 183 2.14 18.09 40.60
C ASP A 183 1.01 19.04 41.00
N LEU A 184 0.77 20.08 40.20
CA LEU A 184 -0.31 21.04 40.46
C LEU A 184 -1.11 21.21 39.17
N SER A 185 -2.07 20.31 38.95
CA SER A 185 -2.88 20.36 37.75
C SER A 185 -4.32 20.67 38.11
N LEU A 186 -4.97 21.47 37.27
CA LEU A 186 -6.37 21.83 37.43
C LEU A 186 -6.63 22.62 38.71
N ASN A 187 -5.64 23.39 39.15
CA ASN A 187 -5.83 24.33 40.24
C ASN A 187 -6.05 25.71 39.64
N PRO A 188 -7.18 26.35 39.83
CA PRO A 188 -7.39 27.64 39.17
C PRO A 188 -6.56 28.72 39.82
N MET A 189 -5.45 29.10 39.19
CA MET A 189 -4.50 30.03 39.78
C MET A 189 -4.34 31.25 38.90
N ASN A 190 -4.23 32.41 39.55
CA ASN A 190 -4.15 33.68 38.84
C ASN A 190 -3.13 34.63 39.42
N PHE A 191 -2.25 34.19 40.32
CA PHE A 191 -1.28 35.08 40.93
C PHE A 191 -0.14 34.26 41.51
N ILE A 192 1.07 34.50 41.00
CA ILE A 192 2.30 33.94 41.57
C ILE A 192 3.23 35.13 41.76
N GLN A 193 3.38 35.59 43.00
CA GLN A 193 4.17 36.78 43.21
C GLN A 193 5.65 36.47 43.03
N PRO A 194 6.41 37.38 42.43
CA PRO A 194 7.77 37.04 42.00
C PRO A 194 8.70 36.80 43.17
N GLY A 195 9.64 35.87 42.98
CA GLY A 195 10.55 35.48 44.02
C GLY A 195 10.10 34.32 44.88
N ALA A 196 8.89 33.80 44.64
CA ALA A 196 8.41 32.65 45.40
C ALA A 196 9.34 31.45 45.21
N PHE A 197 9.44 30.95 43.99
CA PHE A 197 10.42 29.91 43.66
C PHE A 197 11.77 30.57 43.47
N LYS A 198 12.73 30.19 44.31
CA LYS A 198 14.07 30.77 44.25
C LYS A 198 14.96 29.95 45.17
N GLU A 199 16.13 29.56 44.66
CA GLU A 199 16.98 28.55 45.28
C GLU A 199 16.23 27.24 45.56
N ILE A 200 15.12 27.01 44.89
CA ILE A 200 14.34 25.80 45.06
C ILE A 200 14.73 24.82 43.96
N ARG A 201 14.65 23.52 44.27
CA ARG A 201 14.99 22.47 43.31
C ARG A 201 13.91 21.42 43.32
N LEU A 202 13.30 21.20 42.16
CA LEU A 202 12.34 20.12 41.98
C LEU A 202 12.88 19.11 40.98
N HIS A 203 12.35 17.90 41.05
CA HIS A 203 12.72 16.86 40.11
C HIS A 203 11.71 16.67 38.99
N LYS A 204 10.47 17.08 39.20
CA LYS A 204 9.48 17.11 38.15
C LYS A 204 8.44 18.16 38.53
N LEU A 205 7.78 18.73 37.54
CA LEU A 205 6.75 19.71 37.79
C LEU A 205 5.75 19.69 36.65
N THR A 206 4.48 19.46 36.98
CA THR A 206 3.41 19.34 36.00
C THR A 206 2.40 20.45 36.22
N LEU A 207 2.15 21.26 35.18
CA LEU A 207 1.19 22.36 35.22
C LEU A 207 0.30 22.27 33.99
N ARG A 208 -0.76 21.48 34.08
CA ARG A 208 -1.66 21.27 32.95
C ARG A 208 -3.03 21.82 33.28
N ASN A 209 -3.51 22.72 32.41
CA ASN A 209 -4.89 23.21 32.45
C ASN A 209 -5.20 23.98 33.73
N ASN A 210 -4.34 24.94 34.06
CA ASN A 210 -4.56 25.80 35.22
C ASN A 210 -4.31 27.27 34.89
N PHE A 211 -4.46 27.64 33.63
CA PHE A 211 -4.38 29.02 33.19
C PHE A 211 -5.55 29.29 32.25
N ASP A 212 -6.27 30.38 32.52
CA ASP A 212 -7.53 30.65 31.84
C ASP A 212 -7.39 31.53 30.61
N SER A 213 -6.24 32.19 30.41
CA SER A 213 -6.04 33.04 29.26
C SER A 213 -4.58 32.97 28.86
N LEU A 214 -4.16 33.88 28.00
CA LEU A 214 -2.76 33.94 27.59
C LEU A 214 -1.95 34.87 28.49
N ASN A 215 -2.56 35.99 28.92
CA ASN A 215 -1.84 36.94 29.75
C ASN A 215 -1.66 36.41 31.17
N VAL A 216 -2.68 35.72 31.68
CA VAL A 216 -2.57 35.04 32.97
C VAL A 216 -1.39 34.08 32.94
N MET A 217 -1.33 33.24 31.91
CA MET A 217 -0.24 32.29 31.78
C MET A 217 1.10 33.00 31.69
N LYS A 218 1.16 34.10 30.94
CA LYS A 218 2.43 34.82 30.79
C LYS A 218 2.92 35.33 32.15
N THR A 219 2.05 36.02 32.88
CA THR A 219 2.47 36.56 34.17
C THR A 219 2.81 35.46 35.16
N CYS A 220 2.08 34.34 35.13
CA CYS A 220 2.37 33.24 36.04
C CYS A 220 3.73 32.62 35.73
N ILE A 221 4.03 32.41 34.44
CA ILE A 221 5.35 31.92 34.08
C ILE A 221 6.43 32.92 34.51
N GLN A 222 6.12 34.21 34.46
CA GLN A 222 7.05 35.21 34.97
C GLN A 222 7.27 35.03 36.47
N GLY A 223 6.21 34.68 37.20
CA GLY A 223 6.32 34.43 38.63
C GLY A 223 7.28 33.31 38.99
N LEU A 224 7.52 32.39 38.06
CA LEU A 224 8.53 31.36 38.22
C LEU A 224 9.82 31.95 37.69
N ALA A 225 10.88 31.91 38.50
CA ALA A 225 12.15 32.49 38.12
C ALA A 225 13.24 31.90 39.01
N GLY A 226 14.21 31.24 38.39
CA GLY A 226 15.22 30.54 39.15
C GLY A 226 14.75 29.24 39.73
N LEU A 227 13.84 28.54 39.07
CA LEU A 227 13.18 27.39 39.66
C LEU A 227 14.05 26.13 39.60
N GLU A 228 14.73 25.90 38.48
CA GLU A 228 15.59 24.72 38.32
C GLU A 228 14.81 23.42 38.52
N VAL A 229 13.93 23.15 37.56
CA VAL A 229 13.21 21.89 37.49
C VAL A 229 13.89 20.97 36.49
N HIS A 230 14.07 19.70 36.87
CA HIS A 230 14.71 18.74 35.99
C HIS A 230 13.81 18.34 34.83
N ARG A 231 12.50 18.28 35.04
CA ARG A 231 11.58 17.90 33.98
C ARG A 231 10.30 18.69 34.13
N LEU A 232 9.95 19.46 33.11
CA LEU A 232 8.76 20.31 33.14
C LEU A 232 7.73 19.79 32.15
N VAL A 233 6.47 19.73 32.58
CA VAL A 233 5.38 19.28 31.74
C VAL A 233 4.30 20.35 31.74
N LEU A 234 4.00 20.89 30.56
CA LEU A 234 2.92 21.84 30.38
C LEU A 234 1.88 21.26 29.42
N GLY A 235 0.75 21.95 29.32
CA GLY A 235 -0.28 21.52 28.41
C GLY A 235 -1.65 21.72 28.98
N GLU A 236 -2.61 20.91 28.54
CA GLU A 236 -3.98 20.97 29.04
C GLU A 236 -4.66 19.66 28.70
N PHE A 237 -5.95 19.58 28.98
CA PHE A 237 -6.71 18.36 28.78
C PHE A 237 -7.81 18.60 27.76
N ARG A 238 -8.04 17.61 26.90
CA ARG A 238 -9.16 17.65 25.97
C ARG A 238 -10.50 17.68 26.69
N ASN A 239 -10.51 17.31 27.96
CA ASN A 239 -11.75 17.16 28.70
C ASN A 239 -12.32 18.49 29.18
N GLU A 240 -11.49 19.56 29.20
CA GLU A 240 -11.89 20.81 29.84
C GLU A 240 -11.77 22.01 28.92
N GLY A 241 -11.91 23.21 29.48
CA GLY A 241 -11.75 24.41 28.68
C GLY A 241 -10.28 24.67 28.37
N ASN A 242 -10.03 25.27 27.22
CA ASN A 242 -8.69 25.37 26.68
C ASN A 242 -8.33 26.82 26.35
N LEU A 243 -7.05 27.01 26.02
CA LEU A 243 -6.53 28.32 25.66
C LEU A 243 -7.00 28.73 24.27
N GLU A 244 -7.63 29.90 24.21
CA GLU A 244 -8.14 30.43 22.94
C GLU A 244 -7.02 30.87 22.00
N LYS A 245 -5.78 30.87 22.47
CA LYS A 245 -4.72 31.59 21.78
C LYS A 245 -3.39 31.01 22.23
N PHE A 246 -2.44 30.94 21.29
CA PHE A 246 -1.10 30.46 21.61
C PHE A 246 -0.17 30.97 20.52
N ASP A 247 0.60 32.00 20.83
CA ASP A 247 1.45 32.65 19.84
C ASP A 247 2.89 32.69 20.34
N LYS A 248 3.73 33.36 19.56
CA LYS A 248 5.17 33.38 19.84
C LYS A 248 5.49 34.14 21.13
N SER A 249 4.62 35.08 21.53
CA SER A 249 4.86 35.80 22.76
C SER A 249 4.61 34.92 23.99
N ALA A 250 3.70 33.96 23.87
CA ALA A 250 3.50 33.02 24.96
C ALA A 250 4.76 32.19 25.17
N LEU A 251 4.82 31.52 26.32
CA LEU A 251 5.90 30.59 26.60
C LEU A 251 7.24 31.33 26.69
N GLU A 252 7.21 32.65 26.56
CA GLU A 252 8.39 33.47 26.75
C GLU A 252 8.58 33.75 28.24
N GLY A 253 9.79 34.15 28.61
CA GLY A 253 10.14 34.23 30.01
C GLY A 253 10.43 32.90 30.64
N LEU A 254 10.18 31.80 29.91
CA LEU A 254 10.57 30.47 30.35
C LEU A 254 12.07 30.27 30.26
N CYS A 255 12.81 31.32 29.90
CA CYS A 255 14.26 31.32 29.75
C CYS A 255 15.00 31.73 31.02
N ASN A 256 14.29 32.19 32.05
CA ASN A 256 14.91 32.45 33.34
C ASN A 256 15.00 31.21 34.20
N LEU A 257 14.44 30.09 33.75
CA LEU A 257 14.47 28.84 34.49
C LEU A 257 15.67 28.01 34.05
N THR A 258 15.83 26.84 34.65
CA THR A 258 16.87 25.89 34.28
C THR A 258 16.18 24.55 34.03
N ILE A 259 15.75 24.33 32.80
CA ILE A 259 15.03 23.13 32.42
C ILE A 259 16.00 22.15 31.77
N GLU A 260 15.74 20.87 31.97
CA GLU A 260 16.53 19.83 31.31
C GLU A 260 15.71 18.92 30.41
N GLU A 261 14.45 18.65 30.75
CA GLU A 261 13.56 17.90 29.88
C GLU A 261 12.22 18.62 29.84
N PHE A 262 11.66 18.74 28.65
CA PHE A 262 10.43 19.49 28.45
C PHE A 262 9.40 18.62 27.74
N ARG A 263 8.14 18.76 28.14
CA ARG A 263 7.05 18.16 27.37
C ARG A 263 5.87 19.12 27.33
N LEU A 264 5.27 19.22 26.14
CA LEU A 264 4.02 19.93 25.95
C LEU A 264 2.97 18.93 25.49
N ALA A 265 1.90 18.78 26.26
CA ALA A 265 0.91 17.74 26.02
C ALA A 265 -0.42 18.37 25.67
N TYR A 266 -0.91 18.09 24.45
CA TYR A 266 -2.27 18.43 24.02
C TYR A 266 -2.65 19.92 24.02
N LEU A 267 -2.00 20.66 23.13
CA LEU A 267 -2.63 21.90 22.67
C LEU A 267 -3.88 21.70 21.84
N ASP A 268 -4.80 22.65 21.92
CA ASP A 268 -6.00 22.67 21.09
C ASP A 268 -5.97 23.76 20.03
N TYR A 269 -5.00 24.66 20.08
CA TYR A 269 -4.86 25.72 19.09
C TYR A 269 -3.93 25.25 17.98
N TYR A 270 -4.32 25.55 16.73
CA TYR A 270 -3.56 25.12 15.56
C TYR A 270 -2.31 25.97 15.45
N LEU A 271 -1.25 25.51 16.09
CA LEU A 271 0.04 26.19 16.05
C LEU A 271 0.51 26.29 14.60
N ASP A 272 1.20 27.40 14.28
CA ASP A 272 1.52 27.70 12.89
C ASP A 272 2.98 27.89 12.57
N ASP A 273 3.88 27.98 13.55
CA ASP A 273 5.31 28.03 13.28
C ASP A 273 6.05 27.69 14.56
N ILE A 274 7.08 26.87 14.45
CA ILE A 274 7.68 26.31 15.64
C ILE A 274 8.78 27.18 16.25
N ILE A 275 9.45 28.01 15.46
CA ILE A 275 10.52 28.85 15.99
C ILE A 275 9.97 30.26 16.23
N ASP A 276 10.65 31.00 17.11
CA ASP A 276 10.13 32.18 17.80
C ASP A 276 9.06 31.74 18.79
N LEU A 277 8.73 30.47 18.74
CA LEU A 277 8.13 29.69 19.80
C LEU A 277 9.16 28.64 20.15
N PHE A 278 9.05 28.06 21.34
CA PHE A 278 10.06 27.11 21.80
C PHE A 278 11.46 27.72 21.66
N ASN A 279 11.53 29.05 21.70
CA ASN A 279 12.76 29.74 21.33
C ASN A 279 13.83 29.56 22.39
N CYS A 280 13.51 29.85 23.64
CA CYS A 280 14.47 29.63 24.70
C CYS A 280 14.33 28.26 25.33
N LEU A 281 13.62 27.33 24.68
CA LEU A 281 13.73 25.91 25.01
C LEU A 281 14.77 25.24 24.12
N THR A 282 15.93 25.85 23.99
CA THR A 282 17.09 25.17 23.45
C THR A 282 18.02 24.82 24.61
N ASN A 283 19.00 23.97 24.33
CA ASN A 283 19.89 23.38 25.31
C ASN A 283 19.14 22.40 26.21
N VAL A 284 17.83 22.29 26.09
CA VAL A 284 17.09 21.20 26.72
C VAL A 284 17.51 19.89 26.06
N SER A 285 17.83 18.90 26.87
CA SER A 285 18.37 17.65 26.33
C SER A 285 17.29 16.71 25.80
N SER A 286 16.02 16.92 26.17
CA SER A 286 14.96 16.04 25.72
C SER A 286 13.72 16.86 25.40
N PHE A 287 13.19 16.70 24.20
CA PHE A 287 12.04 17.45 23.73
C PHE A 287 10.94 16.49 23.29
N SER A 288 9.70 16.84 23.59
CA SER A 288 8.60 15.94 23.28
C SER A 288 7.32 16.72 23.03
N LEU A 289 6.53 16.25 22.07
CA LEU A 289 5.19 16.76 21.81
C LEU A 289 4.22 15.59 21.75
N VAL A 290 3.06 15.77 22.36
CA VAL A 290 2.00 14.77 22.37
C VAL A 290 0.69 15.45 22.07
N SER A 291 0.07 15.09 20.94
CA SER A 291 -1.25 15.57 20.55
C SER A 291 -1.28 17.07 20.23
N VAL A 292 -0.28 17.56 19.52
CA VAL A 292 -0.22 18.95 19.07
C VAL A 292 -0.37 18.97 17.57
N THR A 293 -1.26 19.85 17.08
CA THR A 293 -1.58 19.92 15.66
C THR A 293 -0.78 21.05 15.02
N ILE A 294 0.50 20.81 14.79
CA ILE A 294 1.30 21.72 13.99
C ILE A 294 1.26 21.26 12.54
N GLU A 295 0.19 21.58 11.83
CA GLU A 295 0.01 21.07 10.48
C GLU A 295 0.32 22.11 9.41
N ARG A 296 0.21 23.40 9.73
CA ARG A 296 0.62 24.43 8.79
C ARG A 296 1.84 25.10 9.40
N VAL A 297 3.00 24.47 9.20
CA VAL A 297 4.29 24.99 9.61
C VAL A 297 5.26 24.76 8.47
N LYS A 298 6.02 25.78 8.10
CA LYS A 298 6.88 25.71 6.93
C LYS A 298 8.34 25.50 7.28
N ASP A 299 8.86 26.22 8.26
CA ASP A 299 10.29 26.21 8.58
C ASP A 299 10.52 25.37 9.83
N PHE A 300 10.68 24.06 9.63
CA PHE A 300 11.10 23.18 10.72
C PHE A 300 12.60 23.16 10.90
N SER A 301 13.35 23.52 9.87
CA SER A 301 14.81 23.44 9.93
C SER A 301 15.36 24.58 10.77
N TYR A 302 16.05 24.21 11.84
CA TYR A 302 16.72 25.15 12.74
C TYR A 302 17.62 24.33 13.64
N ASN A 303 18.63 24.98 14.19
CA ASN A 303 19.67 24.27 14.96
C ASN A 303 19.35 24.38 16.44
N PHE A 304 18.63 23.38 16.95
CA PHE A 304 18.45 23.19 18.38
C PHE A 304 19.49 22.21 18.90
N GLY A 305 19.83 22.33 20.18
CA GLY A 305 20.55 21.25 20.82
C GLY A 305 19.60 20.35 21.56
N TRP A 306 19.16 19.27 20.91
CA TRP A 306 18.20 18.32 21.48
C TRP A 306 18.79 16.93 21.26
N GLN A 307 19.14 16.24 22.33
CA GLN A 307 19.69 14.91 22.19
C GLN A 307 18.62 13.83 22.04
N HIS A 308 17.37 14.13 22.37
CA HIS A 308 16.29 13.18 22.18
C HIS A 308 15.03 13.94 21.83
N LEU A 309 14.34 13.48 20.79
CA LEU A 309 13.12 14.13 20.31
C LEU A 309 12.02 13.10 20.16
N GLU A 310 10.81 13.47 20.54
CA GLU A 310 9.69 12.55 20.42
C GLU A 310 8.43 13.30 19.97
N LEU A 311 7.74 12.76 18.98
CA LEU A 311 6.50 13.33 18.44
C LEU A 311 5.49 12.20 18.41
N VAL A 312 4.51 12.21 19.31
CA VAL A 312 3.56 11.12 19.40
C VAL A 312 2.15 11.66 19.23
N ASN A 313 1.39 11.05 18.33
CA ASN A 313 -0.03 11.32 18.13
C ASN A 313 -0.31 12.74 17.62
N CYS A 314 0.63 13.34 16.93
CA CYS A 314 0.45 14.69 16.39
C CYS A 314 -0.07 14.64 14.96
N LYS A 315 -0.69 15.73 14.52
CA LYS A 315 -1.12 15.89 13.15
C LYS A 315 -0.17 16.83 12.42
N PHE A 316 0.13 16.49 11.17
CA PHE A 316 1.04 17.29 10.37
C PHE A 316 0.45 17.45 8.97
N GLY A 317 0.95 18.45 8.26
CA GLY A 317 0.61 18.60 6.86
C GLY A 317 1.64 17.94 5.97
N GLN A 318 2.89 18.28 6.17
CA GLN A 318 4.00 17.66 5.46
C GLN A 318 4.92 17.00 6.47
N PHE A 319 5.75 16.10 6.00
CA PHE A 319 6.74 15.53 6.90
C PHE A 319 7.72 16.62 7.32
N PRO A 320 7.91 16.84 8.61
CA PRO A 320 8.82 17.91 9.05
C PRO A 320 10.24 17.65 8.59
N THR A 321 10.87 18.70 8.07
CA THR A 321 12.25 18.62 7.61
C THR A 321 13.18 18.97 8.76
N LEU A 322 13.91 17.97 9.26
CA LEU A 322 14.73 18.14 10.46
C LEU A 322 16.18 18.34 10.07
N LYS A 323 16.83 19.28 10.74
CA LYS A 323 18.28 19.50 10.58
C LYS A 323 18.85 19.77 11.97
N LEU A 324 19.28 18.70 12.63
CA LEU A 324 19.71 18.77 14.02
C LEU A 324 21.08 18.11 14.13
N LYS A 325 22.07 18.88 14.59
CA LYS A 325 23.45 18.40 14.55
C LYS A 325 23.73 17.36 15.62
N SER A 326 23.01 17.41 16.74
CA SER A 326 23.23 16.45 17.83
C SER A 326 21.88 15.93 18.31
N LEU A 327 21.37 14.90 17.66
CA LEU A 327 20.09 14.28 18.03
C LEU A 327 20.27 12.77 17.92
N LYS A 328 20.49 12.11 19.05
CA LYS A 328 20.84 10.70 19.04
C LYS A 328 19.65 9.77 18.85
N ARG A 329 18.46 10.16 19.28
CA ARG A 329 17.31 9.27 19.20
C ARG A 329 16.09 10.05 18.72
N LEU A 330 15.33 9.44 17.83
CA LEU A 330 14.13 10.05 17.29
C LEU A 330 12.99 9.04 17.35
N THR A 331 11.83 9.46 17.83
CA THR A 331 10.65 8.63 17.87
C THR A 331 9.51 9.40 17.23
N PHE A 332 9.00 8.88 16.12
CA PHE A 332 7.95 9.52 15.33
C PHE A 332 6.88 8.46 15.09
N THR A 333 5.98 8.27 16.04
CA THR A 333 5.07 7.14 16.02
C THR A 333 3.63 7.59 16.18
N SER A 334 2.73 6.88 15.50
CA SER A 334 1.29 7.01 15.63
C SER A 334 0.76 8.38 15.20
N ASN A 335 1.51 9.11 14.37
CA ASN A 335 1.02 10.38 13.88
C ASN A 335 0.01 10.16 12.75
N LYS A 336 -0.71 11.22 12.39
CA LYS A 336 -1.93 11.06 11.62
C LYS A 336 -1.95 11.78 10.27
N GLY A 337 -1.52 13.02 10.19
CA GLY A 337 -1.90 13.86 9.08
C GLY A 337 -1.35 13.53 7.70
N GLY A 338 -0.05 13.74 7.51
CA GLY A 338 0.52 13.69 6.18
C GLY A 338 1.23 12.39 5.87
N ASN A 339 1.10 11.90 4.64
CA ASN A 339 1.53 10.55 4.28
C ASN A 339 2.53 10.65 3.11
N ALA A 340 3.78 10.88 3.44
CA ALA A 340 4.93 10.85 2.54
C ALA A 340 6.16 11.00 3.41
N PHE A 341 7.34 10.82 2.83
CA PHE A 341 8.55 10.95 3.61
C PHE A 341 9.56 11.73 2.77
N SER A 342 10.30 12.61 3.42
CA SER A 342 11.31 13.41 2.75
C SER A 342 12.61 13.33 3.51
N GLU A 343 13.69 13.67 2.82
CA GLU A 343 15.04 13.53 3.38
C GLU A 343 15.18 14.36 4.65
N VAL A 344 15.89 13.80 5.62
CA VAL A 344 16.27 14.49 6.84
C VAL A 344 17.79 14.48 6.92
N ASP A 345 18.33 15.32 7.79
CA ASP A 345 19.78 15.46 7.93
C ASP A 345 20.15 15.39 9.40
N LEU A 346 20.45 14.18 9.89
CA LEU A 346 20.74 13.92 11.30
C LEU A 346 22.10 13.28 11.39
N PRO A 347 23.18 14.07 11.43
CA PRO A 347 24.53 13.48 11.34
C PRO A 347 24.87 12.57 12.51
N SER A 348 24.26 12.76 13.67
CA SER A 348 24.56 11.94 14.84
C SER A 348 23.27 11.34 15.35
N LEU A 349 22.87 10.22 14.75
CA LEU A 349 21.60 9.57 15.06
C LEU A 349 21.84 8.08 15.14
N GLU A 350 21.33 7.43 16.19
CA GLU A 350 21.58 6.01 16.40
C GLU A 350 20.31 5.19 16.56
N PHE A 351 19.16 5.83 16.73
CA PHE A 351 17.93 5.10 16.98
C PHE A 351 16.82 5.81 16.20
N LEU A 352 16.14 5.07 15.35
CA LEU A 352 15.07 5.62 14.55
C LEU A 352 13.83 4.74 14.62
N ASP A 353 12.68 5.38 14.70
CA ASP A 353 11.43 4.63 14.87
C ASP A 353 10.32 5.44 14.20
N LEU A 354 9.90 5.00 13.02
CA LEU A 354 8.75 5.58 12.33
C LEU A 354 7.74 4.47 12.12
N SER A 355 6.96 4.19 13.15
CA SER A 355 6.03 3.08 13.14
C SER A 355 4.62 3.59 13.27
N ARG A 356 3.70 2.94 12.58
CA ARG A 356 2.27 3.18 12.69
C ARG A 356 1.86 4.58 12.24
N ASN A 357 2.65 5.21 11.37
CA ASN A 357 2.25 6.50 10.82
C ASN A 357 1.48 6.34 9.52
N GLY A 358 1.67 5.24 8.82
CA GLY A 358 1.01 5.03 7.54
C GLY A 358 1.59 5.83 6.40
N LEU A 359 2.84 6.25 6.49
CA LEU A 359 3.42 7.11 5.47
C LEU A 359 4.19 6.29 4.45
N SER A 360 4.34 6.86 3.26
CA SER A 360 4.89 6.16 2.11
C SER A 360 6.34 6.56 1.87
N PHE A 361 7.09 5.64 1.27
CA PHE A 361 8.46 5.88 0.86
C PHE A 361 8.57 5.68 -0.64
N LYS A 362 9.65 6.20 -1.20
CA LYS A 362 9.98 5.98 -2.60
C LYS A 362 11.49 5.97 -2.73
N GLY A 363 12.07 4.81 -3.00
CA GLY A 363 13.49 4.66 -2.88
C GLY A 363 13.86 4.73 -1.42
N CYS A 364 13.49 3.70 -0.66
CA CYS A 364 13.38 3.82 0.78
C CYS A 364 14.69 4.21 1.45
N CYS A 365 15.70 3.34 1.33
CA CYS A 365 16.72 3.25 2.37
C CYS A 365 18.10 3.43 1.78
N SER A 366 18.79 4.47 2.23
CA SER A 366 20.16 4.80 1.87
C SER A 366 20.64 5.83 2.86
N GLN A 367 21.96 5.97 2.96
CA GLN A 367 22.47 6.97 3.89
C GLN A 367 22.29 8.39 3.41
N SER A 368 21.71 8.58 2.22
CA SER A 368 21.34 9.91 1.76
C SER A 368 19.90 10.26 2.10
N ASP A 369 19.14 9.30 2.61
CA ASP A 369 17.78 9.58 3.08
C ASP A 369 17.75 10.05 4.53
N PHE A 370 18.67 9.58 5.35
CA PHE A 370 18.70 9.93 6.76
C PHE A 370 19.89 10.79 7.15
N GLY A 371 20.88 10.95 6.27
CA GLY A 371 22.00 11.80 6.56
C GLY A 371 22.99 11.27 7.58
N THR A 372 22.69 10.15 8.22
CA THR A 372 23.59 9.58 9.22
C THR A 372 24.41 8.44 8.63
N THR A 373 25.35 7.96 9.42
CA THR A 373 26.16 6.82 9.02
C THR A 373 26.34 5.80 10.13
N SER A 374 25.82 6.05 11.34
CA SER A 374 25.87 5.08 12.44
C SER A 374 24.48 4.94 13.02
N LEU A 375 23.66 4.11 12.38
CA LEU A 375 22.26 3.92 12.75
C LEU A 375 22.10 2.46 13.13
N LYS A 376 21.88 2.19 14.42
CA LYS A 376 21.84 0.82 14.90
C LYS A 376 20.45 0.20 14.86
N TYR A 377 19.41 1.00 14.76
CA TYR A 377 18.06 0.52 14.94
C TYR A 377 17.15 1.23 13.97
N LEU A 378 16.26 0.48 13.32
CA LEU A 378 15.37 1.05 12.32
C LEU A 378 14.06 0.28 12.33
N ASP A 379 12.96 1.01 12.48
CA ASP A 379 11.63 0.40 12.55
C ASP A 379 10.72 1.15 11.61
N LEU A 380 10.27 0.48 10.55
CA LEU A 380 9.39 1.06 9.54
C LEU A 380 8.11 0.25 9.42
N SER A 381 7.71 -0.43 10.48
CA SER A 381 6.58 -1.32 10.43
C SER A 381 5.26 -0.57 10.48
N PHE A 382 4.22 -1.19 9.94
CA PHE A 382 2.86 -0.65 9.95
C PHE A 382 2.74 0.66 9.19
N ASN A 383 3.48 0.82 8.11
CA ASN A 383 3.41 2.00 7.26
C ASN A 383 2.68 1.64 5.96
N GLY A 384 2.61 2.60 5.03
CA GLY A 384 1.81 2.40 3.84
C GLY A 384 2.41 1.63 2.68
N VAL A 385 3.40 2.18 1.99
CA VAL A 385 3.97 1.57 0.79
C VAL A 385 5.44 1.94 0.70
N ILE A 386 6.32 0.95 0.72
CA ILE A 386 7.76 1.16 0.65
C ILE A 386 8.26 0.55 -0.66
N THR A 387 8.91 1.38 -1.47
CA THR A 387 9.45 0.97 -2.75
C THR A 387 10.96 0.85 -2.62
N MET A 388 11.48 -0.34 -2.92
CA MET A 388 12.91 -0.59 -2.82
C MET A 388 13.59 -0.18 -4.11
N SER A 389 14.50 0.78 -4.02
CA SER A 389 15.29 1.20 -5.16
C SER A 389 16.76 1.34 -4.83
N SER A 390 17.18 0.89 -3.65
CA SER A 390 18.59 0.93 -3.28
C SER A 390 18.79 -0.05 -2.14
N ASN A 391 19.69 -1.00 -2.31
CA ASN A 391 20.12 -1.78 -1.16
C ASN A 391 20.88 -0.87 -0.22
N PHE A 392 20.85 -1.21 1.07
CA PHE A 392 21.09 -0.21 2.10
C PHE A 392 22.54 0.22 1.98
N LEU A 393 22.75 1.40 1.40
CA LEU A 393 24.06 1.83 0.94
C LEU A 393 24.52 2.90 1.92
N GLY A 394 25.63 2.63 2.61
CA GLY A 394 26.11 3.50 3.66
C GLY A 394 25.54 3.23 5.03
N LEU A 395 24.76 2.15 5.18
CA LEU A 395 24.16 1.78 6.46
C LEU A 395 24.72 0.46 6.98
N GLU A 396 26.03 0.25 6.86
CA GLU A 396 26.65 -1.03 7.16
C GLU A 396 26.73 -1.34 8.64
N GLN A 397 26.22 -0.49 9.53
CA GLN A 397 26.20 -0.78 10.96
C GLN A 397 24.76 -0.70 11.42
N LEU A 398 24.01 -1.77 11.23
CA LEU A 398 22.58 -1.76 11.46
C LEU A 398 22.19 -3.15 11.91
N GLU A 399 21.76 -3.29 13.16
CA GLU A 399 21.56 -4.61 13.75
C GLU A 399 20.10 -4.99 13.89
N HIS A 400 19.17 -4.07 13.73
CA HIS A 400 17.76 -4.33 13.93
C HIS A 400 17.00 -3.67 12.80
N LEU A 401 16.13 -4.43 12.14
CA LEU A 401 15.39 -3.93 11.00
C LEU A 401 14.01 -4.59 10.98
N ASP A 402 12.97 -3.78 11.00
CA ASP A 402 11.61 -4.27 11.09
C ASP A 402 10.77 -3.62 9.99
N PHE A 403 10.03 -4.44 9.26
CA PHE A 403 9.19 -3.98 8.16
C PHE A 403 7.76 -4.49 8.25
N GLN A 404 7.41 -5.25 9.29
CA GLN A 404 6.21 -6.08 9.24
C GLN A 404 4.96 -5.25 9.03
N HIS A 405 4.07 -5.78 8.19
CA HIS A 405 2.75 -5.23 7.89
C HIS A 405 2.80 -3.95 7.06
N SER A 406 3.96 -3.63 6.49
CA SER A 406 4.05 -2.60 5.47
C SER A 406 3.72 -3.23 4.12
N ASN A 407 3.96 -2.51 3.03
CA ASN A 407 3.71 -3.01 1.68
C ASN A 407 4.98 -2.80 0.86
N LEU A 408 5.83 -3.82 0.83
CA LEU A 408 7.09 -3.73 0.12
C LEU A 408 6.88 -3.98 -1.37
N LYS A 409 7.74 -3.37 -2.18
CA LYS A 409 7.66 -3.50 -3.62
C LYS A 409 9.06 -3.63 -4.20
N GLN A 410 9.16 -4.40 -5.29
CA GLN A 410 10.41 -4.61 -6.00
C GLN A 410 11.44 -5.34 -5.16
N MET A 411 10.98 -6.26 -4.32
CA MET A 411 11.88 -6.94 -3.41
C MET A 411 12.58 -8.14 -4.03
N SER A 412 12.14 -8.62 -5.19
CA SER A 412 12.78 -9.74 -5.86
C SER A 412 13.46 -9.33 -7.16
N GLU A 413 13.85 -8.06 -7.28
CA GLU A 413 14.45 -7.58 -8.51
C GLU A 413 15.95 -7.39 -8.41
N PHE A 414 16.52 -7.52 -7.22
CA PHE A 414 17.97 -7.50 -7.00
C PHE A 414 18.20 -7.98 -5.57
N SER A 415 19.45 -7.98 -5.15
CA SER A 415 19.79 -8.35 -3.77
C SER A 415 19.53 -7.15 -2.88
N VAL A 416 18.41 -7.17 -2.16
CA VAL A 416 17.97 -5.98 -1.45
C VAL A 416 18.77 -5.75 -0.16
N PHE A 417 19.07 -6.80 0.61
CA PHE A 417 19.86 -6.68 1.82
C PHE A 417 21.29 -7.10 1.54
N LEU A 418 21.95 -6.40 0.62
CA LEU A 418 23.29 -6.83 0.22
C LEU A 418 24.41 -6.18 1.02
N SER A 419 24.17 -5.02 1.63
CA SER A 419 25.20 -4.34 2.39
C SER A 419 25.16 -4.64 3.88
N LEU A 420 24.07 -5.22 4.38
CA LEU A 420 23.83 -5.35 5.81
C LEU A 420 24.56 -6.57 6.36
N ARG A 421 25.87 -6.42 6.53
CA ARG A 421 26.69 -7.53 6.98
C ARG A 421 26.71 -7.71 8.49
N ASN A 422 26.23 -6.75 9.26
CA ASN A 422 26.10 -6.90 10.71
C ASN A 422 24.64 -6.71 11.05
N LEU A 423 23.85 -7.75 10.86
CA LEU A 423 22.42 -7.66 11.12
C LEU A 423 22.00 -8.92 11.87
N ILE A 424 21.29 -8.75 12.98
CA ILE A 424 20.98 -9.86 13.85
C ILE A 424 19.50 -10.20 13.72
N TYR A 425 18.68 -9.18 13.51
CA TYR A 425 17.23 -9.33 13.56
C TYR A 425 16.64 -8.77 12.28
N LEU A 426 15.76 -9.54 11.65
CA LEU A 426 15.07 -9.11 10.44
C LEU A 426 13.65 -9.63 10.49
N ASP A 427 12.69 -8.73 10.28
CA ASP A 427 11.27 -9.09 10.34
C ASP A 427 10.58 -8.54 9.09
N ILE A 428 10.30 -9.43 8.14
CA ILE A 428 9.47 -9.07 6.99
C ILE A 428 8.27 -10.02 6.97
N SER A 429 7.24 -9.68 7.73
CA SER A 429 6.09 -10.56 7.90
C SER A 429 4.85 -9.81 7.46
N HIS A 430 4.01 -10.48 6.67
CA HIS A 430 2.78 -9.91 6.14
C HIS A 430 3.04 -8.67 5.31
N THR A 431 4.25 -8.54 4.77
CA THR A 431 4.48 -7.68 3.62
C THR A 431 4.12 -8.49 2.38
N HIS A 432 3.43 -7.87 1.44
CA HIS A 432 2.90 -8.64 0.33
C HIS A 432 4.01 -9.06 -0.64
N THR A 433 4.91 -9.91 -0.17
CA THR A 433 6.10 -10.31 -0.90
C THR A 433 5.88 -11.65 -1.60
N ARG A 434 6.45 -11.77 -2.80
CA ARG A 434 6.38 -12.98 -3.60
C ARG A 434 7.81 -13.35 -3.97
N VAL A 435 8.41 -14.25 -3.20
CA VAL A 435 9.82 -14.58 -3.37
C VAL A 435 9.99 -15.32 -4.69
N ALA A 436 10.74 -14.72 -5.62
CA ALA A 436 10.95 -15.30 -6.94
C ALA A 436 12.39 -15.15 -7.40
N PHE A 437 13.33 -14.97 -6.49
CA PHE A 437 14.73 -14.80 -6.85
C PHE A 437 15.57 -15.50 -5.79
N ASN A 438 16.26 -16.57 -6.18
CA ASN A 438 17.26 -17.15 -5.30
C ASN A 438 18.42 -16.18 -5.17
N GLY A 439 18.73 -15.78 -3.95
CA GLY A 439 19.63 -14.68 -3.74
C GLY A 439 19.00 -13.45 -3.12
N ILE A 440 17.74 -13.55 -2.71
CA ILE A 440 17.10 -12.43 -2.02
C ILE A 440 17.76 -12.19 -0.67
N PHE A 441 18.13 -13.26 0.04
CA PHE A 441 18.85 -13.13 1.31
C PHE A 441 20.36 -13.25 1.14
N ASN A 442 20.95 -12.52 0.21
CA ASN A 442 22.39 -12.56 0.03
C ASN A 442 23.04 -11.44 0.83
N GLY A 443 24.10 -11.78 1.56
CA GLY A 443 24.86 -10.82 2.33
C GLY A 443 24.55 -10.79 3.81
N LEU A 444 23.51 -11.51 4.25
CA LEU A 444 23.09 -11.52 5.65
C LEU A 444 23.82 -12.62 6.40
N SER A 445 25.12 -12.44 6.58
CA SER A 445 25.96 -13.49 7.13
C SER A 445 25.91 -13.59 8.65
N SER A 446 25.28 -12.63 9.34
CA SER A 446 25.21 -12.64 10.79
C SER A 446 23.79 -12.81 11.31
N LEU A 447 22.83 -13.08 10.44
CA LEU A 447 21.44 -13.15 10.87
C LEU A 447 21.22 -14.30 11.83
N GLU A 448 20.42 -14.07 12.85
CA GLU A 448 20.06 -15.09 13.83
C GLU A 448 18.55 -15.30 13.94
N VAL A 449 17.77 -14.25 13.77
CA VAL A 449 16.32 -14.33 13.78
C VAL A 449 15.81 -13.86 12.43
N LEU A 450 15.00 -14.69 11.79
CA LEU A 450 14.38 -14.35 10.51
C LEU A 450 12.91 -14.70 10.59
N LYS A 451 12.05 -13.70 10.50
CA LYS A 451 10.60 -13.90 10.53
C LYS A 451 10.03 -13.47 9.18
N MET A 452 9.34 -14.38 8.51
CA MET A 452 8.56 -14.03 7.33
C MET A 452 7.35 -14.95 7.27
N ALA A 453 6.25 -14.49 7.86
CA ALA A 453 5.00 -15.23 7.89
C ALA A 453 3.98 -14.46 7.07
N GLY A 454 3.36 -15.14 6.10
CA GLY A 454 2.40 -14.51 5.23
C GLY A 454 2.92 -14.06 3.90
N ASN A 455 4.03 -14.64 3.42
CA ASN A 455 4.64 -14.27 2.15
C ASN A 455 4.73 -15.50 1.27
N SER A 456 4.04 -15.47 0.13
CA SER A 456 4.01 -16.62 -0.75
C SER A 456 5.36 -16.83 -1.44
N PHE A 457 5.49 -17.97 -2.11
CA PHE A 457 6.66 -18.30 -2.90
C PHE A 457 6.23 -18.55 -4.34
N GLN A 458 7.20 -18.54 -5.25
CA GLN A 458 6.91 -18.81 -6.64
C GLN A 458 6.50 -20.26 -6.82
N GLU A 459 5.30 -20.47 -7.36
CA GLU A 459 4.69 -21.79 -7.59
C GLU A 459 4.68 -22.67 -6.33
N ASN A 460 4.74 -22.03 -5.17
CA ASN A 460 4.56 -22.69 -3.87
C ASN A 460 5.63 -23.75 -3.63
N PHE A 461 6.85 -23.48 -4.08
CA PHE A 461 7.97 -24.39 -3.93
C PHE A 461 9.08 -23.67 -3.19
N LEU A 462 9.60 -24.29 -2.14
CA LEU A 462 10.64 -23.66 -1.33
C LEU A 462 12.01 -23.93 -1.94
N PRO A 463 12.65 -22.93 -2.53
CA PRO A 463 13.96 -23.16 -3.14
C PRO A 463 15.08 -23.05 -2.13
N ASP A 464 16.33 -23.08 -2.60
CA ASP A 464 17.49 -23.05 -1.72
C ASP A 464 17.92 -21.61 -1.51
N ILE A 465 17.16 -20.90 -0.67
CA ILE A 465 17.47 -19.51 -0.39
C ILE A 465 18.17 -19.30 0.94
N PHE A 466 18.18 -20.30 1.83
CA PHE A 466 18.84 -20.15 3.12
C PHE A 466 20.27 -20.67 3.11
N THR A 467 21.05 -20.24 2.13
CA THR A 467 22.47 -20.51 2.15
C THR A 467 23.17 -19.25 2.63
N GLU A 468 24.31 -19.45 3.31
CA GLU A 468 25.14 -18.44 3.95
C GLU A 468 24.54 -17.92 5.24
N LEU A 469 23.31 -18.30 5.60
CA LEU A 469 22.73 -17.92 6.90
C LEU A 469 23.08 -18.99 7.91
N ARG A 470 24.34 -19.03 8.30
CA ARG A 470 24.83 -20.12 9.13
C ARG A 470 24.72 -19.86 10.63
N ASN A 471 24.33 -18.66 11.05
CA ASN A 471 24.08 -18.37 12.45
C ASN A 471 22.61 -18.44 12.80
N LEU A 472 21.75 -18.76 11.84
CA LEU A 472 20.30 -18.70 12.04
C LEU A 472 19.91 -19.69 13.12
N THR A 473 19.22 -19.21 14.16
CA THR A 473 18.70 -20.07 15.20
C THR A 473 17.18 -20.12 15.23
N PHE A 474 16.52 -19.10 14.69
CA PHE A 474 15.07 -19.01 14.68
C PHE A 474 14.62 -18.72 13.26
N LEU A 475 13.77 -19.59 12.72
CA LEU A 475 13.25 -19.44 11.36
C LEU A 475 11.75 -19.65 11.38
N ASP A 476 11.01 -18.71 10.83
CA ASP A 476 9.55 -18.71 10.89
C ASP A 476 9.00 -18.65 9.48
N LEU A 477 8.45 -19.78 9.01
CA LEU A 477 7.82 -19.86 7.69
C LEU A 477 6.43 -20.44 7.89
N SER A 478 5.49 -19.61 8.28
CA SER A 478 4.15 -20.07 8.54
C SER A 478 3.17 -19.18 7.79
N GLN A 479 2.09 -19.79 7.33
CA GLN A 479 1.08 -19.14 6.49
C GLN A 479 1.64 -18.69 5.16
N CYS A 480 2.82 -19.18 4.78
CA CYS A 480 3.27 -19.13 3.40
C CYS A 480 2.75 -20.38 2.71
N GLN A 481 1.96 -20.21 1.65
CA GLN A 481 1.10 -21.28 1.17
C GLN A 481 1.96 -22.31 0.45
N LEU A 482 2.78 -23.01 1.22
CA LEU A 482 3.79 -23.88 0.67
C LEU A 482 3.19 -25.27 0.46
N GLU A 483 3.63 -25.93 -0.61
CA GLU A 483 3.19 -27.27 -0.94
C GLU A 483 4.34 -28.26 -1.11
N GLN A 484 5.54 -27.80 -1.44
CA GLN A 484 6.67 -28.69 -1.67
C GLN A 484 7.93 -28.05 -1.11
N LEU A 485 8.85 -28.88 -0.67
CA LEU A 485 10.19 -28.44 -0.26
C LEU A 485 11.22 -29.04 -1.20
N SER A 486 12.29 -28.30 -1.43
CA SER A 486 13.41 -28.91 -2.10
C SER A 486 14.08 -29.89 -1.14
N PRO A 487 14.53 -31.05 -1.61
CA PRO A 487 15.09 -32.04 -0.70
C PRO A 487 16.34 -31.55 0.03
N THR A 488 17.01 -30.52 -0.49
CA THR A 488 18.15 -29.92 0.19
C THR A 488 17.92 -28.42 0.31
N ALA A 489 17.15 -28.02 1.31
CA ALA A 489 16.83 -26.62 1.57
C ALA A 489 17.38 -26.14 2.90
N PHE A 490 17.18 -26.90 3.97
CA PHE A 490 17.76 -26.54 5.26
C PHE A 490 19.12 -27.21 5.45
N ASN A 491 19.98 -27.08 4.46
CA ASN A 491 21.37 -27.47 4.64
C ASN A 491 22.15 -26.24 5.10
N SER A 492 23.29 -26.49 5.74
CA SER A 492 24.16 -25.46 6.32
C SER A 492 23.54 -24.77 7.52
N LEU A 493 22.31 -25.11 7.90
CA LEU A 493 21.62 -24.48 9.02
C LEU A 493 21.85 -25.33 10.26
N SER A 494 23.11 -25.42 10.67
CA SER A 494 23.51 -26.30 11.76
C SER A 494 23.18 -25.74 13.14
N SER A 495 22.71 -24.50 13.22
CA SER A 495 22.40 -23.88 14.51
C SER A 495 20.92 -23.64 14.71
N LEU A 496 20.07 -24.04 13.77
CA LEU A 496 18.64 -23.82 13.89
C LEU A 496 18.07 -24.63 15.05
N GLN A 497 17.33 -23.96 15.92
CA GLN A 497 16.68 -24.59 17.07
C GLN A 497 15.17 -24.64 16.96
N VAL A 498 14.55 -23.58 16.48
CA VAL A 498 13.12 -23.53 16.25
C VAL A 498 12.88 -23.42 14.76
N LEU A 499 11.95 -24.21 14.23
CA LEU A 499 11.60 -24.19 12.83
C LEU A 499 10.08 -24.26 12.73
N ASN A 500 9.46 -23.14 12.38
CA ASN A 500 8.02 -23.05 12.30
C ASN A 500 7.58 -23.23 10.85
N MET A 501 6.74 -24.22 10.60
CA MET A 501 6.24 -24.51 9.26
C MET A 501 4.74 -24.75 9.33
N SER A 502 4.08 -24.05 10.25
CA SER A 502 2.68 -24.26 10.56
C SER A 502 1.78 -23.57 9.55
N HIS A 503 0.63 -24.20 9.30
CA HIS A 503 -0.48 -23.63 8.54
C HIS A 503 -0.18 -23.46 7.06
N ASN A 504 0.65 -24.30 6.48
CA ASN A 504 0.84 -24.38 5.03
C ASN A 504 -0.12 -25.43 4.47
N ASN A 505 0.10 -25.87 3.23
CA ASN A 505 -0.69 -26.95 2.67
C ASN A 505 0.24 -28.08 2.26
N PHE A 506 0.61 -28.92 3.23
CA PHE A 506 1.40 -30.10 2.98
C PHE A 506 0.52 -31.33 3.03
N PHE A 507 0.94 -32.40 2.36
CA PHE A 507 0.22 -33.66 2.39
C PHE A 507 1.08 -34.76 2.96
N SER A 508 2.35 -34.79 2.56
CA SER A 508 3.27 -35.82 3.00
C SER A 508 4.22 -35.24 4.04
N LEU A 509 4.58 -36.07 5.00
CA LEU A 509 5.56 -35.72 6.02
C LEU A 509 6.85 -36.42 5.65
N ASP A 510 7.86 -35.66 5.29
CA ASP A 510 9.15 -36.19 4.91
C ASP A 510 10.16 -35.87 5.99
N THR A 511 10.97 -36.85 6.36
CA THR A 511 12.01 -36.63 7.36
C THR A 511 13.40 -36.53 6.74
N PHE A 512 13.51 -36.53 5.42
CA PHE A 512 14.83 -36.42 4.80
C PHE A 512 15.39 -35.01 4.85
N PRO A 513 14.60 -33.95 4.57
CA PRO A 513 15.18 -32.60 4.63
C PRO A 513 15.81 -32.24 5.96
N TYR A 514 15.27 -32.71 7.08
CA TYR A 514 15.79 -32.38 8.40
C TYR A 514 16.82 -33.39 8.89
N LYS A 515 17.35 -34.22 8.00
CA LYS A 515 18.20 -35.32 8.43
C LYS A 515 19.42 -34.83 9.21
N CYS A 516 20.01 -33.71 8.79
CA CYS A 516 21.16 -33.14 9.48
C CYS A 516 20.82 -31.74 9.95
N LEU A 517 20.13 -31.65 11.09
CA LEU A 517 19.93 -30.41 11.83
C LEU A 517 20.20 -30.77 13.29
N ASN A 518 21.46 -30.71 13.69
CA ASN A 518 21.86 -31.27 14.97
C ASN A 518 21.36 -30.49 16.17
N SER A 519 20.78 -29.30 15.98
CA SER A 519 20.37 -28.48 17.11
C SER A 519 18.86 -28.25 17.16
N LEU A 520 18.10 -28.84 16.26
CA LEU A 520 16.66 -28.61 16.24
C LEU A 520 16.02 -29.17 17.50
N GLN A 521 15.11 -28.38 18.09
CA GLN A 521 14.46 -28.78 19.33
C GLN A 521 12.95 -28.75 19.19
N VAL A 522 12.44 -27.81 18.40
CA VAL A 522 11.01 -27.68 18.15
C VAL A 522 10.79 -27.75 16.65
N LEU A 523 9.83 -28.56 16.22
CA LEU A 523 9.41 -28.64 14.83
C LEU A 523 7.90 -28.56 14.80
N ASP A 524 7.37 -27.54 14.14
CA ASP A 524 5.95 -27.24 14.16
C ASP A 524 5.36 -27.51 12.78
N TYR A 525 4.48 -28.51 12.70
CA TYR A 525 3.70 -28.83 11.50
C TYR A 525 2.25 -28.94 11.94
N SER A 526 1.56 -27.82 12.13
CA SER A 526 0.30 -27.97 12.82
C SER A 526 -0.94 -27.91 11.93
N LEU A 527 -1.20 -26.79 11.29
CA LEU A 527 -2.48 -26.67 10.59
C LEU A 527 -2.34 -27.05 9.12
N ASN A 528 -1.69 -28.16 8.85
CA ASN A 528 -1.51 -28.67 7.50
C ASN A 528 -2.64 -29.65 7.20
N HIS A 529 -2.51 -30.44 6.15
CA HIS A 529 -3.36 -31.61 5.95
C HIS A 529 -2.45 -32.78 5.61
N ILE A 530 -1.83 -33.37 6.63
CA ILE A 530 -0.83 -34.41 6.41
C ILE A 530 -1.52 -35.75 6.56
N MET A 531 -1.64 -36.47 5.44
CA MET A 531 -2.34 -37.74 5.40
C MET A 531 -1.41 -38.92 5.20
N THR A 532 -0.27 -38.72 4.54
CA THR A 532 0.53 -39.83 4.07
C THR A 532 1.99 -39.42 4.07
N SER A 533 2.82 -40.23 3.42
CA SER A 533 4.22 -39.92 3.23
C SER A 533 4.63 -40.34 1.83
N LYS A 534 5.86 -40.03 1.44
CA LYS A 534 6.31 -40.45 0.11
C LYS A 534 6.59 -41.95 0.08
N LYS A 535 7.04 -42.50 1.20
CA LYS A 535 7.37 -43.92 1.32
C LYS A 535 7.40 -44.22 2.82
N GLN A 536 7.74 -45.45 3.17
CA GLN A 536 7.99 -45.79 4.57
C GLN A 536 9.45 -45.60 4.95
N GLU A 537 10.12 -44.59 4.39
CA GLU A 537 11.53 -44.36 4.68
C GLU A 537 11.71 -43.55 5.96
N LEU A 538 10.61 -43.11 6.58
CA LEU A 538 10.72 -42.08 7.60
C LEU A 538 11.60 -42.61 8.71
N GLN A 539 12.83 -42.11 8.77
CA GLN A 539 13.86 -42.58 9.67
C GLN A 539 13.66 -41.88 11.01
N HIS A 540 14.65 -41.99 11.89
CA HIS A 540 14.65 -41.21 13.11
C HIS A 540 14.90 -39.73 12.79
N PHE A 541 14.27 -38.88 13.55
CA PHE A 541 14.59 -37.47 13.50
C PHE A 541 15.93 -37.22 14.18
N PRO A 542 16.53 -36.05 13.99
CA PRO A 542 17.73 -35.73 14.76
C PRO A 542 17.51 -35.87 16.25
N SER A 543 18.48 -36.46 16.96
CA SER A 543 18.31 -36.84 18.36
C SER A 543 17.90 -35.67 19.24
N SER A 544 18.29 -34.45 18.86
CA SER A 544 17.97 -33.28 19.65
C SER A 544 16.49 -32.96 19.67
N LEU A 545 15.72 -33.45 18.71
CA LEU A 545 14.32 -33.08 18.61
C LEU A 545 13.56 -33.54 19.84
N ALA A 546 13.07 -32.57 20.62
CA ALA A 546 12.34 -32.87 21.84
C ALA A 546 10.86 -32.54 21.73
N PHE A 547 10.43 -31.84 20.70
CA PHE A 547 9.02 -31.51 20.54
C PHE A 547 8.67 -31.58 19.06
N LEU A 548 7.52 -32.17 18.76
CA LEU A 548 7.06 -32.32 17.39
C LEU A 548 5.56 -32.09 17.36
N ASN A 549 5.13 -30.87 17.07
CA ASN A 549 3.71 -30.57 17.04
C ASN A 549 3.15 -31.03 15.69
N LEU A 550 2.16 -31.92 15.74
CA LEU A 550 1.49 -32.45 14.55
C LEU A 550 -0.02 -32.38 14.66
N THR A 551 -0.54 -31.63 15.63
CA THR A 551 -1.97 -31.63 15.90
C THR A 551 -2.71 -30.85 14.84
N GLN A 552 -4.03 -31.07 14.80
CA GLN A 552 -5.00 -30.24 14.08
C GLN A 552 -5.04 -30.50 12.57
N ASN A 553 -4.32 -31.48 12.05
CA ASN A 553 -4.37 -31.69 10.61
C ASN A 553 -5.05 -33.01 10.28
N ASP A 554 -5.55 -33.12 9.05
CA ASP A 554 -6.40 -34.23 8.65
C ASP A 554 -5.61 -35.51 8.47
N PHE A 555 -6.07 -36.58 9.11
CA PHE A 555 -5.50 -37.90 8.94
C PHE A 555 -6.55 -38.80 8.28
N ALA A 556 -6.07 -39.90 7.67
CA ALA A 556 -6.94 -40.88 7.04
C ALA A 556 -6.64 -42.24 7.66
N CYS A 557 -7.59 -42.77 8.42
CA CYS A 557 -7.41 -44.00 9.17
C CYS A 557 -8.13 -45.15 8.46
N THR A 558 -7.45 -45.72 7.46
CA THR A 558 -7.98 -46.83 6.69
C THR A 558 -6.88 -47.88 6.54
N CYS A 559 -7.21 -48.97 5.85
CA CYS A 559 -6.22 -50.02 5.58
C CYS A 559 -4.97 -49.44 4.96
N GLU A 560 -5.13 -48.72 3.85
CA GLU A 560 -4.04 -48.04 3.19
C GLU A 560 -3.38 -47.04 4.13
N HIS A 561 -2.07 -46.89 3.95
CA HIS A 561 -1.16 -46.22 4.88
C HIS A 561 -1.50 -46.49 6.34
N GLN A 562 -1.74 -47.76 6.70
CA GLN A 562 -1.75 -48.11 8.11
C GLN A 562 -0.35 -48.06 8.69
N SER A 563 0.66 -48.31 7.85
CA SER A 563 2.05 -48.25 8.28
C SER A 563 2.44 -46.85 8.69
N PHE A 564 1.87 -45.83 8.06
CA PHE A 564 2.12 -44.45 8.46
C PHE A 564 1.70 -44.21 9.91
N LEU A 565 0.47 -44.62 10.25
CA LEU A 565 0.01 -44.45 11.62
C LEU A 565 0.78 -45.31 12.58
N GLN A 566 1.25 -46.48 12.14
CA GLN A 566 2.12 -47.27 13.00
C GLN A 566 3.42 -46.54 13.30
N TRP A 567 4.00 -45.89 12.30
CA TRP A 567 5.24 -45.17 12.52
C TRP A 567 5.04 -43.92 13.36
N ILE A 568 3.84 -43.30 13.32
CA ILE A 568 3.66 -42.14 14.18
C ILE A 568 3.39 -42.58 15.61
N LYS A 569 2.67 -43.68 15.80
CA LYS A 569 2.52 -44.18 17.16
C LYS A 569 3.81 -44.78 17.69
N ASP A 570 4.78 -45.02 16.82
CA ASP A 570 6.09 -45.52 17.23
C ASP A 570 6.86 -44.52 18.07
N GLN A 571 6.40 -43.28 18.15
CA GLN A 571 7.13 -42.25 18.91
C GLN A 571 6.10 -41.37 19.62
N ARG A 572 5.90 -41.63 20.90
CA ARG A 572 5.06 -40.80 21.74
C ARG A 572 5.87 -39.87 22.62
N GLN A 573 7.19 -40.04 22.68
CA GLN A 573 8.07 -39.17 23.45
C GLN A 573 8.36 -37.85 22.73
N LEU A 574 7.72 -37.59 21.60
CA LEU A 574 7.94 -36.37 20.86
C LEU A 574 6.66 -35.61 20.56
N LEU A 575 5.51 -36.26 20.51
CA LEU A 575 4.26 -35.58 20.20
C LEU A 575 3.88 -34.63 21.34
N VAL A 576 2.84 -33.84 21.11
CA VAL A 576 2.57 -32.67 21.94
C VAL A 576 1.24 -32.81 22.69
N GLU A 577 0.13 -32.83 21.97
CA GLU A 577 -1.18 -33.01 22.60
C GLU A 577 -1.92 -34.09 21.81
N VAL A 578 -1.67 -35.35 22.16
CA VAL A 578 -2.24 -36.45 21.42
C VAL A 578 -3.76 -36.42 21.43
N GLU A 579 -4.35 -35.64 22.32
CA GLU A 579 -5.80 -35.46 22.36
C GLU A 579 -6.35 -34.78 21.11
N ARG A 580 -5.54 -34.04 20.38
CA ARG A 580 -6.03 -33.24 19.26
C ARG A 580 -5.73 -33.83 17.90
N MET A 581 -5.02 -34.96 17.82
CA MET A 581 -4.79 -35.63 16.55
C MET A 581 -5.80 -36.76 16.39
N GLU A 582 -6.69 -36.65 15.41
CA GLU A 582 -7.67 -37.69 15.19
C GLU A 582 -7.86 -37.91 13.69
N CYS A 583 -8.79 -38.81 13.36
CA CYS A 583 -9.11 -39.15 11.99
C CYS A 583 -10.20 -38.23 11.45
N ALA A 584 -10.21 -38.07 10.13
CA ALA A 584 -11.23 -37.25 9.50
C ALA A 584 -11.85 -37.86 8.25
N THR A 585 -11.11 -38.68 7.50
CA THR A 585 -11.61 -39.05 6.17
C THR A 585 -12.73 -40.08 6.28
N PRO A 586 -12.52 -41.27 6.91
CA PRO A 586 -13.62 -42.25 6.91
C PRO A 586 -14.71 -41.80 7.88
N SER A 587 -15.93 -41.60 7.37
CA SER A 587 -16.97 -40.97 8.16
C SER A 587 -17.40 -41.83 9.34
N ASP A 588 -17.14 -43.15 9.27
CA ASP A 588 -17.41 -43.99 10.42
C ASP A 588 -16.38 -43.76 11.52
N LYS A 589 -15.13 -43.58 11.14
CA LYS A 589 -14.05 -43.29 12.08
C LYS A 589 -13.80 -41.79 12.07
N GLN A 590 -14.52 -41.06 12.91
CA GLN A 590 -14.36 -39.62 12.98
C GLN A 590 -14.19 -39.19 14.42
N GLY A 591 -13.32 -38.21 14.64
CA GLY A 591 -13.07 -37.72 15.97
C GLY A 591 -12.37 -38.71 16.88
N MET A 592 -11.84 -39.79 16.33
CA MET A 592 -11.17 -40.80 17.13
C MET A 592 -9.68 -40.53 17.15
N PRO A 593 -9.06 -40.35 18.30
CA PRO A 593 -7.62 -40.08 18.34
C PRO A 593 -6.83 -41.18 17.66
N VAL A 594 -5.77 -40.77 16.95
CA VAL A 594 -5.06 -41.69 16.07
C VAL A 594 -4.31 -42.75 16.87
N LEU A 595 -3.68 -42.35 17.96
CA LEU A 595 -2.88 -43.29 18.74
C LEU A 595 -3.73 -44.31 19.48
N SER A 596 -5.04 -44.07 19.61
CA SER A 596 -5.88 -44.97 20.39
C SER A 596 -6.43 -46.10 19.52
N LEU A 597 -6.68 -45.83 18.25
CA LEU A 597 -7.42 -46.78 17.42
C LEU A 597 -6.63 -48.06 17.19
N ASN A 598 -7.33 -49.18 17.35
CA ASN A 598 -6.88 -50.49 16.91
C ASN A 598 -7.77 -50.91 15.77
N ILE A 599 -7.22 -50.95 14.58
CA ILE A 599 -8.00 -51.25 13.38
C ILE A 599 -7.43 -52.50 12.73
N THR A 600 -8.29 -53.19 11.97
CA THR A 600 -7.97 -54.49 11.39
C THR A 600 -7.11 -54.29 10.14
N CYS A 601 -6.95 -55.37 9.38
CA CYS A 601 -6.51 -55.27 8.00
C CYS A 601 -4.98 -55.20 7.95
N GLU B 1 11.11 -25.09 -53.49
CA GLU B 1 10.27 -24.11 -52.81
C GLU B 1 11.11 -23.18 -51.92
N PRO B 2 11.88 -22.28 -52.55
CA PRO B 2 12.66 -21.34 -51.73
C PRO B 2 11.78 -20.38 -50.94
N CYS B 3 10.84 -19.70 -51.59
CA CYS B 3 10.02 -18.71 -50.91
C CYS B 3 9.14 -19.35 -49.85
N VAL B 4 9.18 -18.79 -48.64
CA VAL B 4 8.35 -19.30 -47.56
C VAL B 4 6.89 -19.10 -47.92
N GLU B 5 6.05 -20.01 -47.45
CA GLU B 5 4.65 -20.08 -47.84
C GLU B 5 3.82 -19.80 -46.59
N VAL B 6 3.12 -18.66 -46.56
CA VAL B 6 2.44 -18.26 -45.34
C VAL B 6 1.00 -18.77 -45.32
N VAL B 7 0.21 -18.39 -46.31
CA VAL B 7 -1.19 -18.79 -46.39
C VAL B 7 -1.38 -19.53 -47.70
N PRO B 8 -2.07 -20.68 -47.72
CA PRO B 8 -2.07 -21.53 -48.91
C PRO B 8 -2.56 -20.79 -50.15
N ASN B 9 -1.65 -20.63 -51.11
CA ASN B 9 -1.91 -20.08 -52.43
C ASN B 9 -2.33 -18.61 -52.39
N ILE B 10 -2.13 -17.91 -51.28
CA ILE B 10 -2.55 -16.52 -51.18
C ILE B 10 -1.37 -15.60 -50.89
N THR B 11 -0.71 -15.81 -49.76
CA THR B 11 0.35 -14.93 -49.29
C THR B 11 1.68 -15.66 -49.40
N TYR B 12 2.64 -15.06 -50.08
CA TYR B 12 3.95 -15.66 -50.28
C TYR B 12 5.00 -14.63 -49.93
N GLN B 13 5.71 -14.83 -48.83
CA GLN B 13 6.77 -13.92 -48.44
C GLN B 13 8.12 -14.62 -48.59
N CYS B 14 9.09 -13.90 -49.16
CA CYS B 14 10.45 -14.42 -49.20
C CYS B 14 11.43 -13.25 -49.26
N MET B 15 11.95 -12.88 -48.09
CA MET B 15 12.93 -11.82 -47.92
C MET B 15 14.31 -12.42 -47.68
N GLU B 16 15.32 -11.70 -48.15
CA GLU B 16 16.73 -12.00 -47.91
C GLU B 16 17.17 -13.25 -48.68
N LEU B 17 16.24 -13.94 -49.33
CA LEU B 17 16.61 -15.00 -50.25
C LEU B 17 17.29 -14.38 -51.45
N ASN B 18 18.53 -14.77 -51.71
CA ASN B 18 19.36 -13.99 -52.62
C ASN B 18 18.82 -14.20 -54.03
N PHE B 19 17.80 -13.42 -54.39
CA PHE B 19 17.20 -13.49 -55.71
C PHE B 19 17.90 -12.49 -56.62
N TYR B 20 17.63 -12.61 -57.91
CA TYR B 20 18.07 -11.62 -58.88
C TYR B 20 16.98 -11.29 -59.89
N LYS B 21 15.82 -11.92 -59.80
CA LYS B 21 14.70 -11.67 -60.70
C LYS B 21 13.44 -12.08 -59.97
N ILE B 22 12.30 -11.63 -60.48
CA ILE B 22 11.04 -12.03 -59.86
C ILE B 22 10.87 -13.54 -60.03
N PRO B 23 10.53 -14.28 -58.97
CA PRO B 23 10.41 -15.73 -59.11
C PRO B 23 9.26 -16.13 -60.01
N ASP B 24 9.43 -17.28 -60.68
CA ASP B 24 8.46 -17.77 -61.65
C ASP B 24 7.61 -18.92 -61.13
N ASN B 25 8.09 -19.67 -60.14
CA ASN B 25 7.40 -20.85 -59.67
C ASN B 25 6.19 -20.53 -58.79
N LEU B 26 5.98 -19.26 -58.45
CA LEU B 26 4.87 -18.90 -57.59
C LEU B 26 3.55 -19.08 -58.31
N PRO B 27 2.48 -19.38 -57.57
CA PRO B 27 1.17 -19.59 -58.19
C PRO B 27 0.73 -18.40 -59.04
N PHE B 28 -0.15 -18.70 -59.99
CA PHE B 28 -0.62 -17.69 -60.93
C PHE B 28 -1.59 -16.72 -60.25
N SER B 29 -2.28 -17.16 -59.22
CA SER B 29 -3.24 -16.35 -58.50
C SER B 29 -2.77 -16.23 -57.05
N THR B 30 -1.93 -15.24 -56.79
CA THR B 30 -1.48 -14.93 -55.44
C THR B 30 -1.62 -13.43 -55.19
N LYS B 31 -1.71 -13.08 -53.92
CA LYS B 31 -1.82 -11.70 -53.51
C LYS B 31 -0.66 -11.38 -52.56
N ASN B 32 -0.50 -10.09 -52.28
CA ASN B 32 0.40 -9.55 -51.26
C ASN B 32 1.71 -10.32 -51.18
N LEU B 33 2.45 -10.29 -52.29
CA LEU B 33 3.76 -10.89 -52.38
C LEU B 33 4.80 -9.98 -51.72
N ASP B 34 5.48 -10.48 -50.69
CA ASP B 34 6.56 -9.76 -50.04
C ASP B 34 7.88 -10.14 -50.68
N LEU B 35 8.64 -9.15 -51.12
CA LEU B 35 9.89 -9.40 -51.83
C LEU B 35 10.84 -8.25 -51.51
N SER B 36 11.63 -8.40 -50.46
CA SER B 36 12.44 -7.31 -49.95
C SER B 36 13.80 -7.82 -49.49
N PHE B 37 14.78 -6.91 -49.50
CA PHE B 37 16.17 -7.23 -49.20
C PHE B 37 16.76 -8.20 -50.21
N ASN B 38 16.25 -8.19 -51.44
CA ASN B 38 16.76 -9.01 -52.53
C ASN B 38 17.38 -8.11 -53.59
N PRO B 39 18.57 -8.40 -54.08
CA PRO B 39 19.20 -7.49 -55.04
C PRO B 39 18.56 -7.52 -56.42
N LEU B 40 17.85 -6.45 -56.78
CA LEU B 40 17.27 -6.27 -58.12
C LEU B 40 17.76 -4.90 -58.61
N ARG B 41 18.94 -4.88 -59.24
CA ARG B 41 19.58 -3.61 -59.58
C ARG B 41 18.74 -2.78 -60.54
N HIS B 42 17.79 -3.40 -61.23
CA HIS B 42 17.09 -2.73 -62.32
C HIS B 42 15.73 -3.37 -62.50
N LEU B 43 14.72 -2.54 -62.74
CA LEU B 43 13.36 -3.01 -62.99
C LEU B 43 13.00 -2.72 -64.44
N GLY B 44 12.41 -3.72 -65.10
CA GLY B 44 12.16 -3.60 -66.52
C GLY B 44 10.70 -3.59 -66.89
N SER B 45 10.40 -3.27 -68.14
CA SER B 45 9.02 -3.22 -68.61
C SER B 45 8.34 -4.58 -68.45
N TYR B 46 7.09 -4.56 -68.01
CA TYR B 46 6.29 -5.76 -67.81
C TYR B 46 7.00 -6.76 -66.90
N SER B 47 7.60 -6.26 -65.83
CA SER B 47 8.36 -7.14 -64.94
C SER B 47 7.44 -8.13 -64.23
N PHE B 48 6.30 -7.67 -63.74
CA PHE B 48 5.39 -8.51 -62.97
C PHE B 48 4.23 -8.90 -63.88
N PHE B 49 4.45 -9.91 -64.71
CA PHE B 49 3.41 -10.44 -65.58
C PHE B 49 2.84 -11.76 -65.10
N SER B 50 3.61 -12.55 -64.35
CA SER B 50 3.10 -13.79 -63.79
C SER B 50 2.02 -13.57 -62.74
N PHE B 51 1.76 -12.32 -62.36
CA PHE B 51 0.82 -11.99 -61.29
C PHE B 51 -0.21 -11.02 -61.82
N PRO B 52 -1.15 -11.50 -62.64
CA PRO B 52 -2.21 -10.61 -63.12
C PRO B 52 -3.14 -10.13 -62.02
N GLU B 53 -3.29 -10.92 -60.95
CA GLU B 53 -4.13 -10.57 -59.82
C GLU B 53 -3.24 -10.45 -58.59
N LEU B 54 -3.31 -9.32 -57.90
CA LEU B 54 -2.36 -8.98 -56.86
C LEU B 54 -2.88 -7.76 -56.09
N GLN B 55 -2.64 -7.74 -54.79
CA GLN B 55 -3.11 -6.66 -53.94
C GLN B 55 -1.99 -5.78 -53.41
N VAL B 56 -0.97 -6.38 -52.77
CA VAL B 56 0.07 -5.65 -52.08
C VAL B 56 1.42 -6.05 -52.66
N LEU B 57 2.27 -5.07 -52.90
CA LEU B 57 3.64 -5.31 -53.33
C LEU B 57 4.59 -4.58 -52.42
N ASP B 58 5.79 -5.13 -52.27
CA ASP B 58 6.75 -4.62 -51.29
C ASP B 58 8.15 -4.79 -51.86
N LEU B 59 8.85 -3.69 -52.11
CA LEU B 59 10.24 -3.73 -52.57
C LEU B 59 11.05 -2.80 -51.68
N SER B 60 11.47 -3.30 -50.53
CA SER B 60 12.24 -2.53 -49.56
C SER B 60 13.69 -2.99 -49.62
N ARG B 61 14.60 -2.04 -49.77
CA ARG B 61 16.03 -2.30 -49.81
C ARG B 61 16.45 -3.13 -51.03
N CYS B 62 15.51 -3.49 -51.88
CA CYS B 62 15.86 -4.10 -53.15
C CYS B 62 16.53 -3.02 -53.98
N GLU B 63 17.85 -2.99 -53.99
CA GLU B 63 18.52 -1.78 -54.45
C GLU B 63 18.27 -1.54 -55.93
N ILE B 64 17.33 -0.64 -56.22
CA ILE B 64 16.82 -0.37 -57.55
C ILE B 64 17.34 0.99 -57.98
N GLN B 65 18.10 1.02 -59.07
CA GLN B 65 18.66 2.26 -59.59
C GLN B 65 17.75 2.96 -60.56
N THR B 66 17.03 2.23 -61.41
CA THR B 66 16.18 2.82 -62.44
C THR B 66 14.94 1.97 -62.63
N ILE B 67 13.78 2.61 -62.55
CA ILE B 67 12.52 2.01 -62.98
C ILE B 67 12.24 2.55 -64.36
N GLU B 68 12.12 1.65 -65.34
CA GLU B 68 11.86 2.09 -66.70
C GLU B 68 10.37 2.15 -66.98
N ASP B 69 10.03 2.88 -68.03
CA ASP B 69 8.63 3.13 -68.38
C ASP B 69 7.89 1.83 -68.67
N GLY B 70 6.67 1.75 -68.18
CA GLY B 70 5.81 0.62 -68.46
C GLY B 70 5.82 -0.49 -67.43
N ALA B 71 6.67 -0.41 -66.41
CA ALA B 71 6.62 -1.40 -65.35
C ALA B 71 5.26 -1.34 -64.66
N TYR B 72 4.93 -2.42 -63.96
CA TYR B 72 3.64 -2.58 -63.29
C TYR B 72 2.46 -2.51 -64.26
N GLN B 73 2.72 -2.62 -65.56
CA GLN B 73 1.68 -2.38 -66.56
C GLN B 73 0.51 -3.35 -66.38
N SER B 74 0.77 -4.64 -66.50
CA SER B 74 -0.28 -5.65 -66.42
C SER B 74 -0.65 -5.93 -64.96
N LEU B 75 -0.99 -4.87 -64.25
CA LEU B 75 -1.13 -4.97 -62.81
C LEU B 75 -2.16 -3.97 -62.31
N SER B 76 -3.40 -4.42 -62.15
CA SER B 76 -4.41 -3.64 -61.44
C SER B 76 -4.73 -4.35 -60.14
N HIS B 77 -5.71 -3.83 -59.40
CA HIS B 77 -6.04 -4.32 -58.05
C HIS B 77 -4.90 -4.08 -57.07
N LEU B 78 -3.80 -3.48 -57.52
CA LEU B 78 -2.65 -3.24 -56.68
C LEU B 78 -2.88 -1.98 -55.87
N SER B 79 -3.13 -2.13 -54.57
CA SER B 79 -3.48 -1.00 -53.72
C SER B 79 -2.31 -0.47 -52.89
N THR B 80 -1.11 -1.06 -53.00
CA THR B 80 -0.02 -0.64 -52.12
C THR B 80 1.32 -0.89 -52.80
N LEU B 81 2.18 0.12 -52.76
CA LEU B 81 3.58 -0.02 -53.12
C LEU B 81 4.44 0.50 -51.99
N ILE B 82 5.54 -0.21 -51.70
CA ILE B 82 6.49 0.20 -50.69
C ILE B 82 7.86 0.21 -51.36
N LEU B 83 8.29 1.38 -51.82
CA LEU B 83 9.64 1.57 -52.36
C LEU B 83 10.59 2.18 -51.34
N THR B 84 10.74 1.59 -50.16
CA THR B 84 11.55 2.20 -49.12
C THR B 84 13.01 1.81 -49.28
N GLY B 85 13.90 2.79 -49.20
CA GLY B 85 15.32 2.53 -49.17
C GLY B 85 15.96 2.25 -50.50
N ASN B 86 15.24 2.37 -51.61
CA ASN B 86 15.79 2.12 -52.93
C ASN B 86 16.41 3.41 -53.46
N PRO B 87 17.69 3.47 -53.74
CA PRO B 87 18.26 4.70 -54.28
C PRO B 87 17.96 4.85 -55.76
N ILE B 88 16.99 5.71 -56.09
CA ILE B 88 16.50 5.84 -57.45
C ILE B 88 17.06 7.14 -58.02
N GLN B 89 17.96 7.00 -58.99
CA GLN B 89 18.57 8.16 -59.63
C GLN B 89 17.95 8.49 -60.98
N SER B 90 17.11 7.61 -61.52
CA SER B 90 16.43 7.93 -62.78
C SER B 90 15.09 7.20 -62.79
N LEU B 91 14.04 7.91 -62.41
CA LEU B 91 12.68 7.40 -62.49
C LEU B 91 12.09 7.87 -63.81
N ALA B 92 11.93 6.95 -64.74
CA ALA B 92 11.47 7.30 -66.08
C ALA B 92 10.05 7.84 -66.03
N LEU B 93 9.84 8.99 -66.65
CA LEU B 93 8.49 9.53 -66.80
C LEU B 93 7.60 8.49 -67.44
N GLY B 94 6.37 8.40 -66.95
CA GLY B 94 5.47 7.37 -67.40
C GLY B 94 5.46 6.11 -66.59
N ALA B 95 6.40 5.95 -65.65
CA ALA B 95 6.30 4.85 -64.71
C ALA B 95 5.02 5.02 -63.87
N PHE B 96 4.65 3.94 -63.17
CA PHE B 96 3.36 3.85 -62.52
C PHE B 96 2.22 4.01 -63.52
N SER B 97 2.44 3.62 -64.77
CA SER B 97 1.49 3.87 -65.84
C SER B 97 0.14 3.22 -65.60
N GLY B 98 0.08 1.90 -65.59
CA GLY B 98 -1.19 1.26 -65.37
C GLY B 98 -1.38 0.79 -63.94
N LEU B 99 -2.02 1.62 -63.12
CA LEU B 99 -2.42 1.25 -61.76
C LEU B 99 -3.76 1.94 -61.53
N SER B 100 -4.84 1.25 -61.86
CA SER B 100 -6.15 1.90 -61.86
C SER B 100 -6.64 2.15 -60.45
N SER B 101 -6.29 1.29 -59.50
CA SER B 101 -6.71 1.43 -58.11
C SER B 101 -5.48 1.33 -57.23
N LEU B 102 -4.78 2.43 -57.05
CA LEU B 102 -3.65 2.52 -56.13
C LEU B 102 -3.99 3.52 -55.04
N GLN B 103 -3.88 3.11 -53.80
CA GLN B 103 -4.26 3.95 -52.67
C GLN B 103 -3.08 4.44 -51.85
N LYS B 104 -2.10 3.58 -51.60
CA LYS B 104 -0.97 3.91 -50.75
C LYS B 104 0.31 3.88 -51.58
N LEU B 105 1.13 4.91 -51.44
CA LEU B 105 2.42 4.97 -52.11
C LEU B 105 3.46 5.43 -51.10
N VAL B 106 4.37 4.53 -50.73
CA VAL B 106 5.40 4.82 -49.75
C VAL B 106 6.70 4.96 -50.51
N ALA B 107 7.24 6.17 -50.55
CA ALA B 107 8.55 6.43 -51.14
C ALA B 107 9.39 7.16 -50.10
N VAL B 108 9.97 6.39 -49.19
CA VAL B 108 10.77 6.90 -48.08
C VAL B 108 12.22 6.53 -48.36
N GLU B 109 13.14 7.42 -48.01
CA GLU B 109 14.57 7.19 -48.14
C GLU B 109 14.99 7.08 -49.60
N THR B 110 14.06 7.22 -50.54
CA THR B 110 14.43 7.46 -51.93
C THR B 110 15.09 8.82 -52.03
N ASN B 111 15.96 8.99 -53.03
CA ASN B 111 16.70 10.24 -53.17
C ASN B 111 15.87 11.24 -53.98
N LEU B 112 14.68 11.52 -53.48
CA LEU B 112 13.82 12.52 -54.07
C LEU B 112 14.41 13.91 -53.89
N ALA B 113 14.12 14.79 -54.84
CA ALA B 113 14.62 16.15 -54.80
C ALA B 113 13.55 17.22 -54.93
N SER B 114 12.39 16.88 -55.51
CA SER B 114 11.30 17.84 -55.66
C SER B 114 10.06 17.07 -56.08
N LEU B 115 8.93 17.77 -56.11
CA LEU B 115 7.64 17.14 -56.33
C LEU B 115 7.02 17.42 -57.68
N GLU B 116 7.60 18.29 -58.51
CA GLU B 116 7.03 18.48 -59.84
C GLU B 116 7.57 17.46 -60.84
N ASN B 117 8.81 17.03 -60.67
CA ASN B 117 9.34 15.95 -61.50
C ASN B 117 9.10 14.60 -60.84
N PHE B 118 7.87 14.36 -60.44
CA PHE B 118 7.47 13.11 -59.79
C PHE B 118 6.25 12.60 -60.56
N PRO B 119 6.31 11.42 -61.16
CA PRO B 119 5.34 11.05 -62.19
C PRO B 119 3.96 10.67 -61.68
N ILE B 120 3.63 11.02 -60.44
CA ILE B 120 2.29 10.75 -59.91
C ILE B 120 1.46 11.99 -60.25
N GLY B 121 0.97 12.02 -61.49
CA GLY B 121 0.07 13.08 -61.88
C GLY B 121 -1.16 12.62 -62.64
N HIS B 122 -1.24 11.31 -62.85
CA HIS B 122 -2.37 10.69 -63.53
C HIS B 122 -3.02 9.82 -62.47
N LEU B 123 -2.36 9.64 -61.33
CA LEU B 123 -2.89 8.79 -60.29
C LEU B 123 -4.19 9.36 -59.75
N LYS B 124 -4.99 8.49 -59.17
CA LYS B 124 -6.28 8.85 -58.60
C LYS B 124 -6.68 7.73 -57.68
N THR B 125 -7.64 8.00 -56.80
CA THR B 125 -8.00 7.10 -55.71
C THR B 125 -6.82 6.95 -54.75
N LEU B 126 -5.75 7.71 -54.97
CA LEU B 126 -4.58 7.68 -54.11
C LEU B 126 -4.88 8.48 -52.85
N LYS B 127 -4.85 7.81 -51.69
CA LYS B 127 -5.19 8.44 -50.42
C LYS B 127 -3.95 8.94 -49.69
N GLU B 128 -2.95 8.09 -49.48
CA GLU B 128 -1.78 8.45 -48.71
C GLU B 128 -0.55 8.53 -49.60
N LEU B 129 0.28 9.53 -49.35
CA LEU B 129 1.56 9.70 -50.03
C LEU B 129 2.61 10.06 -48.99
N ASN B 130 3.52 9.15 -48.72
CA ASN B 130 4.55 9.34 -47.71
C ASN B 130 5.88 9.56 -48.40
N VAL B 131 6.39 10.78 -48.35
CA VAL B 131 7.73 11.10 -48.84
C VAL B 131 8.47 11.75 -47.68
N ALA B 132 9.07 10.91 -46.84
CA ALA B 132 9.80 11.37 -45.68
C ALA B 132 11.24 10.93 -45.81
N HIS B 133 12.13 11.64 -45.11
CA HIS B 133 13.55 11.35 -45.10
C HIS B 133 14.17 11.50 -46.49
N ASN B 134 13.58 12.35 -47.33
CA ASN B 134 14.10 12.64 -48.66
C ASN B 134 14.94 13.92 -48.60
N LEU B 135 15.28 14.46 -49.77
CA LEU B 135 16.04 15.71 -49.88
C LEU B 135 15.17 16.70 -50.64
N ILE B 136 14.28 17.38 -49.93
CA ILE B 136 13.34 18.33 -50.55
C ILE B 136 13.58 19.70 -49.93
N GLN B 137 13.85 20.69 -50.77
CA GLN B 137 14.21 22.02 -50.33
C GLN B 137 13.04 22.99 -50.30
N SER B 138 12.01 22.76 -51.12
CA SER B 138 10.95 23.74 -51.31
C SER B 138 9.59 23.12 -51.02
N PHE B 139 8.80 23.83 -50.22
CA PHE B 139 7.43 23.41 -49.91
C PHE B 139 6.43 24.04 -50.86
N LYS B 140 6.65 23.90 -52.16
CA LYS B 140 5.74 24.41 -53.16
C LYS B 140 5.00 23.23 -53.78
N LEU B 141 3.70 23.18 -53.59
CA LEU B 141 2.92 22.10 -54.15
C LEU B 141 2.79 22.29 -55.66
N PRO B 142 3.08 21.27 -56.46
CA PRO B 142 2.94 21.41 -57.91
C PRO B 142 1.48 21.49 -58.35
N GLU B 143 1.27 21.79 -59.63
CA GLU B 143 -0.07 22.03 -60.13
C GLU B 143 -0.92 20.76 -60.15
N TYR B 144 -0.33 19.62 -60.55
CA TYR B 144 -1.11 18.41 -60.74
C TYR B 144 -1.85 17.99 -59.48
N PHE B 145 -1.52 18.57 -58.32
CA PHE B 145 -2.25 18.25 -57.10
C PHE B 145 -3.73 18.56 -57.24
N SER B 146 -4.09 19.53 -58.10
CA SER B 146 -5.49 19.79 -58.36
C SER B 146 -6.16 18.57 -58.97
N ASN B 147 -5.49 17.92 -59.93
CA ASN B 147 -6.04 16.71 -60.52
C ASN B 147 -6.11 15.59 -59.50
N LEU B 148 -5.25 15.63 -58.49
CA LEU B 148 -5.14 14.54 -57.55
C LEU B 148 -6.05 14.77 -56.35
N THR B 149 -7.17 14.04 -56.33
CA THR B 149 -8.14 14.17 -55.27
C THR B 149 -8.09 12.92 -54.41
N ASN B 150 -8.91 12.91 -53.36
CA ASN B 150 -8.98 11.87 -52.34
C ASN B 150 -7.73 11.82 -51.47
N LEU B 151 -6.72 12.65 -51.74
CA LEU B 151 -5.52 12.66 -50.92
C LEU B 151 -5.85 13.10 -49.50
N GLU B 152 -5.46 12.29 -48.53
CA GLU B 152 -5.78 12.55 -47.13
C GLU B 152 -4.55 12.76 -46.27
N HIS B 153 -3.49 11.99 -46.48
CA HIS B 153 -2.26 12.15 -45.74
C HIS B 153 -1.15 12.62 -46.67
N LEU B 154 -0.30 13.51 -46.18
CA LEU B 154 0.88 13.96 -46.93
C LEU B 154 1.98 14.18 -45.90
N ASP B 155 2.81 13.17 -45.71
CA ASP B 155 3.89 13.22 -44.72
C ASP B 155 5.16 13.59 -45.44
N LEU B 156 5.70 14.77 -45.15
CA LEU B 156 7.02 15.15 -45.61
C LEU B 156 7.81 15.67 -44.40
N SER B 157 8.36 14.72 -43.65
CA SER B 157 9.14 14.98 -42.46
C SER B 157 10.60 14.66 -42.74
N SER B 158 11.48 15.26 -41.95
CA SER B 158 12.92 15.03 -42.06
C SER B 158 13.44 15.41 -43.44
N ASN B 159 12.93 16.50 -44.01
CA ASN B 159 13.41 17.03 -45.26
C ASN B 159 14.20 18.31 -45.01
N LYS B 160 14.74 18.89 -46.07
CA LYS B 160 15.52 20.12 -45.97
C LYS B 160 14.68 21.37 -46.28
N ILE B 161 13.53 21.54 -45.64
CA ILE B 161 12.65 22.66 -45.96
C ILE B 161 13.00 23.83 -45.04
N GLN B 162 13.50 24.91 -45.63
CA GLN B 162 14.02 26.05 -44.89
C GLN B 162 13.02 27.18 -44.71
N SER B 163 12.13 27.41 -45.68
CA SER B 163 11.28 28.59 -45.63
C SER B 163 10.01 28.33 -46.40
N ILE B 164 8.99 29.13 -46.10
CA ILE B 164 7.71 29.07 -46.79
C ILE B 164 7.38 30.45 -47.33
N TYR B 165 6.77 30.49 -48.50
CA TYR B 165 6.43 31.73 -49.17
C TYR B 165 4.95 31.74 -49.53
N CYS B 166 4.40 32.94 -49.67
CA CYS B 166 2.98 33.08 -49.95
C CYS B 166 2.59 32.44 -51.28
N THR B 167 3.52 32.42 -52.24
CA THR B 167 3.21 31.80 -53.54
C THR B 167 3.04 30.31 -53.40
N ASP B 168 3.75 29.68 -52.47
CA ASP B 168 3.47 28.29 -52.15
C ASP B 168 2.04 28.16 -51.66
N LEU B 169 1.42 27.02 -51.97
CA LEU B 169 0.00 26.80 -51.69
C LEU B 169 -0.89 27.81 -52.39
N ARG B 170 -0.49 28.33 -53.55
CA ARG B 170 -1.45 29.01 -54.40
C ARG B 170 -2.45 28.03 -54.98
N VAL B 171 -2.00 26.81 -55.27
CA VAL B 171 -2.88 25.67 -55.45
C VAL B 171 -3.45 25.41 -54.08
N LEU B 172 -4.42 24.52 -53.98
CA LEU B 172 -5.09 24.16 -52.73
C LEU B 172 -6.12 25.22 -52.38
N HIS B 173 -6.18 26.33 -53.12
CA HIS B 173 -7.28 27.28 -52.97
C HIS B 173 -8.50 26.83 -53.76
N GLN B 174 -8.29 26.18 -54.90
CA GLN B 174 -9.38 25.64 -55.70
C GLN B 174 -9.69 24.19 -55.32
N MET B 175 -9.86 23.96 -54.01
CA MET B 175 -10.28 22.68 -53.47
C MET B 175 -11.42 22.93 -52.50
N PRO B 176 -12.66 22.93 -52.96
CA PRO B 176 -13.77 23.10 -52.03
C PRO B 176 -13.78 22.05 -50.93
N LEU B 177 -13.84 20.77 -51.30
CA LEU B 177 -13.86 19.67 -50.35
C LEU B 177 -12.47 19.05 -50.26
N LEU B 178 -11.77 19.30 -49.16
CA LEU B 178 -10.39 18.86 -49.03
C LEU B 178 -10.10 18.52 -47.58
N ASN B 179 -9.78 17.26 -47.33
CA ASN B 179 -9.28 16.81 -46.04
C ASN B 179 -7.82 16.45 -46.22
N LEU B 180 -6.93 17.16 -45.53
CA LEU B 180 -5.49 16.95 -45.68
C LEU B 180 -4.85 16.98 -44.30
N SER B 181 -4.26 15.86 -43.89
CA SER B 181 -3.51 15.78 -42.65
C SER B 181 -2.04 15.94 -43.01
N LEU B 182 -1.51 17.12 -42.68
CA LEU B 182 -0.14 17.45 -43.04
C LEU B 182 0.80 17.18 -41.87
N ASP B 183 2.08 17.00 -42.18
CA ASP B 183 3.07 16.68 -41.15
C ASP B 183 4.42 17.24 -41.57
N LEU B 184 4.95 18.20 -40.80
CA LEU B 184 6.27 18.80 -41.08
C LEU B 184 7.09 18.76 -39.79
N SER B 185 7.74 17.64 -39.54
CA SER B 185 8.54 17.48 -38.33
C SER B 185 10.00 17.33 -38.70
N LEU B 186 10.86 17.95 -37.89
CA LEU B 186 12.31 17.86 -38.03
C LEU B 186 12.79 18.51 -39.34
N ASN B 187 12.06 19.52 -39.81
CA ASN B 187 12.50 20.34 -40.92
C ASN B 187 13.11 21.61 -40.37
N PRO B 188 14.39 21.88 -40.57
CA PRO B 188 14.97 23.08 -39.95
C PRO B 188 14.49 24.34 -40.65
N MET B 189 13.54 25.04 -40.03
CA MET B 189 12.90 26.18 -40.66
C MET B 189 13.11 27.42 -39.81
N ASN B 190 13.35 28.54 -40.50
CA ASN B 190 13.63 29.80 -39.84
C ASN B 190 12.94 30.99 -40.45
N PHE B 191 11.96 30.80 -41.34
CA PHE B 191 11.29 31.92 -41.98
C PHE B 191 9.96 31.45 -42.55
N ILE B 192 8.87 32.03 -42.06
CA ILE B 192 7.54 31.85 -42.61
C ILE B 192 6.99 33.25 -42.85
N GLN B 193 6.97 33.69 -44.09
CA GLN B 193 6.57 35.05 -44.36
C GLN B 193 5.06 35.20 -44.18
N PRO B 194 4.60 36.31 -43.60
CA PRO B 194 3.20 36.39 -43.17
C PRO B 194 2.24 36.39 -44.35
N GLY B 195 1.08 35.79 -44.13
CA GLY B 195 0.09 35.66 -45.17
C GLY B 195 0.18 34.38 -45.98
N ALA B 196 1.18 33.53 -45.73
CA ALA B 196 1.30 32.27 -46.44
C ALA B 196 0.06 31.41 -46.23
N PHE B 197 -0.19 31.01 -44.98
CA PHE B 197 -1.41 30.30 -44.63
C PHE B 197 -2.51 31.32 -44.47
N LYS B 198 -3.55 31.22 -45.30
CA LYS B 198 -4.66 32.16 -45.27
C LYS B 198 -5.75 31.61 -46.17
N GLU B 199 -6.98 31.60 -45.66
CA GLU B 199 -8.09 30.86 -46.25
C GLU B 199 -7.76 29.39 -46.48
N ILE B 200 -6.77 28.86 -45.80
CA ILE B 200 -6.37 27.46 -45.92
C ILE B 200 -7.02 26.68 -44.79
N ARG B 201 -7.33 25.41 -45.06
CA ARG B 201 -7.96 24.54 -44.08
C ARG B 201 -7.23 23.20 -44.04
N LEU B 202 -6.70 22.86 -42.88
CA LEU B 202 -6.09 21.56 -42.66
C LEU B 202 -6.91 20.79 -41.63
N HIS B 203 -6.75 19.47 -41.65
CA HIS B 203 -7.41 18.60 -40.69
C HIS B 203 -6.50 18.16 -39.56
N LYS B 204 -5.19 18.20 -39.77
CA LYS B 204 -4.23 17.96 -38.71
C LYS B 204 -2.94 18.65 -39.13
N LEU B 205 -2.14 19.04 -38.14
CA LEU B 205 -0.86 19.67 -38.42
C LEU B 205 0.10 19.39 -37.28
N THR B 206 1.24 18.79 -37.58
CA THR B 206 2.22 18.39 -36.60
C THR B 206 3.52 19.15 -36.84
N LEU B 207 3.98 19.89 -35.82
CA LEU B 207 5.23 20.65 -35.90
C LEU B 207 6.07 20.35 -34.66
N ARG B 208 6.84 19.27 -34.72
CA ARG B 208 7.64 18.85 -33.57
C ARG B 208 9.12 18.97 -33.91
N ASN B 209 9.84 19.72 -33.07
CA ASN B 209 11.31 19.78 -33.11
C ASN B 209 11.81 20.39 -34.42
N ASN B 210 11.28 21.55 -34.78
CA ASN B 210 11.74 22.26 -35.97
C ASN B 210 11.94 23.75 -35.69
N PHE B 211 12.18 24.11 -34.43
CA PHE B 211 12.50 25.46 -34.03
C PHE B 211 13.71 25.41 -33.10
N ASP B 212 14.72 26.22 -33.41
CA ASP B 212 16.01 26.15 -32.72
C ASP B 212 16.12 27.06 -31.51
N SER B 213 15.23 28.03 -31.34
CA SER B 213 15.28 28.95 -30.22
C SER B 213 13.86 29.32 -29.83
N LEU B 214 13.73 30.35 -29.00
CA LEU B 214 12.41 30.82 -28.60
C LEU B 214 11.91 31.91 -29.55
N ASN B 215 12.80 32.79 -30.00
CA ASN B 215 12.40 33.89 -30.88
C ASN B 215 12.08 33.38 -32.27
N VAL B 216 12.85 32.41 -32.75
CA VAL B 216 12.53 31.76 -34.02
C VAL B 216 11.13 31.18 -33.98
N MET B 217 10.83 30.42 -32.92
CA MET B 217 9.51 29.84 -32.76
C MET B 217 8.44 30.91 -32.70
N LYS B 218 8.71 32.01 -31.99
CA LYS B 218 7.70 33.07 -31.87
C LYS B 218 7.38 33.66 -33.24
N THR B 219 8.40 34.05 -33.99
CA THR B 219 8.16 34.64 -35.30
C THR B 219 7.51 33.64 -36.25
N CYS B 220 7.89 32.37 -36.19
CA CYS B 220 7.27 31.38 -37.06
C CYS B 220 5.79 31.19 -36.74
N ILE B 221 5.45 31.12 -35.45
CA ILE B 221 4.05 31.05 -35.08
C ILE B 221 3.31 32.30 -35.56
N GLN B 222 3.99 33.44 -35.53
CA GLN B 222 3.37 34.66 -36.09
C GLN B 222 3.12 34.51 -37.58
N GLY B 223 4.03 33.83 -38.30
CA GLY B 223 3.84 33.58 -39.72
C GLY B 223 2.59 32.78 -40.04
N LEU B 224 2.10 32.00 -39.09
CA LEU B 224 0.82 31.30 -39.22
C LEU B 224 -0.24 32.26 -38.72
N ALA B 225 -1.25 32.51 -39.54
CA ALA B 225 -2.31 33.45 -39.19
C ALA B 225 -3.52 33.18 -40.06
N GLY B 226 -4.63 32.84 -39.43
CA GLY B 226 -5.81 32.45 -40.17
C GLY B 226 -5.75 31.04 -40.71
N LEU B 227 -5.08 30.13 -40.02
CA LEU B 227 -4.78 28.82 -40.58
C LEU B 227 -5.98 27.88 -40.48
N GLU B 228 -6.71 27.88 -39.37
CA GLU B 228 -7.86 27.02 -39.17
C GLU B 228 -7.49 25.54 -39.31
N VAL B 229 -6.72 25.05 -38.35
CA VAL B 229 -6.40 23.64 -38.24
C VAL B 229 -7.33 22.99 -37.21
N HIS B 230 -7.87 21.82 -37.55
CA HIS B 230 -8.76 21.11 -36.65
C HIS B 230 -8.01 20.50 -35.46
N ARG B 231 -6.77 20.07 -35.65
CA ARG B 231 -6.00 19.47 -34.57
C ARG B 231 -4.55 19.84 -34.75
N LEU B 232 -3.98 20.51 -33.75
CA LEU B 232 -2.60 20.98 -33.80
C LEU B 232 -1.77 20.20 -32.79
N VAL B 233 -0.58 19.77 -33.21
CA VAL B 233 0.34 19.04 -32.35
C VAL B 233 1.68 19.75 -32.37
N LEU B 234 2.13 20.21 -31.21
CA LEU B 234 3.45 20.81 -31.05
C LEU B 234 4.27 19.99 -30.07
N GLY B 235 5.55 20.32 -29.99
CA GLY B 235 6.41 19.64 -29.05
C GLY B 235 7.79 19.42 -29.61
N GLU B 236 8.46 18.37 -29.16
CA GLU B 236 9.79 18.03 -29.65
C GLU B 236 10.06 16.58 -29.25
N PHE B 237 11.27 16.11 -29.52
CA PHE B 237 11.63 14.73 -29.28
C PHE B 237 12.76 14.67 -28.26
N ARG B 238 12.69 13.68 -27.38
CA ARG B 238 13.79 13.44 -26.43
C ARG B 238 15.07 13.04 -27.15
N ASN B 239 14.96 12.65 -28.42
CA ASN B 239 16.11 12.12 -29.13
C ASN B 239 17.03 13.22 -29.65
N GLU B 240 16.56 14.46 -29.71
CA GLU B 240 17.30 15.52 -30.38
C GLU B 240 17.54 16.75 -29.50
N GLY B 241 18.03 17.83 -30.10
CA GLY B 241 18.23 19.05 -29.34
C GLY B 241 16.89 19.73 -29.05
N ASN B 242 16.84 20.42 -27.92
CA ASN B 242 15.58 20.93 -27.39
C ASN B 242 15.67 22.43 -27.11
N LEU B 243 14.50 22.99 -26.80
CA LEU B 243 14.38 24.41 -26.48
C LEU B 243 14.96 24.70 -25.10
N GLU B 244 15.90 25.65 -25.06
CA GLU B 244 16.54 26.04 -23.81
C GLU B 244 15.62 26.82 -22.90
N LYS B 245 14.42 27.16 -23.37
CA LYS B 245 13.62 28.18 -22.70
C LYS B 245 12.18 28.01 -23.15
N PHE B 246 11.26 28.24 -22.22
CA PHE B 246 9.84 28.16 -22.53
C PHE B 246 9.08 28.96 -21.47
N ASP B 247 8.66 30.17 -21.81
CA ASP B 247 8.03 31.06 -20.85
C ASP B 247 6.67 31.50 -21.36
N LYS B 248 6.05 32.41 -20.61
CA LYS B 248 4.69 32.85 -20.89
C LYS B 248 4.60 33.62 -22.21
N SER B 249 5.70 34.25 -22.63
CA SER B 249 5.68 34.97 -23.90
C SER B 249 5.67 34.02 -25.08
N ALA B 250 6.25 32.84 -24.94
CA ALA B 250 6.17 31.85 -25.99
C ALA B 250 4.71 31.42 -26.18
N LEU B 251 4.46 30.75 -27.30
CA LEU B 251 3.15 30.18 -27.57
C LEU B 251 2.09 31.27 -27.70
N GLU B 252 2.50 32.53 -27.60
CA GLU B 252 1.61 33.64 -27.82
C GLU B 252 1.51 33.92 -29.32
N GLY B 253 0.47 34.65 -29.71
CA GLY B 253 0.14 34.78 -31.11
C GLY B 253 -0.52 33.57 -31.70
N LEU B 254 -0.60 32.48 -30.95
CA LEU B 254 -1.36 31.30 -31.35
C LEU B 254 -2.85 31.56 -31.26
N CYS B 255 -3.25 32.78 -30.93
CA CYS B 255 -4.64 33.20 -30.80
C CYS B 255 -5.23 33.77 -32.08
N ASN B 256 -4.42 33.97 -33.12
CA ASN B 256 -4.94 34.37 -34.42
C ASN B 256 -5.39 33.17 -35.25
N LEU B 257 -5.18 31.96 -34.77
CA LEU B 257 -5.57 30.75 -35.46
C LEU B 257 -6.97 30.33 -35.00
N THR B 258 -7.45 29.23 -35.56
CA THR B 258 -8.73 28.64 -35.18
C THR B 258 -8.46 27.17 -34.88
N ILE B 259 -8.11 26.86 -33.64
CA ILE B 259 -7.77 25.52 -33.21
C ILE B 259 -8.98 24.89 -32.54
N GLU B 260 -9.11 23.58 -32.69
CA GLU B 260 -10.17 22.84 -32.01
C GLU B 260 -9.65 21.77 -31.08
N GLU B 261 -8.53 21.12 -31.40
CA GLU B 261 -7.88 20.17 -30.50
C GLU B 261 -6.40 20.48 -30.46
N PHE B 262 -5.83 20.47 -29.28
CA PHE B 262 -4.43 20.83 -29.10
C PHE B 262 -3.70 19.72 -28.36
N ARG B 263 -2.45 19.47 -28.75
CA ARG B 263 -1.58 18.60 -27.96
C ARG B 263 -0.17 19.18 -27.93
N LEU B 264 0.45 19.14 -26.76
CA LEU B 264 1.84 19.46 -26.56
C LEU B 264 2.55 18.21 -26.07
N ALA B 265 3.53 17.72 -26.83
CA ALA B 265 4.18 16.45 -26.55
C ALA B 265 5.63 16.68 -26.20
N TYR B 266 6.03 16.31 -24.98
CA TYR B 266 7.43 16.25 -24.55
C TYR B 266 8.23 17.55 -24.60
N LEU B 267 7.83 18.49 -23.74
CA LEU B 267 8.79 19.51 -23.33
C LEU B 267 9.92 18.97 -22.46
N ASP B 268 11.09 19.61 -22.58
CA ASP B 268 12.24 19.30 -21.73
C ASP B 268 12.53 20.39 -20.71
N TYR B 269 11.87 21.54 -20.80
CA TYR B 269 12.04 22.61 -19.84
C TYR B 269 11.03 22.48 -18.72
N TYR B 270 11.49 22.69 -17.49
CA TYR B 270 10.64 22.53 -16.30
C TYR B 270 9.68 23.72 -16.22
N LEU B 271 8.54 23.56 -16.86
CA LEU B 271 7.51 24.59 -16.84
C LEU B 271 7.09 24.88 -15.40
N ASP B 272 6.76 26.14 -15.12
CA ASP B 272 6.55 26.57 -13.74
C ASP B 272 5.19 27.20 -13.44
N ASP B 273 4.37 27.50 -14.43
CA ASP B 273 3.01 27.97 -14.17
C ASP B 273 2.20 27.84 -15.44
N ILE B 274 0.97 27.36 -15.31
CA ILE B 274 0.23 26.95 -16.50
C ILE B 274 -0.56 28.09 -17.14
N ILE B 275 -0.96 29.10 -16.38
CA ILE B 275 -1.74 30.20 -16.95
C ILE B 275 -0.81 31.37 -17.22
N ASP B 276 -1.24 32.25 -18.13
CA ASP B 276 -0.40 33.21 -18.85
C ASP B 276 0.49 32.45 -19.82
N LEU B 277 0.44 31.14 -19.73
CA LEU B 277 0.78 30.19 -20.76
C LEU B 277 -0.51 29.46 -21.09
N PHE B 278 -0.59 28.84 -22.25
CA PHE B 278 -1.83 28.21 -22.68
C PHE B 278 -2.99 29.21 -22.59
N ASN B 279 -2.67 30.50 -22.66
CA ASN B 279 -3.63 31.53 -22.32
C ASN B 279 -4.72 31.63 -23.37
N CYS B 280 -4.33 31.78 -24.63
CA CYS B 280 -5.32 31.81 -25.69
C CYS B 280 -5.58 30.44 -26.29
N LEU B 281 -5.17 29.37 -25.61
CA LEU B 281 -5.70 28.04 -25.88
C LEU B 281 -6.88 27.72 -24.98
N THR B 282 -7.82 28.65 -24.88
CA THR B 282 -9.12 28.36 -24.32
C THR B 282 -10.12 28.26 -25.48
N ASN B 283 -11.30 27.74 -25.17
CA ASN B 283 -12.33 27.39 -26.15
C ASN B 283 -11.90 26.22 -27.02
N VAL B 284 -10.67 25.73 -26.87
CA VAL B 284 -10.29 24.46 -27.46
C VAL B 284 -11.07 23.35 -26.76
N SER B 285 -11.68 22.47 -27.55
CA SER B 285 -12.55 21.46 -26.96
C SER B 285 -11.79 20.26 -26.41
N SER B 286 -10.52 20.08 -26.77
CA SER B 286 -9.75 18.93 -26.30
C SER B 286 -8.33 19.37 -25.99
N PHE B 287 -7.86 19.09 -24.79
CA PHE B 287 -6.54 19.50 -24.33
C PHE B 287 -5.77 18.27 -23.86
N SER B 288 -4.48 18.24 -24.15
CA SER B 288 -3.69 17.06 -23.81
C SER B 288 -2.24 17.45 -23.58
N LEU B 289 -1.62 16.80 -22.59
CA LEU B 289 -0.19 16.89 -22.34
C LEU B 289 0.39 15.50 -22.23
N VAL B 290 1.57 15.32 -22.84
CA VAL B 290 2.28 14.04 -22.82
C VAL B 290 3.74 14.32 -22.53
N SER B 291 4.22 13.84 -21.39
CA SER B 291 5.63 13.92 -21.00
C SER B 291 6.08 15.35 -20.73
N VAL B 292 5.27 16.14 -20.04
CA VAL B 292 5.63 17.49 -19.64
C VAL B 292 5.79 17.53 -18.13
N THR B 293 6.89 18.12 -17.67
CA THR B 293 7.23 18.14 -16.25
C THR B 293 6.79 19.48 -15.65
N ILE B 294 5.49 19.62 -15.42
CA ILE B 294 5.00 20.75 -14.66
C ILE B 294 4.91 20.35 -13.20
N GLU B 295 6.03 20.37 -12.49
CA GLU B 295 6.05 19.87 -11.12
C GLU B 295 6.07 20.99 -10.09
N ARG B 296 6.54 22.18 -10.44
CA ARG B 296 6.47 23.32 -9.54
C ARG B 296 5.48 24.29 -10.18
N VAL B 297 4.20 24.03 -9.96
CA VAL B 297 3.11 24.90 -10.41
C VAL B 297 2.12 24.99 -9.27
N LYS B 298 1.70 26.20 -8.93
CA LYS B 298 0.85 26.42 -7.77
C LYS B 298 -0.61 26.64 -8.11
N ASP B 299 -0.90 27.44 -9.12
CA ASP B 299 -2.27 27.84 -9.46
C ASP B 299 -2.73 27.06 -10.68
N PHE B 300 -3.28 25.87 -10.43
CA PHE B 300 -3.92 25.11 -11.50
C PHE B 300 -5.38 25.52 -11.69
N SER B 301 -5.99 26.12 -10.67
CA SER B 301 -7.41 26.47 -10.74
C SER B 301 -7.61 27.70 -11.62
N TYR B 302 -8.38 27.52 -12.69
CA TYR B 302 -8.75 28.58 -13.62
C TYR B 302 -9.85 28.03 -14.50
N ASN B 303 -10.63 28.92 -15.08
CA ASN B 303 -11.82 28.52 -15.83
C ASN B 303 -11.49 28.48 -17.31
N PHE B 304 -11.10 27.30 -17.79
CA PHE B 304 -10.99 27.02 -19.20
C PHE B 304 -12.27 26.37 -19.71
N GLY B 305 -12.56 26.55 -20.98
CA GLY B 305 -13.56 25.71 -21.60
C GLY B 305 -12.92 24.54 -22.31
N TRP B 306 -12.82 23.40 -21.62
CA TRP B 306 -12.19 22.20 -22.14
C TRP B 306 -13.13 21.05 -21.89
N GLN B 307 -13.68 20.47 -22.93
CA GLN B 307 -14.60 19.35 -22.76
C GLN B 307 -13.89 18.02 -22.57
N HIS B 308 -12.61 17.92 -22.90
CA HIS B 308 -11.85 16.70 -22.68
C HIS B 308 -10.42 17.08 -22.34
N LEU B 309 -9.89 16.46 -21.29
CA LEU B 309 -8.54 16.75 -20.81
C LEU B 309 -7.79 15.44 -20.63
N GLU B 310 -6.52 15.43 -21.00
CA GLU B 310 -5.71 14.23 -20.85
C GLU B 310 -4.30 14.60 -20.43
N LEU B 311 -3.79 13.90 -19.41
CA LEU B 311 -2.43 14.12 -18.87
C LEU B 311 -1.79 12.74 -18.81
N VAL B 312 -0.86 12.44 -19.70
CA VAL B 312 -0.27 11.11 -19.75
C VAL B 312 1.24 11.22 -19.59
N ASN B 313 1.79 10.45 -18.66
CA ASN B 313 3.23 10.30 -18.46
C ASN B 313 3.91 11.58 -17.99
N CYS B 314 3.19 12.46 -17.32
CA CYS B 314 3.76 13.71 -16.83
C CYS B 314 4.24 13.55 -15.39
N LYS B 315 5.16 14.43 -14.99
CA LYS B 315 5.62 14.50 -13.62
C LYS B 315 4.98 15.70 -12.93
N PHE B 316 4.60 15.51 -11.67
CA PHE B 316 3.97 16.56 -10.89
C PHE B 316 4.58 16.58 -9.51
N GLY B 317 4.40 17.71 -8.82
CA GLY B 317 4.78 17.80 -7.43
C GLY B 317 3.60 17.49 -6.53
N GLN B 318 2.49 18.18 -6.75
CA GLN B 318 1.26 17.94 -6.03
C GLN B 318 0.18 17.54 -7.02
N PHE B 319 -0.88 16.94 -6.53
CA PHE B 319 -1.99 16.66 -7.40
C PHE B 319 -2.60 17.97 -7.87
N PRO B 320 -2.73 18.20 -9.18
CA PRO B 320 -3.29 19.46 -9.65
C PRO B 320 -4.72 19.65 -9.19
N THR B 321 -5.02 20.85 -8.71
CA THR B 321 -6.36 21.19 -8.25
C THR B 321 -7.15 21.76 -9.42
N LEU B 322 -8.14 21.00 -9.90
CA LEU B 322 -8.87 21.36 -11.10
C LEU B 322 -10.20 21.99 -10.73
N LYS B 323 -10.57 23.06 -11.43
CA LYS B 323 -11.87 23.70 -11.29
C LYS B 323 -12.34 24.07 -12.70
N LEU B 324 -13.07 23.16 -13.32
CA LEU B 324 -13.48 23.29 -14.72
C LEU B 324 -14.97 23.08 -14.82
N LYS B 325 -15.70 24.08 -15.30
CA LYS B 325 -17.15 24.02 -15.25
C LYS B 325 -17.73 23.08 -16.29
N SER B 326 -17.03 22.88 -17.41
CA SER B 326 -17.53 22.00 -18.47
C SER B 326 -16.38 21.09 -18.93
N LEU B 327 -16.20 19.97 -18.24
CA LEU B 327 -15.16 18.99 -18.58
C LEU B 327 -15.76 17.61 -18.43
N LYS B 328 -16.17 17.00 -19.55
CA LYS B 328 -16.92 15.76 -19.49
C LYS B 328 -16.04 14.53 -19.26
N ARG B 329 -14.79 14.54 -19.70
CA ARG B 329 -13.95 13.36 -19.58
C ARG B 329 -12.57 13.76 -19.11
N LEU B 330 -12.02 12.98 -18.20
CA LEU B 330 -10.68 13.23 -17.67
C LEU B 330 -9.90 11.93 -17.69
N THR B 331 -8.67 11.99 -18.18
CA THR B 331 -7.78 10.85 -18.18
C THR B 331 -6.46 11.27 -17.57
N PHE B 332 -6.12 10.66 -16.43
CA PHE B 332 -4.92 10.98 -15.66
C PHE B 332 -4.21 9.67 -15.38
N THR B 333 -3.40 9.20 -16.32
CA THR B 333 -2.87 7.85 -16.25
C THR B 333 -1.35 7.85 -16.41
N SER B 334 -0.70 6.94 -15.71
CA SER B 334 0.71 6.65 -15.84
C SER B 334 1.61 7.80 -15.44
N ASN B 335 1.13 8.75 -14.65
CA ASN B 335 1.97 9.84 -14.19
C ASN B 335 2.87 9.37 -13.06
N LYS B 336 3.86 10.18 -12.72
CA LYS B 336 4.98 9.70 -11.92
C LYS B 336 5.22 10.42 -10.60
N GLY B 337 5.17 11.74 -10.57
CA GLY B 337 5.79 12.46 -9.48
C GLY B 337 5.17 12.34 -8.10
N GLY B 338 3.98 12.94 -7.91
CA GLY B 338 3.42 13.10 -6.59
C GLY B 338 2.37 12.06 -6.25
N ASN B 339 2.35 11.61 -5.00
CA ASN B 339 1.55 10.46 -4.60
C ASN B 339 0.63 10.88 -3.44
N ALA B 340 -0.50 11.45 -3.80
CA ALA B 340 -1.60 11.79 -2.89
C ALA B 340 -2.75 12.26 -3.78
N PHE B 341 -3.92 12.45 -3.20
CA PHE B 341 -5.05 12.91 -3.98
C PHE B 341 -5.78 13.97 -3.18
N SER B 342 -6.24 15.01 -3.87
CA SER B 342 -6.96 16.10 -3.22
C SER B 342 -8.24 16.36 -3.99
N GLU B 343 -9.17 17.04 -3.33
CA GLU B 343 -10.49 17.27 -3.89
C GLU B 343 -10.40 18.08 -5.19
N VAL B 344 -11.24 17.71 -6.15
CA VAL B 344 -11.41 18.44 -7.39
C VAL B 344 -12.86 18.88 -7.46
N ASP B 345 -13.15 19.80 -8.37
CA ASP B 345 -14.49 20.35 -8.53
C ASP B 345 -14.87 20.35 -10.01
N LEU B 346 -15.50 19.27 -10.45
CA LEU B 346 -15.85 19.06 -11.85
C LEU B 346 -17.35 18.84 -11.93
N PRO B 347 -18.15 19.90 -11.99
CA PRO B 347 -19.61 19.74 -11.91
C PRO B 347 -20.21 18.94 -13.04
N SER B 348 -19.57 18.90 -14.21
CA SER B 348 -20.10 18.17 -15.36
C SER B 348 -19.05 17.20 -15.84
N LEU B 349 -18.98 16.03 -15.20
CA LEU B 349 -17.97 15.03 -15.49
C LEU B 349 -18.63 13.67 -15.51
N GLU B 350 -18.33 12.87 -16.53
CA GLU B 350 -18.99 11.58 -16.70
C GLU B 350 -18.01 10.42 -16.83
N PHE B 351 -16.73 10.69 -17.01
CA PHE B 351 -15.76 9.62 -17.22
C PHE B 351 -14.50 10.01 -16.47
N LEU B 352 -14.05 9.13 -15.59
CA LEU B 352 -12.87 9.37 -14.80
C LEU B 352 -11.94 8.16 -14.83
N ASP B 353 -10.65 8.42 -14.93
CA ASP B 353 -9.67 7.35 -15.07
C ASP B 353 -8.38 7.83 -14.42
N LEU B 354 -8.09 7.31 -13.23
CA LEU B 354 -6.83 7.56 -12.54
C LEU B 354 -6.19 6.21 -12.30
N SER B 355 -5.53 5.68 -13.31
CA SER B 355 -4.97 4.34 -13.25
C SER B 355 -3.46 4.42 -13.40
N ARG B 356 -2.77 3.55 -12.67
CA ARG B 356 -1.33 3.35 -12.79
C ARG B 356 -0.53 4.59 -12.38
N ASN B 357 -1.10 5.45 -11.53
CA ASN B 357 -0.34 6.58 -11.01
C ASN B 357 0.35 6.24 -9.70
N GLY B 358 -0.15 5.26 -8.97
CA GLY B 358 0.42 4.92 -7.69
C GLY B 358 0.11 5.89 -6.58
N LEU B 359 -0.97 6.66 -6.69
CA LEU B 359 -1.27 7.67 -5.70
C LEU B 359 -2.24 7.15 -4.65
N SER B 360 -2.22 7.77 -3.48
CA SER B 360 -2.94 7.31 -2.32
C SER B 360 -4.21 8.12 -2.09
N PHE B 361 -5.18 7.48 -1.47
CA PHE B 361 -6.43 8.12 -1.09
C PHE B 361 -6.59 8.02 0.42
N LYS B 362 -7.48 8.85 0.96
CA LYS B 362 -7.84 8.77 2.36
C LYS B 362 -9.30 9.21 2.48
N GLY B 363 -10.18 8.27 2.79
CA GLY B 363 -11.59 8.55 2.66
C GLY B 363 -11.93 8.67 1.20
N CYS B 364 -11.88 7.55 0.48
CA CYS B 364 -11.73 7.59 -0.98
C CYS B 364 -12.89 8.32 -1.66
N CYS B 365 -14.10 7.79 -1.52
CA CYS B 365 -15.10 7.97 -2.56
C CYS B 365 -16.37 8.57 -1.99
N SER B 366 -16.73 9.74 -2.48
CA SER B 366 -17.94 10.47 -2.13
C SER B 366 -18.11 11.57 -3.17
N GLN B 367 -19.33 12.09 -3.27
CA GLN B 367 -19.52 13.15 -4.24
C GLN B 367 -18.93 14.48 -3.79
N SER B 368 -18.32 14.53 -2.62
CA SER B 368 -17.57 15.70 -2.18
C SER B 368 -16.11 15.61 -2.54
N ASP B 369 -15.64 14.45 -3.02
CA ASP B 369 -14.27 14.31 -3.48
C ASP B 369 -14.11 14.70 -4.94
N PHE B 370 -15.14 14.49 -5.75
CA PHE B 370 -15.06 14.79 -7.17
C PHE B 370 -15.94 15.95 -7.60
N GLY B 371 -16.84 16.42 -6.74
CA GLY B 371 -17.68 17.55 -7.06
C GLY B 371 -18.77 17.30 -8.06
N THR B 372 -18.83 16.12 -8.67
CA THR B 372 -19.84 15.81 -9.65
C THR B 372 -20.96 14.98 -9.03
N THR B 373 -22.01 14.76 -9.82
CA THR B 373 -23.12 13.92 -9.39
C THR B 373 -23.59 12.96 -10.46
N SER B 374 -23.01 13.01 -11.67
CA SER B 374 -23.36 12.08 -12.74
C SER B 374 -22.06 11.51 -13.30
N LEU B 375 -21.52 10.50 -12.64
CA LEU B 375 -20.24 9.89 -13.00
C LEU B 375 -20.51 8.44 -13.33
N LYS B 376 -20.39 8.07 -14.60
CA LYS B 376 -20.75 6.74 -15.05
C LYS B 376 -19.60 5.75 -14.98
N TYR B 377 -18.36 6.21 -14.90
CA TYR B 377 -17.21 5.34 -15.06
C TYR B 377 -16.13 5.79 -14.09
N LEU B 378 -15.50 4.84 -13.42
CA LEU B 378 -14.48 5.15 -12.43
C LEU B 378 -13.45 4.04 -12.41
N ASP B 379 -12.19 4.41 -12.58
CA ASP B 379 -11.10 3.43 -12.62
C ASP B 379 -10.00 3.91 -11.69
N LEU B 380 -9.77 3.17 -10.61
CA LEU B 380 -8.76 3.52 -9.62
C LEU B 380 -7.77 2.37 -9.45
N SER B 381 -7.59 1.57 -10.49
CA SER B 381 -6.76 0.38 -10.41
C SER B 381 -5.28 0.72 -10.49
N PHE B 382 -4.47 -0.16 -9.91
CA PHE B 382 -3.01 -0.05 -9.93
C PHE B 382 -2.50 1.20 -9.22
N ASN B 383 -3.16 1.60 -8.13
CA ASN B 383 -2.75 2.73 -7.32
C ASN B 383 -2.16 2.23 -6.01
N GLY B 384 -1.80 3.15 -5.12
CA GLY B 384 -1.10 2.76 -3.91
C GLY B 384 -1.88 2.23 -2.73
N VAL B 385 -2.68 3.07 -2.07
CA VAL B 385 -3.39 2.70 -0.85
C VAL B 385 -4.69 3.48 -0.78
N ILE B 386 -5.82 2.78 -0.77
CA ILE B 386 -7.14 3.41 -0.71
C ILE B 386 -7.79 3.02 0.60
N THR B 387 -8.17 4.03 1.38
CA THR B 387 -8.81 3.83 2.67
C THR B 387 -10.28 4.15 2.54
N MET B 388 -11.13 3.18 2.87
CA MET B 388 -12.57 3.35 2.77
C MET B 388 -13.09 3.98 4.04
N SER B 389 -13.69 5.16 3.91
CA SER B 389 -14.31 5.83 5.04
C SER B 389 -15.68 6.38 4.69
N SER B 390 -16.22 6.04 3.52
CA SER B 390 -17.56 6.48 3.14
C SER B 390 -18.04 5.57 2.03
N ASN B 391 -19.18 4.93 2.23
CA ASN B 391 -19.81 4.26 1.11
C ASN B 391 -20.28 5.33 0.13
N PHE B 392 -20.36 4.96 -1.15
CA PHE B 392 -20.29 5.94 -2.22
C PHE B 392 -21.55 6.79 -2.12
N LEU B 393 -21.41 7.99 -1.57
CA LEU B 393 -22.53 8.80 -1.15
C LEU B 393 -22.67 9.93 -2.16
N GLY B 394 -23.81 9.97 -2.84
CA GLY B 394 -24.01 10.91 -3.92
C GLY B 394 -23.56 10.44 -5.28
N LEU B 395 -23.13 9.19 -5.39
CA LEU B 395 -22.66 8.61 -6.65
C LEU B 395 -23.58 7.49 -7.13
N GLU B 396 -24.89 7.68 -7.02
CA GLU B 396 -25.86 6.62 -7.29
C GLU B 396 -26.03 6.29 -8.76
N GLN B 397 -25.30 6.93 -9.67
CA GLN B 397 -25.38 6.61 -11.09
C GLN B 397 -23.98 6.26 -11.55
N LEU B 398 -23.57 5.02 -11.31
CA LEU B 398 -22.19 4.61 -11.55
C LEU B 398 -22.23 3.14 -11.94
N GLU B 399 -21.87 2.84 -13.18
CA GLU B 399 -22.07 1.50 -13.72
C GLU B 399 -20.78 0.70 -13.85
N HIS B 400 -19.62 1.32 -13.71
CA HIS B 400 -18.35 0.66 -13.88
C HIS B 400 -17.42 1.10 -12.77
N LEU B 401 -16.81 0.15 -12.08
CA LEU B 401 -15.95 0.44 -10.96
C LEU B 401 -14.83 -0.59 -10.90
N ASP B 402 -13.59 -0.12 -10.95
CA ASP B 402 -12.43 -0.99 -11.01
C ASP B 402 -11.44 -0.58 -9.94
N PHE B 403 -10.97 -1.56 -9.16
CA PHE B 403 -10.03 -1.32 -8.08
C PHE B 403 -8.81 -2.22 -8.14
N GLN B 404 -8.70 -3.09 -9.15
CA GLN B 404 -7.80 -4.23 -9.06
C GLN B 404 -6.36 -3.81 -8.88
N HIS B 405 -5.65 -4.54 -8.02
CA HIS B 405 -4.23 -4.38 -7.73
C HIS B 405 -3.91 -3.12 -6.94
N SER B 406 -4.92 -2.47 -6.38
CA SER B 406 -4.70 -1.42 -5.39
C SER B 406 -4.56 -2.07 -4.02
N ASN B 407 -4.58 -1.28 -2.96
CA ASN B 407 -4.49 -1.80 -1.60
C ASN B 407 -5.64 -1.20 -0.80
N LEU B 408 -6.74 -1.91 -0.73
CA LEU B 408 -7.92 -1.44 -0.03
C LEU B 408 -7.79 -1.68 1.46
N LYS B 409 -8.44 -0.84 2.24
CA LYS B 409 -8.39 -0.93 3.70
C LYS B 409 -9.77 -0.64 4.26
N GLN B 410 -10.09 -1.30 5.38
CA GLN B 410 -11.34 -1.11 6.10
C GLN B 410 -12.54 -1.54 5.26
N MET B 411 -12.37 -2.58 4.46
CA MET B 411 -13.43 -3.00 3.56
C MET B 411 -14.45 -3.92 4.22
N SER B 412 -14.16 -4.47 5.39
CA SER B 412 -15.10 -5.34 6.10
C SER B 412 -15.62 -4.70 7.37
N GLU B 413 -15.63 -3.37 7.46
CA GLU B 413 -16.07 -2.70 8.66
C GLU B 413 -17.45 -2.08 8.55
N PHE B 414 -18.03 -2.08 7.36
CA PHE B 414 -19.41 -1.64 7.13
C PHE B 414 -19.76 -2.08 5.72
N SER B 415 -20.98 -1.73 5.28
CA SER B 415 -21.40 -2.03 3.92
C SER B 415 -20.81 -0.99 2.99
N VAL B 416 -19.75 -1.36 2.27
CA VAL B 416 -18.98 -0.36 1.53
C VAL B 416 -19.68 0.04 0.23
N PHE B 417 -20.27 -0.90 -0.50
CA PHE B 417 -21.00 -0.59 -1.73
C PHE B 417 -22.50 -0.56 -1.44
N LEU B 418 -22.92 0.33 -0.55
CA LEU B 418 -24.32 0.32 -0.14
C LEU B 418 -25.21 1.23 -0.97
N SER B 419 -24.64 2.26 -1.61
CA SER B 419 -25.43 3.19 -2.41
C SER B 419 -25.49 2.84 -3.88
N LEU B 420 -24.61 1.95 -4.35
CA LEU B 420 -24.43 1.71 -5.79
C LEU B 420 -25.49 0.74 -6.30
N ARG B 421 -26.69 1.26 -6.48
CA ARG B 421 -27.81 0.43 -6.90
C ARG B 421 -27.88 0.21 -8.40
N ASN B 422 -27.14 0.97 -9.20
CA ASN B 422 -27.07 0.75 -10.65
C ASN B 422 -25.61 0.48 -10.99
N LEU B 423 -25.16 -0.74 -10.76
CA LEU B 423 -23.76 -1.09 -11.01
C LEU B 423 -23.74 -2.43 -11.71
N ILE B 424 -23.01 -2.51 -12.82
CA ILE B 424 -23.03 -3.69 -13.67
C ILE B 424 -21.72 -4.44 -13.51
N TYR B 425 -20.64 -3.71 -13.33
CA TYR B 425 -19.30 -4.26 -13.36
C TYR B 425 -18.57 -3.86 -12.09
N LEU B 426 -17.95 -4.83 -11.43
CA LEU B 426 -17.16 -4.58 -10.23
C LEU B 426 -15.95 -5.50 -10.25
N ASP B 427 -14.77 -4.92 -10.07
CA ASP B 427 -13.51 -5.67 -10.11
C ASP B 427 -12.70 -5.31 -8.87
N ILE B 428 -12.68 -6.20 -7.90
CA ILE B 428 -11.78 -6.07 -6.75
C ILE B 428 -10.91 -7.33 -6.70
N SER B 429 -9.82 -7.33 -7.45
CA SER B 429 -8.98 -8.50 -7.58
C SER B 429 -7.57 -8.14 -7.17
N HIS B 430 -6.97 -9.01 -6.35
CA HIS B 430 -5.63 -8.80 -5.84
C HIS B 430 -5.51 -7.51 -5.03
N THR B 431 -6.63 -7.02 -4.51
CA THR B 431 -6.60 -6.10 -3.39
C THR B 431 -6.48 -6.93 -2.12
N HIS B 432 -5.64 -6.50 -1.20
CA HIS B 432 -5.35 -7.37 -0.06
C HIS B 432 -6.53 -7.41 0.90
N THR B 433 -7.64 -7.97 0.47
CA THR B 433 -8.89 -7.99 1.20
C THR B 433 -9.07 -9.31 1.95
N ARG B 434 -9.65 -9.21 3.14
CA ARG B 434 -9.94 -10.38 3.98
C ARG B 434 -11.41 -10.29 4.35
N VAL B 435 -12.25 -11.00 3.60
CA VAL B 435 -13.70 -10.91 3.78
C VAL B 435 -14.07 -11.52 5.12
N ALA B 436 -14.60 -10.70 6.02
CA ALA B 436 -14.97 -11.15 7.35
C ALA B 436 -16.31 -10.57 7.81
N PHE B 437 -17.16 -10.15 6.88
CA PHE B 437 -18.44 -9.57 7.23
C PHE B 437 -19.46 -10.03 6.19
N ASN B 438 -20.42 -10.84 6.60
CA ASN B 438 -21.56 -11.13 5.74
C ASN B 438 -22.37 -9.86 5.57
N GLY B 439 -22.56 -9.44 4.33
CA GLY B 439 -23.10 -8.13 4.08
C GLY B 439 -22.14 -7.16 3.43
N ILE B 440 -20.96 -7.63 3.03
CA ILE B 440 -20.03 -6.78 2.31
C ILE B 440 -20.60 -6.39 0.94
N PHE B 441 -21.27 -7.33 0.27
CA PHE B 441 -21.92 -7.03 -1.00
C PHE B 441 -23.40 -6.71 -0.84
N ASN B 442 -23.75 -5.80 0.06
CA ASN B 442 -25.14 -5.41 0.22
C ASN B 442 -25.43 -4.18 -0.61
N GLY B 443 -26.55 -4.21 -1.33
CA GLY B 443 -26.99 -3.10 -2.14
C GLY B 443 -26.70 -3.22 -3.61
N LEU B 444 -25.92 -4.22 -4.02
CA LEU B 444 -25.52 -4.38 -5.42
C LEU B 444 -26.55 -5.26 -6.13
N SER B 445 -27.73 -4.71 -6.34
CA SER B 445 -28.84 -5.49 -6.86
C SER B 445 -28.82 -5.65 -8.38
N SER B 446 -27.94 -4.94 -9.09
CA SER B 446 -27.88 -5.01 -10.54
C SER B 446 -26.58 -5.61 -11.05
N LEU B 447 -25.73 -6.11 -10.17
CA LEU B 447 -24.42 -6.59 -10.58
C LEU B 447 -24.56 -7.80 -11.49
N GLU B 448 -23.73 -7.84 -12.52
CA GLU B 448 -23.68 -8.96 -13.47
C GLU B 448 -22.31 -9.60 -13.55
N VAL B 449 -21.24 -8.81 -13.42
CA VAL B 449 -19.88 -9.32 -13.42
C VAL B 449 -19.26 -8.97 -12.08
N LEU B 450 -18.73 -9.98 -11.40
CA LEU B 450 -18.02 -9.79 -10.13
C LEU B 450 -16.72 -10.57 -10.19
N LYS B 451 -15.60 -9.86 -10.13
CA LYS B 451 -14.28 -10.47 -10.13
C LYS B 451 -13.60 -10.18 -8.80
N MET B 452 -13.20 -11.24 -8.10
CA MET B 452 -12.35 -11.09 -6.92
C MET B 452 -11.46 -12.32 -6.84
N ALA B 453 -10.28 -12.22 -7.43
CA ALA B 453 -9.30 -13.29 -7.42
C ALA B 453 -8.10 -12.84 -6.62
N GLY B 454 -7.71 -13.63 -5.63
CA GLY B 454 -6.60 -13.28 -4.78
C GLY B 454 -6.97 -12.65 -3.45
N ASN B 455 -8.19 -12.87 -2.97
CA ASN B 455 -8.66 -12.29 -1.72
C ASN B 455 -9.11 -13.42 -0.79
N SER B 456 -8.44 -13.55 0.35
CA SER B 456 -8.75 -14.64 1.26
C SER B 456 -10.09 -14.42 1.95
N PHE B 457 -10.54 -15.45 2.66
CA PHE B 457 -11.76 -15.40 3.45
C PHE B 457 -11.42 -15.72 4.89
N GLN B 458 -12.33 -15.40 5.79
CA GLN B 458 -12.13 -15.69 7.20
C GLN B 458 -12.16 -17.19 7.43
N GLU B 459 -11.07 -17.73 7.98
CA GLU B 459 -10.88 -19.16 8.26
C GLU B 459 -11.13 -20.03 7.03
N ASN B 460 -11.00 -19.45 5.85
CA ASN B 460 -11.04 -20.17 4.57
C ASN B 460 -12.37 -20.88 4.35
N PHE B 461 -13.44 -20.25 4.78
CA PHE B 461 -14.78 -20.81 4.66
C PHE B 461 -15.64 -19.82 3.89
N LEU B 462 -16.31 -20.29 2.84
CA LEU B 462 -17.13 -19.41 2.03
C LEU B 462 -18.52 -19.25 2.62
N PRO B 463 -18.84 -18.09 3.17
CA PRO B 463 -20.15 -17.90 3.78
C PRO B 463 -21.20 -17.49 2.76
N ASP B 464 -22.40 -17.16 3.23
CA ASP B 464 -23.51 -16.83 2.34
C ASP B 464 -23.49 -15.32 2.08
N ILE B 465 -22.57 -14.89 1.22
CA ILE B 465 -22.45 -13.48 0.90
C ILE B 465 -23.08 -13.12 -0.45
N PHE B 466 -23.37 -14.10 -1.30
CA PHE B 466 -23.96 -13.80 -2.60
C PHE B 466 -25.48 -13.88 -2.57
N THR B 467 -26.10 -13.22 -1.61
CA THR B 467 -27.53 -13.05 -1.64
C THR B 467 -27.85 -11.66 -2.17
N GLU B 468 -28.99 -11.54 -2.84
CA GLU B 468 -29.49 -10.36 -3.51
C GLU B 468 -28.76 -10.08 -4.82
N LEU B 469 -27.70 -10.82 -5.16
CA LEU B 469 -27.05 -10.66 -6.46
C LEU B 469 -27.69 -11.62 -7.45
N ARG B 470 -28.92 -11.29 -7.85
CA ARG B 470 -29.71 -12.22 -8.64
C ARG B 470 -29.53 -12.05 -10.15
N ASN B 471 -28.81 -11.03 -10.60
CA ASN B 471 -28.49 -10.88 -12.01
C ASN B 471 -27.09 -11.38 -12.34
N LEU B 472 -26.36 -11.90 -11.37
CA LEU B 472 -24.97 -12.27 -11.57
C LEU B 472 -24.88 -13.38 -12.62
N THR B 473 -24.08 -13.15 -13.66
CA THR B 473 -23.84 -14.15 -14.68
C THR B 473 -22.40 -14.64 -14.69
N PHE B 474 -21.47 -13.84 -14.18
CA PHE B 474 -20.06 -14.18 -14.16
C PHE B 474 -19.54 -13.99 -12.74
N LEU B 475 -18.97 -15.05 -12.17
CA LEU B 475 -18.44 -15.02 -10.81
C LEU B 475 -17.06 -15.67 -10.83
N ASP B 476 -16.07 -14.96 -10.30
CA ASP B 476 -14.68 -15.39 -10.35
C ASP B 476 -14.14 -15.45 -8.93
N LEU B 477 -13.93 -16.68 -8.43
CA LEU B 477 -13.36 -16.88 -7.09
C LEU B 477 -12.20 -17.86 -7.27
N SER B 478 -11.06 -17.35 -7.69
CA SER B 478 -9.90 -18.20 -7.92
C SER B 478 -8.71 -17.60 -7.19
N GLN B 479 -7.84 -18.48 -6.70
CA GLN B 479 -6.70 -18.13 -5.87
C GLN B 479 -7.10 -17.49 -4.56
N CYS B 480 -8.36 -17.60 -4.17
CA CYS B 480 -8.78 -17.38 -2.80
C CYS B 480 -8.63 -18.71 -2.07
N GLN B 481 -7.84 -18.74 -1.01
CA GLN B 481 -7.32 -20.00 -0.49
C GLN B 481 -8.44 -20.72 0.26
N LEU B 482 -9.43 -21.16 -0.51
CA LEU B 482 -10.65 -21.69 0.07
C LEU B 482 -10.49 -23.19 0.33
N GLU B 483 -11.09 -23.64 1.42
CA GLU B 483 -11.07 -25.05 1.79
C GLU B 483 -12.45 -25.65 1.98
N GLN B 484 -13.47 -24.86 2.30
CA GLN B 484 -14.81 -25.37 2.54
C GLN B 484 -15.81 -24.41 1.95
N LEU B 485 -16.96 -24.94 1.54
CA LEU B 485 -18.09 -24.15 1.11
C LEU B 485 -19.26 -24.39 2.05
N SER B 486 -20.07 -23.36 2.26
CA SER B 486 -21.31 -23.60 2.94
C SER B 486 -22.25 -24.36 2.00
N PRO B 487 -23.00 -25.33 2.51
CA PRO B 487 -23.84 -26.14 1.61
C PRO B 487 -24.89 -25.34 0.87
N THR B 488 -25.23 -24.14 1.35
CA THR B 488 -26.15 -23.25 0.64
C THR B 488 -25.49 -21.88 0.48
N ALA B 489 -24.64 -21.77 -0.53
CA ALA B 489 -23.93 -20.53 -0.83
C ALA B 489 -24.32 -19.95 -2.18
N PHE B 490 -24.35 -20.76 -3.22
CA PHE B 490 -24.80 -20.31 -4.53
C PHE B 490 -26.29 -20.54 -4.71
N ASN B 491 -27.08 -20.15 -3.73
CA ASN B 491 -28.52 -20.11 -3.90
C ASN B 491 -28.91 -18.72 -4.41
N SER B 492 -30.07 -18.64 -5.05
CA SER B 492 -30.61 -17.43 -5.66
C SER B 492 -29.82 -17.00 -6.88
N LEU B 493 -28.74 -17.69 -7.24
CA LEU B 493 -27.90 -17.32 -8.37
C LEU B 493 -28.38 -18.11 -9.59
N SER B 494 -29.61 -17.83 -10.00
CA SER B 494 -30.25 -18.60 -11.07
C SER B 494 -29.78 -18.20 -12.46
N SER B 495 -28.96 -17.16 -12.58
CA SER B 495 -28.49 -16.70 -13.88
C SER B 495 -27.00 -16.90 -14.08
N LEU B 496 -26.31 -17.51 -13.12
CA LEU B 496 -24.87 -17.72 -13.24
C LEU B 496 -24.57 -18.69 -14.37
N GLN B 497 -23.66 -18.30 -15.26
CA GLN B 497 -23.24 -19.13 -16.39
C GLN B 497 -21.81 -19.61 -16.26
N VAL B 498 -20.89 -18.76 -15.81
CA VAL B 498 -19.51 -19.13 -15.58
C VAL B 498 -19.25 -19.04 -14.08
N LEU B 499 -18.59 -20.05 -13.53
CA LEU B 499 -18.24 -20.09 -12.12
C LEU B 499 -16.81 -20.59 -12.02
N ASN B 500 -15.89 -19.69 -11.69
CA ASN B 500 -14.49 -20.03 -11.60
C ASN B 500 -14.12 -20.28 -10.15
N MET B 501 -13.60 -21.47 -9.87
CA MET B 501 -13.20 -21.84 -8.52
C MET B 501 -11.84 -22.51 -8.56
N SER B 502 -11.01 -22.06 -9.50
CA SER B 502 -9.72 -22.68 -9.80
C SER B 502 -8.66 -22.26 -8.80
N HIS B 503 -7.75 -23.19 -8.52
CA HIS B 503 -6.52 -22.94 -7.77
C HIS B 503 -6.74 -22.64 -6.30
N ASN B 504 -7.79 -23.19 -5.70
CA ASN B 504 -7.99 -23.15 -4.26
C ASN B 504 -7.38 -24.42 -3.65
N ASN B 505 -7.71 -24.74 -2.41
CA ASN B 505 -7.26 -26.00 -1.80
C ASN B 505 -8.49 -26.79 -1.36
N PHE B 506 -9.08 -27.51 -2.30
CA PHE B 506 -10.19 -28.41 -2.03
C PHE B 506 -9.70 -29.85 -2.04
N PHE B 507 -10.42 -30.71 -1.33
CA PHE B 507 -10.09 -32.13 -1.33
C PHE B 507 -11.24 -32.95 -1.86
N SER B 508 -12.46 -32.59 -1.47
CA SER B 508 -13.64 -33.32 -1.88
C SER B 508 -14.38 -32.54 -2.95
N LEU B 509 -14.98 -33.24 -3.88
CA LEU B 509 -15.82 -32.65 -4.91
C LEU B 509 -17.25 -32.95 -4.54
N ASP B 510 -18.00 -31.90 -4.20
CA ASP B 510 -19.38 -32.03 -3.81
C ASP B 510 -20.27 -31.45 -4.91
N THR B 511 -21.32 -32.17 -5.25
CA THR B 511 -22.26 -31.69 -6.26
C THR B 511 -23.55 -31.16 -5.67
N PHE B 512 -23.65 -31.09 -4.34
CA PHE B 512 -24.88 -30.58 -3.74
C PHE B 512 -25.00 -29.07 -3.83
N PRO B 513 -23.94 -28.29 -3.59
CA PRO B 513 -24.10 -26.83 -3.69
C PRO B 513 -24.60 -26.33 -5.04
N TYR B 514 -24.23 -26.98 -6.13
CA TYR B 514 -24.64 -26.55 -7.47
C TYR B 514 -25.90 -27.22 -7.93
N LYS B 515 -26.66 -27.84 -7.02
CA LYS B 515 -27.80 -28.66 -7.43
C LYS B 515 -28.81 -27.86 -8.22
N CYS B 516 -29.06 -26.61 -7.84
CA CYS B 516 -30.00 -25.76 -8.56
C CYS B 516 -29.26 -24.52 -9.08
N LEU B 517 -28.58 -24.68 -10.22
CA LEU B 517 -28.03 -23.57 -10.99
C LEU B 517 -28.40 -23.88 -12.44
N ASN B 518 -29.58 -23.47 -12.85
CA ASN B 518 -30.13 -23.94 -14.12
C ASN B 518 -29.43 -23.37 -15.33
N SER B 519 -28.52 -22.41 -15.18
CA SER B 519 -27.90 -21.76 -16.32
C SER B 519 -26.39 -21.99 -16.38
N LEU B 520 -25.83 -22.75 -15.45
CA LEU B 520 -24.39 -22.94 -15.43
C LEU B 520 -23.93 -23.70 -16.67
N GLN B 521 -22.84 -23.24 -17.27
CA GLN B 521 -22.34 -23.85 -18.50
C GLN B 521 -20.88 -24.26 -18.34
N VAL B 522 -20.12 -23.48 -17.58
CA VAL B 522 -18.72 -23.76 -17.32
C VAL B 522 -18.52 -23.84 -15.82
N LEU B 523 -17.85 -24.90 -15.37
CA LEU B 523 -17.46 -25.04 -13.97
C LEU B 523 -15.99 -25.41 -13.93
N ASP B 524 -15.19 -24.57 -13.30
CA ASP B 524 -13.74 -24.70 -13.33
C ASP B 524 -13.25 -25.08 -11.93
N TYR B 525 -12.70 -26.29 -11.82
CA TYR B 525 -12.04 -26.79 -10.59
C TYR B 525 -10.69 -27.34 -11.03
N SER B 526 -9.70 -26.47 -11.24
CA SER B 526 -8.54 -27.00 -11.92
C SER B 526 -7.34 -27.28 -11.02
N LEU B 527 -6.76 -26.26 -10.41
CA LEU B 527 -5.49 -26.50 -9.71
C LEU B 527 -5.73 -26.77 -8.23
N ASN B 528 -6.68 -27.63 -7.93
CA ASN B 528 -7.01 -28.02 -6.57
C ASN B 528 -6.20 -29.28 -6.23
N HIS B 529 -6.55 -29.98 -5.15
CA HIS B 529 -6.09 -31.34 -4.91
C HIS B 529 -7.31 -32.16 -4.54
N ILE B 530 -8.06 -32.58 -5.55
CA ILE B 530 -9.33 -33.28 -5.31
C ILE B 530 -9.05 -34.77 -5.41
N MET B 531 -9.15 -35.45 -4.28
CA MET B 531 -8.85 -36.88 -4.19
C MET B 531 -10.09 -37.72 -3.96
N THR B 532 -11.11 -37.18 -3.31
CA THR B 532 -12.19 -37.99 -2.81
C THR B 532 -13.47 -37.18 -2.83
N SER B 533 -14.50 -37.69 -2.16
CA SER B 533 -15.75 -36.97 -1.99
C SER B 533 -16.27 -37.21 -0.57
N LYS B 534 -17.35 -36.54 -0.21
CA LYS B 534 -17.90 -36.77 1.13
C LYS B 534 -18.61 -38.12 1.21
N LYS B 535 -19.19 -38.56 0.10
CA LYS B 535 -19.92 -39.82 0.02
C LYS B 535 -20.05 -40.14 -1.46
N GLN B 536 -20.74 -41.24 -1.78
CA GLN B 536 -21.08 -41.53 -3.16
C GLN B 536 -22.41 -40.93 -3.56
N GLU B 537 -22.75 -39.75 -3.04
CA GLU B 537 -24.04 -39.13 -3.35
C GLU B 537 -23.98 -38.34 -4.66
N LEU B 538 -22.81 -38.26 -5.28
CA LEU B 538 -22.61 -37.28 -6.33
C LEU B 538 -23.61 -37.57 -7.43
N GLN B 539 -24.64 -36.73 -7.52
CA GLN B 539 -25.77 -36.91 -8.41
C GLN B 539 -25.37 -36.35 -9.77
N HIS B 540 -26.36 -36.18 -10.64
CA HIS B 540 -26.14 -35.47 -11.89
C HIS B 540 -25.94 -33.99 -11.62
N PHE B 541 -25.10 -33.38 -12.40
CA PHE B 541 -24.99 -31.93 -12.39
C PHE B 541 -26.20 -31.33 -13.09
N PRO B 542 -26.43 -30.02 -12.95
CA PRO B 542 -27.49 -29.39 -13.74
C PRO B 542 -27.31 -29.64 -15.22
N SER B 543 -28.41 -29.94 -15.92
CA SER B 543 -28.37 -30.41 -17.29
C SER B 543 -27.64 -29.43 -18.22
N SER B 544 -27.65 -28.15 -17.87
CA SER B 544 -27.01 -27.13 -18.70
C SER B 544 -25.49 -27.26 -18.72
N LEU B 545 -24.91 -27.93 -17.73
CA LEU B 545 -23.46 -27.98 -17.64
C LEU B 545 -22.87 -28.68 -18.85
N ALA B 546 -22.13 -27.93 -19.66
CA ALA B 546 -21.51 -28.46 -20.86
C ALA B 546 -20.00 -28.58 -20.76
N PHE B 547 -19.39 -27.99 -19.75
CA PHE B 547 -17.94 -28.08 -19.59
C PHE B 547 -17.63 -28.20 -18.10
N LEU B 548 -16.70 -29.11 -17.77
CA LEU B 548 -16.29 -29.32 -16.39
C LEU B 548 -14.79 -29.55 -16.37
N ASN B 549 -14.03 -28.50 -16.11
CA ASN B 549 -12.57 -28.63 -16.07
C ASN B 549 -12.16 -29.18 -14.71
N LEU B 550 -11.49 -30.33 -14.72
CA LEU B 550 -10.99 -31.00 -13.52
C LEU B 550 -9.53 -31.37 -13.62
N THR B 551 -8.82 -30.83 -14.61
CA THR B 551 -7.45 -31.27 -14.87
C THR B 551 -6.50 -30.70 -13.83
N GLN B 552 -5.31 -31.29 -13.77
CA GLN B 552 -4.14 -30.76 -13.08
C GLN B 552 -4.17 -30.96 -11.56
N ASN B 553 -5.14 -31.68 -11.01
CA ASN B 553 -5.16 -31.85 -9.56
C ASN B 553 -4.88 -33.30 -9.20
N ASP B 554 -4.45 -33.51 -7.96
CA ASP B 554 -3.94 -34.81 -7.52
C ASP B 554 -5.09 -35.80 -7.30
N PHE B 555 -4.95 -36.97 -7.90
CA PHE B 555 -5.88 -38.07 -7.69
C PHE B 555 -5.14 -39.21 -7.00
N ALA B 556 -5.91 -40.10 -6.37
CA ALA B 556 -5.37 -41.26 -5.69
C ALA B 556 -6.05 -42.50 -6.27
N CYS B 557 -5.30 -43.31 -7.01
CA CYS B 557 -5.84 -44.46 -7.72
C CYS B 557 -5.48 -45.74 -6.98
N THR B 558 -6.29 -46.06 -5.96
CA THR B 558 -6.11 -47.25 -5.15
C THR B 558 -7.47 -47.92 -4.97
N CYS B 559 -7.48 -49.05 -4.25
CA CYS B 559 -8.72 -49.76 -3.96
C CYS B 559 -9.74 -48.81 -3.35
N GLU B 560 -9.38 -48.14 -2.27
CA GLU B 560 -10.23 -47.15 -1.64
C GLU B 560 -10.57 -46.03 -2.61
N HIS B 561 -11.78 -45.49 -2.44
CA HIS B 561 -12.45 -44.62 -3.41
C HIS B 561 -12.22 -45.03 -4.86
N GLN B 562 -12.35 -46.32 -5.17
CA GLN B 562 -12.45 -46.71 -6.57
C GLN B 562 -13.77 -46.26 -7.16
N SER B 563 -14.81 -46.18 -6.31
CA SER B 563 -16.12 -45.73 -6.76
C SER B 563 -16.09 -44.29 -7.23
N PHE B 564 -15.23 -43.47 -6.61
CA PHE B 564 -15.07 -42.08 -7.05
C PHE B 564 -14.61 -42.03 -8.51
N LEU B 565 -13.57 -42.78 -8.84
CA LEU B 565 -13.07 -42.80 -10.20
C LEU B 565 -14.06 -43.44 -11.15
N GLN B 566 -14.86 -44.40 -10.67
CA GLN B 566 -15.92 -44.93 -11.50
C GLN B 566 -16.95 -43.85 -11.84
N TRP B 567 -17.31 -43.03 -10.86
CA TRP B 567 -18.29 -41.98 -11.11
C TRP B 567 -17.72 -40.88 -12.00
N ILE B 568 -16.41 -40.64 -11.96
CA ILE B 568 -15.91 -39.61 -12.86
C ILE B 568 -15.77 -40.15 -14.27
N LYS B 569 -15.40 -41.43 -14.42
CA LYS B 569 -15.41 -41.99 -15.76
C LYS B 569 -16.82 -42.20 -16.29
N ASP B 570 -17.82 -42.12 -15.42
CA ASP B 570 -19.21 -42.22 -15.81
C ASP B 570 -19.66 -41.07 -16.69
N GLN B 571 -18.86 -40.02 -16.81
CA GLN B 571 -19.25 -38.85 -17.60
C GLN B 571 -18.02 -38.34 -18.33
N ARG B 572 -17.90 -38.70 -19.61
CA ARG B 572 -16.86 -38.16 -20.46
C ARG B 572 -17.37 -37.06 -21.38
N GLN B 573 -18.68 -36.85 -21.44
CA GLN B 573 -19.26 -35.78 -22.24
C GLN B 573 -19.17 -34.42 -21.57
N LEU B 574 -18.47 -34.32 -20.45
CA LEU B 574 -18.32 -33.06 -19.75
C LEU B 574 -16.88 -32.69 -19.45
N LEU B 575 -15.96 -33.65 -19.38
CA LEU B 575 -14.57 -33.36 -19.09
C LEU B 575 -13.94 -32.60 -20.25
N VAL B 576 -12.71 -32.12 -20.04
CA VAL B 576 -12.11 -31.12 -20.91
C VAL B 576 -10.89 -31.67 -21.64
N GLU B 577 -9.82 -31.98 -20.91
CA GLU B 577 -8.62 -32.56 -21.52
C GLU B 577 -8.23 -33.78 -20.70
N VAL B 578 -8.84 -34.92 -21.02
CA VAL B 578 -8.61 -36.13 -20.23
C VAL B 578 -7.15 -36.53 -20.23
N GLU B 579 -6.35 -35.99 -21.15
CA GLU B 579 -4.92 -36.25 -21.18
C GLU B 579 -4.19 -35.72 -19.96
N ARG B 580 -4.76 -34.74 -19.24
CA ARG B 580 -4.05 -34.10 -18.16
C ARG B 580 -4.50 -34.53 -16.77
N MET B 581 -5.50 -35.40 -16.66
CA MET B 581 -5.92 -35.93 -15.37
C MET B 581 -5.28 -37.30 -15.17
N GLU B 582 -4.40 -37.42 -14.19
CA GLU B 582 -3.76 -38.69 -13.93
C GLU B 582 -3.63 -38.92 -12.43
N CYS B 583 -3.01 -40.03 -12.06
CA CYS B 583 -2.80 -40.41 -10.67
C CYS B 583 -1.49 -39.83 -10.16
N ALA B 584 -1.43 -39.64 -8.84
CA ALA B 584 -0.22 -39.13 -8.23
C ALA B 584 0.20 -39.85 -6.96
N THR B 585 -0.74 -40.41 -6.19
CA THR B 585 -0.36 -40.85 -4.86
C THR B 585 0.40 -42.17 -4.93
N PRO B 586 -0.14 -43.26 -5.51
CA PRO B 586 0.62 -44.52 -5.48
C PRO B 586 1.80 -44.45 -6.45
N SER B 587 3.01 -44.59 -5.93
CA SER B 587 4.20 -44.31 -6.74
C SER B 587 4.35 -45.30 -7.89
N ASP B 588 3.73 -46.48 -7.78
CA ASP B 588 3.73 -47.41 -8.91
C ASP B 588 2.81 -46.93 -10.02
N LYS B 589 1.66 -46.38 -9.65
CA LYS B 589 0.71 -45.82 -10.60
C LYS B 589 0.91 -44.30 -10.64
N GLN B 590 1.82 -43.84 -11.50
CA GLN B 590 2.08 -42.42 -11.61
C GLN B 590 2.03 -42.00 -13.07
N GLY B 591 1.48 -40.82 -13.33
CA GLY B 591 1.39 -40.32 -14.68
C GLY B 591 0.44 -41.10 -15.56
N MET B 592 -0.39 -41.95 -14.98
CA MET B 592 -1.33 -42.76 -15.75
C MET B 592 -2.68 -42.06 -15.78
N PRO B 593 -3.22 -41.74 -16.96
CA PRO B 593 -4.52 -41.06 -17.00
C PRO B 593 -5.59 -41.86 -16.29
N VAL B 594 -6.48 -41.15 -15.61
CA VAL B 594 -7.42 -41.78 -14.70
C VAL B 594 -8.46 -42.60 -15.47
N LEU B 595 -8.95 -42.07 -16.59
CA LEU B 595 -9.98 -42.76 -17.34
C LEU B 595 -9.47 -44.02 -18.03
N SER B 596 -8.16 -44.16 -18.17
CA SER B 596 -7.61 -45.30 -18.91
C SER B 596 -7.41 -46.52 -18.02
N LEU B 597 -7.10 -46.29 -16.74
CA LEU B 597 -6.66 -47.38 -15.89
C LEU B 597 -7.79 -48.37 -15.60
N ASN B 598 -7.45 -49.64 -15.73
CA ASN B 598 -8.26 -50.75 -15.26
C ASN B 598 -7.53 -51.38 -14.09
N ILE B 599 -8.06 -51.22 -12.91
CA ILE B 599 -7.41 -51.70 -11.69
C ILE B 599 -8.31 -52.71 -11.00
N THR B 600 -7.69 -53.59 -10.22
CA THR B 600 -8.36 -54.71 -9.60
C THR B 600 -9.13 -54.23 -8.37
N CYS B 601 -9.60 -55.20 -7.58
CA CYS B 601 -9.99 -54.94 -6.20
C CYS B 601 -11.42 -54.42 -6.17
N GLN C 1 -34.09 -8.57 33.15
CA GLN C 1 -33.17 -7.45 33.01
C GLN C 1 -33.92 -6.14 32.84
N LYS C 2 -33.41 -5.09 33.47
CA LYS C 2 -34.01 -3.78 33.39
C LYS C 2 -33.44 -3.00 32.19
N GLN C 3 -34.29 -2.21 31.56
CA GLN C 3 -33.95 -1.47 30.36
C GLN C 3 -33.74 0.00 30.71
N TYR C 4 -32.60 0.55 30.31
CA TYR C 4 -32.25 1.94 30.59
C TYR C 4 -32.33 2.73 29.30
N TRP C 5 -33.29 3.64 29.21
CA TRP C 5 -33.45 4.48 28.04
C TRP C 5 -32.50 5.67 28.11
N VAL C 6 -32.08 6.16 26.94
CA VAL C 6 -31.13 7.25 26.88
C VAL C 6 -31.72 8.46 26.15
N CYS C 7 -32.04 8.30 24.88
CA CYS C 7 -32.58 9.42 24.11
C CYS C 7 -33.20 8.90 22.81
N ASN C 8 -34.08 9.72 22.25
CA ASN C 8 -34.70 9.48 20.96
C ASN C 8 -34.37 10.64 20.04
N SER C 9 -34.06 10.34 18.79
CA SER C 9 -33.89 11.36 17.76
C SER C 9 -34.88 11.09 16.65
N SER C 10 -34.72 11.82 15.54
CA SER C 10 -35.58 11.60 14.40
C SER C 10 -35.43 10.20 13.82
N ASP C 11 -34.26 9.57 13.99
CA ASP C 11 -34.07 8.23 13.42
C ASP C 11 -33.27 7.29 14.31
N ALA C 12 -33.36 7.39 15.63
CA ALA C 12 -32.60 6.49 16.50
C ALA C 12 -33.32 6.36 17.85
N SER C 13 -33.08 5.24 18.51
CA SER C 13 -33.75 4.90 19.76
C SER C 13 -32.80 4.23 20.75
N ILE C 14 -31.63 4.84 20.97
CA ILE C 14 -30.59 4.25 21.81
C ILE C 14 -31.13 3.78 23.16
N SER C 15 -30.59 2.65 23.64
CA SER C 15 -30.93 2.10 24.96
C SER C 15 -29.83 1.12 25.37
N TYR C 16 -29.84 0.69 26.63
CA TYR C 16 -28.79 -0.23 27.08
C TYR C 16 -29.23 -1.02 28.31
N THR C 17 -28.55 -2.16 28.52
CA THR C 17 -28.67 -2.99 29.72
C THR C 17 -27.28 -3.46 30.15
N TYR C 18 -27.23 -4.26 31.21
CA TYR C 18 -25.97 -4.75 31.76
C TYR C 18 -25.61 -6.13 31.23
N CYS C 19 -24.31 -6.38 31.08
CA CYS C 19 -23.83 -7.65 30.55
C CYS C 19 -23.74 -8.74 31.62
N ASP C 20 -22.81 -8.58 32.54
CA ASP C 20 -22.35 -9.65 33.40
C ASP C 20 -22.95 -9.54 34.80
N LYS C 21 -22.33 -10.23 35.75
CA LYS C 21 -22.84 -10.25 37.12
C LYS C 21 -22.74 -8.88 37.75
N MET C 22 -21.72 -8.11 37.42
CA MET C 22 -21.57 -6.78 38.03
C MET C 22 -22.61 -5.83 37.45
N GLN C 23 -23.22 -5.04 38.34
CA GLN C 23 -24.28 -4.13 37.94
C GLN C 23 -24.08 -2.77 38.60
N TYR C 24 -22.86 -2.26 38.52
CA TYR C 24 -22.54 -0.96 39.12
C TYR C 24 -23.24 0.15 38.35
N PRO C 25 -23.92 1.09 39.02
CA PRO C 25 -24.66 2.13 38.31
C PRO C 25 -23.72 3.06 37.55
N ILE C 26 -24.31 3.81 36.62
CA ILE C 26 -23.56 4.74 35.78
C ILE C 26 -24.57 5.69 35.17
N SER C 27 -24.17 6.93 34.95
CA SER C 27 -25.06 7.95 34.39
C SER C 27 -24.48 8.45 33.07
N ILE C 28 -25.24 8.28 31.99
CA ILE C 28 -24.82 8.66 30.65
C ILE C 28 -25.88 9.58 30.05
N ASN C 29 -25.42 10.67 29.43
CA ASN C 29 -26.32 11.57 28.71
C ASN C 29 -25.65 12.05 27.45
N VAL C 30 -26.45 12.33 26.43
CA VAL C 30 -25.97 12.86 25.15
C VAL C 30 -26.86 14.01 24.74
N ASN C 31 -26.26 15.12 24.34
CA ASN C 31 -27.03 16.30 23.94
C ASN C 31 -26.42 16.96 22.71
N PRO C 32 -27.19 17.10 21.62
CA PRO C 32 -28.51 16.50 21.46
C PRO C 32 -28.41 15.04 21.05
N CYS C 33 -29.54 14.34 20.97
CA CYS C 33 -29.51 12.91 20.71
C CYS C 33 -28.85 12.61 19.37
N ILE C 34 -28.19 11.46 19.30
CA ILE C 34 -27.41 11.10 18.12
C ILE C 34 -28.33 10.79 16.96
N GLU C 35 -28.09 11.43 15.83
CA GLU C 35 -28.76 11.11 14.57
C GLU C 35 -27.80 10.26 13.76
N LEU C 36 -28.24 9.08 13.36
CA LEU C 36 -27.36 8.10 12.72
C LEU C 36 -27.20 8.47 11.24
N LYS C 37 -26.89 9.74 11.04
CA LYS C 37 -26.78 10.35 9.72
C LYS C 37 -25.64 11.36 9.66
N GLY C 38 -24.87 11.50 10.72
CA GLY C 38 -23.94 12.61 10.86
C GLY C 38 -24.43 13.56 11.92
N SER C 39 -23.72 13.62 13.04
CA SER C 39 -24.18 14.40 14.17
C SER C 39 -22.98 15.02 14.88
N LYS C 40 -23.29 15.80 15.92
CA LYS C 40 -22.29 16.51 16.69
C LYS C 40 -22.92 16.86 18.03
N GLY C 41 -22.20 16.62 19.12
CA GLY C 41 -22.79 16.89 20.42
C GLY C 41 -21.86 16.61 21.57
N LEU C 42 -22.44 16.62 22.77
CA LEU C 42 -21.73 16.46 24.03
C LEU C 42 -22.20 15.20 24.73
N LEU C 43 -21.28 14.53 25.40
CA LEU C 43 -21.51 13.28 26.11
C LEU C 43 -21.10 13.50 27.56
N HIS C 44 -22.08 13.48 28.46
CA HIS C 44 -21.83 13.72 29.87
C HIS C 44 -21.91 12.40 30.63
N ILE C 45 -20.92 12.17 31.49
CA ILE C 45 -20.77 10.90 32.20
C ILE C 45 -20.57 11.19 33.67
N PHE C 46 -21.28 10.45 34.52
CA PHE C 46 -21.10 10.47 35.96
C PHE C 46 -20.94 9.04 36.45
N TYR C 47 -19.85 8.76 37.16
CA TYR C 47 -19.48 7.39 37.46
C TYR C 47 -18.62 7.36 38.72
N ILE C 48 -18.54 6.18 39.33
CA ILE C 48 -17.62 5.91 40.42
C ILE C 48 -16.94 4.58 40.15
N PRO C 49 -15.72 4.57 39.62
CA PRO C 49 -15.12 3.32 39.19
C PRO C 49 -14.84 2.38 40.36
N ARG C 50 -14.73 1.09 40.02
CA ARG C 50 -14.33 0.07 40.98
C ARG C 50 -12.89 -0.36 40.80
N ARG C 51 -12.22 0.15 39.77
CA ARG C 51 -10.79 -0.04 39.59
C ARG C 51 -10.21 1.27 39.09
N ASP C 52 -8.88 1.35 39.03
CA ASP C 52 -8.21 2.53 38.54
C ASP C 52 -8.41 2.66 37.04
N LEU C 53 -8.84 3.83 36.58
CA LEU C 53 -9.04 4.04 35.14
C LEU C 53 -7.72 4.30 34.45
N LYS C 54 -6.75 3.41 34.62
CA LYS C 54 -5.44 3.57 34.05
C LYS C 54 -5.30 2.68 32.82
N GLN C 55 -4.75 3.23 31.76
CA GLN C 55 -4.70 2.62 30.42
C GLN C 55 -5.99 1.86 30.11
N LEU C 56 -7.09 2.60 30.18
CA LEU C 56 -8.41 2.06 29.86
C LEU C 56 -8.54 1.86 28.36
N TYR C 57 -9.32 0.85 27.98
CA TYR C 57 -9.69 0.69 26.58
C TYR C 57 -10.99 -0.08 26.50
N PHE C 58 -11.55 -0.12 25.28
CA PHE C 58 -12.84 -0.73 25.01
C PHE C 58 -12.70 -1.84 23.99
N ASN C 59 -13.41 -2.93 24.23
CA ASN C 59 -13.67 -3.96 23.23
C ASN C 59 -15.11 -3.82 22.77
N LEU C 60 -15.30 -3.71 21.46
CA LEU C 60 -16.61 -3.49 20.88
C LEU C 60 -17.00 -4.68 20.02
N TYR C 61 -18.16 -5.25 20.31
CA TYR C 61 -18.75 -6.34 19.53
C TYR C 61 -20.05 -5.83 18.93
N ILE C 62 -20.03 -5.59 17.62
CA ILE C 62 -21.16 -4.99 16.92
C ILE C 62 -21.86 -6.05 16.09
N THR C 63 -23.19 -5.92 16.02
CA THR C 63 -24.03 -6.82 15.25
C THR C 63 -25.02 -6.00 14.45
N VAL C 64 -25.04 -6.22 13.14
CA VAL C 64 -25.95 -5.51 12.25
C VAL C 64 -27.08 -6.45 11.85
N ASN C 65 -28.19 -6.38 12.58
CA ASN C 65 -29.38 -7.23 12.44
C ASN C 65 -28.99 -8.66 12.07
N THR C 66 -28.23 -9.28 12.98
CA THR C 66 -27.81 -10.67 13.05
C THR C 66 -26.59 -11.02 12.19
N MET C 67 -25.89 -10.04 11.64
CA MET C 67 -24.58 -10.29 11.04
C MET C 67 -23.52 -9.67 11.94
N ASN C 68 -22.55 -10.47 12.35
CA ASN C 68 -21.51 -9.98 13.22
C ASN C 68 -20.41 -9.28 12.42
N LEU C 69 -19.92 -8.20 12.97
CA LEU C 69 -18.74 -7.50 12.48
C LEU C 69 -17.54 -8.00 13.27
N PRO C 70 -16.34 -7.78 12.77
CA PRO C 70 -15.15 -8.10 13.57
C PRO C 70 -15.11 -7.28 14.85
N LYS C 71 -14.28 -7.74 15.79
CA LYS C 71 -14.16 -7.07 17.08
C LYS C 71 -13.30 -5.83 16.97
N ARG C 72 -13.77 -4.73 17.54
CA ARG C 72 -13.01 -3.48 17.54
C ARG C 72 -12.34 -3.27 18.88
N LYS C 73 -11.16 -2.63 18.85
CA LYS C 73 -10.41 -2.31 20.05
C LYS C 73 -10.08 -0.82 20.03
N GLU C 74 -10.67 -0.06 20.96
CA GLU C 74 -10.49 1.38 21.02
C GLU C 74 -9.70 1.74 22.27
N VAL C 75 -8.51 2.31 22.08
CA VAL C 75 -7.66 2.72 23.19
C VAL C 75 -8.06 4.13 23.59
N ILE C 76 -8.59 4.28 24.81
CA ILE C 76 -9.10 5.57 25.25
C ILE C 76 -7.97 6.46 25.73
N CYS C 77 -7.19 5.99 26.68
CA CYS C 77 -6.02 6.75 27.08
C CYS C 77 -4.87 5.80 27.35
N ARG C 78 -3.68 6.24 26.98
CA ARG C 78 -2.52 5.40 26.76
C ARG C 78 -1.37 5.87 27.65
N GLY C 79 -0.78 4.92 28.38
CA GLY C 79 0.45 5.20 29.09
C GLY C 79 0.41 6.47 29.92
N SER C 80 1.33 7.37 29.64
CA SER C 80 1.54 8.57 30.44
C SER C 80 1.24 9.84 29.65
N ASP C 81 0.77 10.86 30.37
CA ASP C 81 0.42 12.16 29.81
C ASP C 81 -0.66 12.02 28.73
N ASP C 82 -1.82 11.59 29.17
CA ASP C 82 -2.93 11.25 28.29
C ASP C 82 -3.80 12.47 28.02
N ASP C 83 -4.65 12.34 27.00
CA ASP C 83 -5.41 13.50 26.53
C ASP C 83 -6.50 13.91 27.51
N TYR C 84 -7.11 12.95 28.20
CA TYR C 84 -8.23 13.20 29.07
C TYR C 84 -7.79 13.29 30.54
N SER C 85 -8.47 14.15 31.28
CA SER C 85 -8.13 14.33 32.69
C SER C 85 -8.74 13.24 33.57
N PHE C 86 -9.82 12.59 33.11
CA PHE C 86 -10.52 11.66 33.98
C PHE C 86 -9.77 10.36 34.19
N CYS C 87 -8.78 10.04 33.36
CA CYS C 87 -8.14 8.73 33.47
C CYS C 87 -6.86 8.79 34.30
N ARG C 88 -6.81 9.71 35.26
CA ARG C 88 -5.93 9.60 36.41
C ARG C 88 -6.70 9.23 37.67
N ALA C 89 -7.98 8.89 37.54
CA ALA C 89 -8.83 8.57 38.66
C ALA C 89 -8.43 7.24 39.29
N LEU C 90 -8.88 7.05 40.53
CA LEU C 90 -8.63 5.84 41.31
C LEU C 90 -9.98 5.24 41.73
N LYS C 91 -9.92 4.06 42.33
CA LYS C 91 -11.13 3.45 42.86
C LYS C 91 -11.79 4.38 43.87
N GLY C 92 -13.11 4.46 43.80
CA GLY C 92 -13.85 5.29 44.71
C GLY C 92 -13.82 6.76 44.44
N GLU C 93 -13.04 7.22 43.47
CA GLU C 93 -12.98 8.64 43.13
C GLU C 93 -14.05 8.95 42.10
N THR C 94 -14.88 9.95 42.40
CA THR C 94 -15.96 10.32 41.49
C THR C 94 -15.40 10.85 40.19
N VAL C 95 -15.97 10.40 39.08
CA VAL C 95 -15.67 10.94 37.75
C VAL C 95 -16.94 11.62 37.26
N ASN C 96 -16.80 12.86 36.81
CA ASN C 96 -17.94 13.69 36.40
C ASN C 96 -17.45 14.57 35.26
N THR C 97 -17.71 14.15 34.02
CA THR C 97 -16.99 14.72 32.89
C THR C 97 -17.90 14.89 31.68
N THR C 98 -17.38 15.60 30.69
CA THR C 98 -18.07 15.91 29.45
C THR C 98 -17.09 15.83 28.27
N ILE C 99 -17.48 15.12 27.22
CA ILE C 99 -16.63 14.91 26.06
C ILE C 99 -17.42 15.25 24.80
N SER C 100 -16.78 15.96 23.87
CA SER C 100 -17.43 16.34 22.63
C SER C 100 -17.13 15.34 21.53
N PHE C 101 -18.11 15.13 20.64
CA PHE C 101 -17.94 14.21 19.53
C PHE C 101 -18.65 14.73 18.29
N SER C 102 -18.23 14.22 17.13
CA SER C 102 -18.85 14.57 15.85
C SER C 102 -18.47 13.52 14.81
N PHE C 103 -19.39 13.29 13.87
CA PHE C 103 -19.13 12.35 12.79
C PHE C 103 -20.12 12.60 11.66
N LYS C 104 -19.82 12.03 10.49
CA LYS C 104 -20.70 12.05 9.33
C LYS C 104 -20.09 11.20 8.24
N GLY C 105 -20.94 10.79 7.29
CA GLY C 105 -20.44 10.31 6.02
C GLY C 105 -20.64 8.85 5.68
N ILE C 106 -21.57 8.17 6.34
CA ILE C 106 -21.83 6.76 6.06
C ILE C 106 -23.33 6.52 6.06
N LYS C 107 -23.78 5.73 5.09
CA LYS C 107 -25.18 5.33 5.01
C LYS C 107 -25.37 4.03 5.77
N PHE C 108 -26.42 3.95 6.57
CA PHE C 108 -26.75 2.76 7.34
C PHE C 108 -28.10 2.21 6.88
N SER C 109 -28.21 0.89 6.87
CA SER C 109 -29.46 0.24 6.53
C SER C 109 -30.38 0.20 7.75
N LYS C 110 -31.68 0.08 7.49
CA LYS C 110 -32.64 -0.12 8.56
C LYS C 110 -32.29 -1.37 9.35
N GLY C 111 -32.71 -1.40 10.61
CA GLY C 111 -32.48 -2.60 11.39
C GLY C 111 -32.32 -2.41 12.87
N LYS C 112 -31.56 -3.30 13.50
CA LYS C 112 -31.50 -3.45 14.94
C LYS C 112 -30.07 -3.57 15.42
N TYR C 113 -29.22 -2.63 15.03
CA TYR C 113 -27.83 -2.62 15.45
C TYR C 113 -27.69 -2.85 16.95
N LYS C 114 -26.67 -3.60 17.33
CA LYS C 114 -26.44 -3.99 18.71
C LYS C 114 -24.95 -3.92 19.00
N CYS C 115 -24.58 -3.50 20.20
CA CYS C 115 -23.18 -3.33 20.52
C CYS C 115 -22.90 -3.68 21.97
N VAL C 116 -21.97 -4.62 22.17
CA VAL C 116 -21.49 -4.98 23.50
C VAL C 116 -20.17 -4.27 23.74
N VAL C 117 -20.10 -3.54 24.86
CA VAL C 117 -18.96 -2.72 25.21
C VAL C 117 -18.30 -3.31 26.45
N GLU C 118 -17.04 -3.69 26.33
CA GLU C 118 -16.27 -4.22 27.47
C GLU C 118 -15.15 -3.24 27.78
N ALA C 119 -15.21 -2.62 28.95
CA ALA C 119 -14.15 -1.74 29.40
C ALA C 119 -13.10 -2.55 30.14
N ILE C 120 -11.84 -2.35 29.80
CA ILE C 120 -10.72 -3.03 30.44
C ILE C 120 -9.75 -1.99 30.94
N SER C 121 -9.21 -2.18 32.14
CA SER C 121 -8.25 -1.22 32.66
C SER C 121 -7.46 -1.87 33.79
N GLY C 122 -6.69 -1.04 34.49
CA GLY C 122 -5.92 -1.47 35.63
C GLY C 122 -4.52 -1.93 35.28
N SER C 123 -3.77 -2.27 36.34
CA SER C 123 -2.41 -2.77 36.19
C SER C 123 -2.40 -4.23 35.76
N PRO C 124 -3.18 -5.12 36.40
CA PRO C 124 -3.30 -6.48 35.89
C PRO C 124 -4.28 -6.64 34.72
N GLU C 125 -4.82 -5.56 34.18
CA GLU C 125 -5.67 -5.61 32.99
C GLU C 125 -6.91 -6.48 33.25
N GLU C 126 -7.77 -6.00 34.14
CA GLU C 126 -9.04 -6.66 34.39
C GLU C 126 -10.18 -5.77 33.92
N MET C 127 -11.37 -6.36 33.84
CA MET C 127 -12.50 -5.66 33.27
C MET C 127 -13.18 -4.77 34.31
N LEU C 128 -13.78 -3.69 33.83
CA LEU C 128 -14.37 -2.66 34.67
C LEU C 128 -15.89 -2.73 34.66
N PHE C 129 -16.50 -2.80 33.47
CA PHE C 129 -17.92 -3.05 33.33
C PHE C 129 -18.19 -3.58 31.92
N CYS C 130 -19.42 -4.02 31.70
CA CYS C 130 -19.87 -4.42 30.37
C CYS C 130 -21.31 -3.95 30.20
N LEU C 131 -21.56 -3.21 29.13
CA LEU C 131 -22.89 -2.76 28.80
C LEU C 131 -23.27 -3.30 27.43
N GLU C 132 -24.56 -3.43 27.20
CA GLU C 132 -25.09 -3.87 25.91
C GLU C 132 -26.06 -2.83 25.40
N PHE C 133 -25.71 -2.17 24.30
CA PHE C 133 -26.50 -1.11 23.71
C PHE C 133 -27.35 -1.66 22.58
N VAL C 134 -28.50 -1.03 22.37
CA VAL C 134 -29.41 -1.38 21.30
C VAL C 134 -29.84 -0.10 20.61
N ILE C 135 -29.76 -0.08 19.29
CA ILE C 135 -30.06 1.09 18.48
C ILE C 135 -31.03 0.65 17.39
N LEU C 136 -32.23 1.19 17.43
CA LEU C 136 -33.15 1.00 16.32
C LEU C 136 -32.98 2.14 15.33
N HIS C 137 -33.11 1.82 14.04
CA HIS C 137 -32.85 2.83 13.01
C HIS C 137 -33.92 2.71 11.93
N GLN C 138 -34.69 3.79 11.76
CA GLN C 138 -35.65 3.88 10.66
C GLN C 138 -35.50 5.25 10.01
N PRO C 139 -34.74 5.35 8.92
CA PRO C 139 -34.54 6.65 8.26
C PRO C 139 -35.86 7.26 7.83
N ASN C 140 -36.07 8.51 8.24
CA ASN C 140 -37.29 9.26 7.92
C ASN C 140 -38.53 8.55 8.44
N GLN D 1 29.86 -19.48 -32.58
CA GLN D 1 29.32 -18.13 -32.48
C GLN D 1 30.42 -17.09 -32.39
N LYS D 2 30.24 -15.96 -33.07
CA LYS D 2 31.20 -14.88 -33.04
C LYS D 2 30.89 -13.93 -31.89
N GLN D 3 31.95 -13.40 -31.29
CA GLN D 3 31.86 -12.53 -30.12
C GLN D 3 32.08 -11.09 -30.56
N TYR D 4 31.16 -10.20 -30.17
CA TYR D 4 31.24 -8.79 -30.52
C TYR D 4 31.56 -7.98 -29.27
N TRP D 5 32.75 -7.40 -29.22
CA TRP D 5 33.16 -6.59 -28.10
C TRP D 5 32.61 -5.19 -28.23
N VAL D 6 32.38 -4.53 -27.09
CA VAL D 6 31.79 -3.20 -27.08
C VAL D 6 32.72 -2.21 -26.42
N CYS D 7 33.00 -2.39 -25.12
CA CYS D 7 33.85 -1.45 -24.41
C CYS D 7 34.30 -2.06 -23.10
N ASN D 8 35.40 -1.51 -22.57
CA ASN D 8 35.92 -1.86 -21.25
C ASN D 8 35.97 -0.62 -20.41
N SER D 9 35.59 -0.75 -19.14
CA SER D 9 35.74 0.32 -18.17
C SER D 9 36.63 -0.18 -17.03
N SER D 10 36.70 0.61 -15.96
CA SER D 10 37.48 0.20 -14.80
C SER D 10 36.92 -1.06 -14.16
N ASP D 11 35.62 -1.33 -14.30
CA ASP D 11 35.05 -2.51 -13.68
C ASP D 11 33.99 -3.22 -14.52
N ALA D 12 34.11 -3.22 -15.84
CA ALA D 12 33.10 -3.89 -16.67
C ALA D 12 33.73 -4.29 -18.00
N SER D 13 33.16 -5.32 -18.62
CA SER D 13 33.68 -5.90 -19.85
C SER D 13 32.56 -6.31 -20.81
N ILE D 14 31.62 -5.38 -21.06
CA ILE D 14 30.45 -5.68 -21.87
C ILE D 14 30.80 -6.35 -23.20
N SER D 15 29.96 -7.30 -23.62
CA SER D 15 30.09 -7.98 -24.91
C SER D 15 28.75 -8.60 -25.27
N TYR D 16 28.62 -9.08 -26.51
CA TYR D 16 27.34 -9.67 -26.93
C TYR D 16 27.51 -10.61 -28.10
N THR D 17 26.51 -11.50 -28.27
CA THR D 17 26.38 -12.38 -29.43
C THR D 17 24.90 -12.45 -29.83
N TYR D 18 24.60 -13.25 -30.86
CA TYR D 18 23.25 -13.36 -31.38
C TYR D 18 22.51 -14.55 -30.78
N CYS D 19 21.19 -14.39 -30.63
CA CYS D 19 20.37 -15.44 -30.04
C CYS D 19 19.95 -16.50 -31.05
N ASP D 20 19.10 -16.12 -31.98
CA ASP D 20 18.33 -17.05 -32.79
C ASP D 20 18.92 -17.18 -34.19
N LYS D 21 18.10 -17.71 -35.11
CA LYS D 21 18.56 -17.94 -36.47
C LYS D 21 18.88 -16.64 -37.18
N MET D 22 18.13 -15.57 -36.88
CA MET D 22 18.36 -14.30 -37.55
C MET D 22 19.65 -13.66 -37.03
N GLN D 23 20.45 -13.13 -37.94
CA GLN D 23 21.75 -12.56 -37.60
C GLN D 23 21.94 -11.24 -38.32
N TYR D 24 20.93 -10.38 -38.26
CA TYR D 24 21.01 -9.08 -38.91
C TYR D 24 22.02 -8.18 -38.20
N PRO D 25 22.92 -7.53 -38.93
CA PRO D 25 23.94 -6.71 -38.25
C PRO D 25 23.33 -5.52 -37.54
N ILE D 26 24.12 -4.93 -36.65
CA ILE D 26 23.71 -3.78 -35.85
C ILE D 26 24.96 -3.15 -35.29
N SER D 27 24.94 -1.83 -35.13
CA SER D 27 26.10 -1.11 -34.62
C SER D 27 25.71 -0.39 -33.33
N ILE D 28 26.39 -0.72 -32.25
CA ILE D 28 26.12 -0.18 -30.91
C ILE D 28 27.41 0.42 -30.37
N ASN D 29 27.30 1.62 -29.79
CA ASN D 29 28.44 2.24 -29.12
C ASN D 29 27.95 2.96 -27.88
N VAL D 30 28.82 3.05 -26.87
CA VAL D 30 28.53 3.74 -25.62
C VAL D 30 29.74 4.60 -25.27
N ASN D 31 29.49 5.85 -24.92
CA ASN D 31 30.57 6.77 -24.59
C ASN D 31 30.21 7.64 -23.39
N PRO D 32 30.99 7.59 -22.30
CA PRO D 32 32.08 6.64 -22.10
C PRO D 32 31.56 5.29 -21.64
N CYS D 33 32.43 4.30 -21.51
CA CYS D 33 31.99 2.95 -21.19
C CYS D 33 31.29 2.93 -19.84
N ILE D 34 30.31 2.03 -19.71
CA ILE D 34 29.48 1.97 -18.52
C ILE D 34 30.29 1.45 -17.35
N GLU D 35 30.26 2.19 -16.24
CA GLU D 35 30.82 1.74 -14.98
C GLU D 35 29.65 1.25 -14.13
N LEU D 36 29.74 0.01 -13.66
CA LEU D 36 28.61 -0.62 -12.97
C LEU D 36 28.58 -0.16 -11.52
N LYS D 37 28.67 1.16 -11.38
CA LYS D 37 28.76 1.82 -10.09
C LYS D 37 27.98 3.12 -10.08
N GLY D 38 27.26 3.44 -11.15
CA GLY D 38 26.69 4.76 -11.33
C GLY D 38 27.44 5.48 -12.45
N SER D 39 26.76 5.69 -13.57
CA SER D 39 27.42 6.26 -14.74
C SER D 39 26.45 7.17 -15.47
N LYS D 40 26.95 7.77 -16.55
CA LYS D 40 26.20 8.71 -17.36
C LYS D 40 26.88 8.79 -18.71
N GLY D 41 26.11 8.72 -19.79
CA GLY D 41 26.75 8.75 -21.10
C GLY D 41 25.75 8.70 -22.24
N LEU D 42 26.30 8.49 -23.43
CA LEU D 42 25.55 8.49 -24.68
C LEU D 42 25.64 7.11 -25.33
N LEU D 43 24.54 6.71 -25.96
CA LEU D 43 24.38 5.42 -26.61
C LEU D 43 24.04 5.68 -28.07
N HIS D 44 24.96 5.33 -28.97
CA HIS D 44 24.77 5.56 -30.39
C HIS D 44 24.44 4.26 -31.08
N ILE D 45 23.41 4.28 -31.93
CA ILE D 45 22.90 3.08 -32.58
C ILE D 45 22.77 3.35 -34.07
N PHE D 46 23.23 2.39 -34.87
CA PHE D 46 23.04 2.40 -36.31
C PHE D 46 22.46 1.06 -36.74
N TYR D 47 21.33 1.08 -37.43
CA TYR D 47 20.57 -0.13 -37.67
C TYR D 47 19.71 0.04 -38.92
N ILE D 48 19.29 -1.09 -39.47
CA ILE D 48 18.31 -1.13 -40.56
C ILE D 48 17.27 -2.19 -40.22
N PRO D 49 16.11 -1.80 -39.70
CA PRO D 49 15.16 -2.80 -39.21
C PRO D 49 14.61 -3.67 -40.32
N ARG D 50 14.12 -4.85 -39.93
CA ARG D 50 13.44 -5.75 -40.84
C ARG D 50 11.94 -5.74 -40.63
N ARG D 51 11.46 -5.00 -39.63
CA ARG D 51 10.04 -4.75 -39.45
C ARG D 51 9.88 -3.30 -39.01
N ASP D 52 8.63 -2.84 -38.96
CA ASP D 52 8.35 -1.48 -38.54
C ASP D 52 8.59 -1.35 -37.04
N LEU D 53 9.35 -0.35 -36.63
CA LEU D 53 9.62 -0.14 -35.21
C LEU D 53 8.45 0.53 -34.53
N LYS D 54 7.26 -0.04 -34.66
CA LYS D 54 6.05 0.53 -34.10
C LYS D 54 5.68 -0.23 -32.83
N GLN D 55 5.33 0.52 -31.79
CA GLN D 55 5.13 0.01 -30.43
C GLN D 55 6.14 -1.08 -30.08
N LEU D 56 7.41 -0.71 -30.19
CA LEU D 56 8.51 -1.58 -29.84
C LEU D 56 8.60 -1.75 -28.33
N TYR D 57 9.05 -2.92 -27.89
CA TYR D 57 9.37 -3.13 -26.49
C TYR D 57 10.39 -4.25 -26.37
N PHE D 58 10.92 -4.39 -25.15
CA PHE D 58 11.98 -5.34 -24.85
C PHE D 58 11.53 -6.31 -23.78
N ASN D 59 11.88 -7.57 -23.97
CA ASN D 59 11.84 -8.59 -22.92
C ASN D 59 13.26 -8.85 -22.47
N LEU D 60 13.49 -8.75 -21.16
CA LEU D 60 14.81 -8.88 -20.58
C LEU D 60 14.85 -10.11 -19.67
N TYR D 61 15.79 -11.01 -19.93
CA TYR D 61 16.04 -12.18 -19.11
C TYR D 61 17.43 -12.06 -18.52
N ILE D 62 17.51 -11.76 -17.23
CA ILE D 62 18.77 -11.48 -16.56
C ILE D 62 19.15 -12.66 -15.68
N THR D 63 20.45 -12.94 -15.60
CA THR D 63 20.99 -14.01 -14.79
C THR D 63 22.20 -13.48 -14.03
N VAL D 64 22.18 -13.63 -12.71
CA VAL D 64 23.25 -13.18 -11.85
C VAL D 64 24.07 -14.40 -11.41
N ASN D 65 25.14 -14.68 -12.15
CA ASN D 65 26.02 -15.84 -11.96
C ASN D 65 25.23 -17.08 -11.52
N THR D 66 24.32 -17.48 -12.41
CA THR D 66 23.49 -18.70 -12.41
C THR D 66 22.24 -18.62 -11.54
N MET D 67 21.86 -17.46 -11.03
CA MET D 67 20.56 -17.28 -10.41
C MET D 67 19.71 -16.42 -11.35
N ASN D 68 18.54 -16.92 -11.72
CA ASN D 68 17.67 -16.18 -12.62
C ASN D 68 16.85 -15.15 -11.85
N LEU D 69 16.69 -14.00 -12.46
CA LEU D 69 15.78 -12.97 -12.00
C LEU D 69 14.48 -13.11 -12.77
N PRO D 70 13.40 -12.53 -12.29
CA PRO D 70 12.16 -12.53 -13.07
C PRO D 70 12.34 -11.79 -14.38
N LYS D 71 11.41 -12.02 -15.31
CA LYS D 71 11.48 -11.42 -16.63
C LYS D 71 11.02 -9.96 -16.57
N ARG D 72 11.78 -9.08 -17.20
CA ARG D 72 11.43 -7.66 -17.25
C ARG D 72 10.83 -7.33 -18.60
N LYS D 73 9.90 -6.37 -18.60
CA LYS D 73 9.26 -5.89 -19.83
C LYS D 73 9.38 -4.38 -19.88
N GLU D 74 10.16 -3.88 -20.83
CA GLU D 74 10.40 -2.44 -20.97
C GLU D 74 9.74 -1.92 -22.23
N VAL D 75 8.78 -1.03 -22.08
CA VAL D 75 8.07 -0.44 -23.21
C VAL D 75 8.86 0.78 -23.68
N ILE D 76 9.40 0.70 -24.89
CA ILE D 76 10.26 1.77 -25.40
C ILE D 76 9.43 2.93 -25.92
N CYS D 77 8.54 2.66 -26.86
CA CYS D 77 7.65 3.72 -27.29
C CYS D 77 6.26 3.13 -27.51
N ARG D 78 5.25 3.93 -27.16
CA ARG D 78 3.90 3.48 -26.92
C ARG D 78 2.94 4.22 -27.83
N GLY D 79 2.09 3.46 -28.51
CA GLY D 79 0.97 4.06 -29.23
C GLY D 79 1.38 5.21 -30.12
N SER D 80 0.76 6.37 -29.89
CA SER D 80 0.91 7.54 -30.74
C SER D 80 1.60 8.68 -30.02
N ASP D 81 2.33 9.50 -30.78
CA ASP D 81 3.05 10.66 -30.28
C ASP D 81 4.05 10.25 -29.19
N ASP D 82 5.03 9.47 -29.63
CA ASP D 82 6.01 8.87 -28.72
C ASP D 82 7.20 9.79 -28.50
N ASP D 83 7.99 9.47 -27.49
CA ASP D 83 9.06 10.36 -27.07
C ASP D 83 10.21 10.38 -28.06
N TYR D 84 10.49 9.26 -28.71
CA TYR D 84 11.64 9.14 -29.59
C TYR D 84 11.22 9.28 -31.05
N SER D 85 12.11 9.87 -31.84
CA SER D 85 11.82 10.07 -33.25
C SER D 85 12.07 8.81 -34.07
N PHE D 86 12.92 7.89 -33.59
CA PHE D 86 13.30 6.75 -34.41
C PHE D 86 12.20 5.73 -34.56
N CYS D 87 11.17 5.75 -33.72
CA CYS D 87 10.17 4.69 -33.77
C CYS D 87 8.96 5.09 -34.59
N ARG D 88 9.16 5.94 -35.59
CA ARG D 88 8.28 6.03 -36.75
C ARG D 88 8.89 5.39 -37.98
N ALA D 89 10.01 4.69 -37.83
CA ALA D 89 10.72 4.09 -38.94
C ALA D 89 9.94 2.91 -39.52
N LEU D 90 10.29 2.54 -40.73
CA LEU D 90 9.70 1.42 -41.45
C LEU D 90 10.79 0.44 -41.84
N LYS D 91 10.38 -0.71 -42.40
CA LYS D 91 11.35 -1.67 -42.90
C LYS D 91 12.24 -1.03 -43.93
N GLY D 92 13.53 -1.33 -43.87
CA GLY D 92 14.47 -0.81 -44.82
C GLY D 92 14.88 0.63 -44.62
N GLU D 93 14.28 1.34 -43.68
CA GLU D 93 14.64 2.72 -43.41
C GLU D 93 15.77 2.75 -42.38
N THR D 94 16.85 3.43 -42.73
CA THR D 94 18.01 3.53 -41.84
C THR D 94 17.65 4.25 -40.56
N VAL D 95 18.08 3.70 -39.43
CA VAL D 95 17.96 4.36 -38.13
C VAL D 95 19.38 4.68 -37.68
N ASN D 96 19.62 5.92 -37.29
CA ASN D 96 20.95 6.40 -36.92
C ASN D 96 20.76 7.43 -35.81
N THR D 97 20.91 7.00 -34.56
CA THR D 97 20.41 7.81 -33.46
C THR D 97 21.35 7.77 -32.26
N THR D 98 21.07 8.65 -31.30
CA THR D 98 21.84 8.79 -30.06
C THR D 98 20.89 9.06 -28.90
N ILE D 99 21.05 8.31 -27.82
CA ILE D 99 20.20 8.42 -26.64
C ILE D 99 21.06 8.56 -25.40
N SER D 100 20.68 9.48 -24.51
CA SER D 100 21.43 9.71 -23.29
C SER D 100 20.86 8.90 -22.13
N PHE D 101 21.75 8.45 -21.23
CA PHE D 101 21.32 7.66 -20.08
C PHE D 101 22.18 8.01 -18.88
N SER D 102 21.65 7.70 -17.69
CA SER D 102 22.35 7.91 -16.43
C SER D 102 21.70 7.08 -15.34
N PHE D 103 22.51 6.63 -14.39
CA PHE D 103 22.01 5.85 -13.27
C PHE D 103 23.04 5.85 -12.14
N LYS D 104 22.59 5.44 -10.96
CA LYS D 104 23.47 5.26 -9.80
C LYS D 104 22.65 4.68 -8.66
N GLY D 105 23.35 4.09 -7.70
CA GLY D 105 22.74 3.83 -6.40
C GLY D 105 22.50 2.39 -6.00
N ILE D 106 23.18 1.43 -6.62
CA ILE D 106 23.02 0.03 -6.28
C ILE D 106 24.38 -0.64 -6.25
N LYS D 107 24.59 -1.48 -5.25
CA LYS D 107 25.81 -2.27 -5.15
C LYS D 107 25.60 -3.61 -5.84
N PHE D 108 26.58 -4.03 -6.63
CA PHE D 108 26.52 -5.30 -7.34
C PHE D 108 27.66 -6.19 -6.87
N SER D 109 27.38 -7.49 -6.79
CA SER D 109 28.38 -8.47 -6.41
C SER D 109 29.22 -8.84 -7.62
N LYS D 110 30.44 -9.32 -7.36
CA LYS D 110 31.28 -9.83 -8.42
C LYS D 110 30.56 -10.96 -9.15
N GLY D 111 30.94 -11.18 -10.40
CA GLY D 111 30.37 -12.29 -11.13
C GLY D 111 30.26 -12.14 -12.62
N LYS D 112 29.25 -12.79 -13.20
CA LYS D 112 29.14 -12.98 -14.63
C LYS D 112 27.72 -12.69 -15.11
N TYR D 113 27.20 -11.53 -14.76
CA TYR D 113 25.86 -11.12 -15.19
C TYR D 113 25.65 -11.38 -16.67
N LYS D 114 24.45 -11.82 -17.01
CA LYS D 114 24.10 -12.17 -18.39
C LYS D 114 22.68 -11.69 -18.68
N CYS D 115 22.45 -11.22 -19.90
CA CYS D 115 21.14 -10.66 -20.22
C CYS D 115 20.76 -10.99 -21.66
N VAL D 116 19.59 -11.61 -21.81
CA VAL D 116 19.01 -11.88 -23.12
C VAL D 116 17.96 -10.82 -23.41
N VAL D 117 18.08 -10.16 -24.55
CA VAL D 117 17.23 -9.04 -24.95
C VAL D 117 16.41 -9.48 -26.16
N GLU D 118 15.09 -9.46 -26.03
CA GLU D 118 14.20 -9.79 -27.12
C GLU D 118 13.40 -8.55 -27.50
N ALA D 119 13.63 -8.02 -28.69
CA ALA D 119 12.88 -6.88 -29.19
C ALA D 119 11.63 -7.39 -29.90
N ILE D 120 10.48 -6.82 -29.55
CA ILE D 120 9.21 -7.16 -30.17
C ILE D 120 8.58 -5.90 -30.72
N SER D 121 8.00 -5.97 -31.90
CA SER D 121 7.34 -4.81 -32.48
C SER D 121 6.39 -5.24 -33.57
N GLY D 122 5.89 -4.26 -34.31
CA GLY D 122 5.01 -4.49 -35.44
C GLY D 122 3.54 -4.50 -35.07
N SER D 123 2.72 -4.65 -36.10
CA SER D 123 1.27 -4.72 -35.93
C SER D 123 0.83 -6.10 -35.44
N PRO D 124 1.31 -7.20 -36.03
CA PRO D 124 1.03 -8.52 -35.45
C PRO D 124 1.92 -8.91 -34.29
N GLU D 125 2.77 -8.00 -33.80
CA GLU D 125 3.60 -8.25 -32.61
C GLU D 125 4.51 -9.47 -32.81
N GLU D 126 5.45 -9.29 -33.72
CA GLU D 126 6.48 -10.31 -33.94
C GLU D 126 7.83 -9.77 -33.51
N MET D 127 8.79 -10.68 -33.40
CA MET D 127 10.10 -10.32 -32.87
C MET D 127 10.99 -9.73 -33.95
N LEU D 128 11.89 -8.85 -33.52
CA LEU D 128 12.75 -8.08 -34.40
C LEU D 128 14.18 -8.60 -34.39
N PHE D 129 14.75 -8.78 -33.20
CA PHE D 129 16.04 -9.45 -33.04
C PHE D 129 16.16 -9.95 -31.61
N CYS D 130 17.21 -10.73 -31.37
CA CYS D 130 17.54 -11.18 -30.02
C CYS D 130 19.04 -11.16 -29.87
N LEU D 131 19.53 -10.46 -28.84
CA LEU D 131 20.94 -10.42 -28.52
C LEU D 131 21.15 -10.98 -27.13
N GLU D 132 22.36 -11.49 -26.89
CA GLU D 132 22.73 -11.99 -25.59
C GLU D 132 23.99 -11.27 -25.13
N PHE D 133 23.86 -10.48 -24.06
CA PHE D 133 24.93 -9.67 -23.51
C PHE D 133 25.60 -10.40 -22.36
N VAL D 134 26.88 -10.14 -22.19
CA VAL D 134 27.67 -10.69 -21.09
C VAL D 134 28.47 -9.56 -20.46
N ILE D 135 28.40 -9.45 -19.15
CA ILE D 135 29.04 -8.39 -18.39
C ILE D 135 29.85 -9.04 -17.28
N LEU D 136 31.17 -8.89 -17.34
CA LEU D 136 32.00 -9.28 -16.22
C LEU D 136 32.19 -8.09 -15.29
N HIS D 137 32.24 -8.38 -13.98
CA HIS D 137 32.30 -7.30 -13.00
C HIS D 137 33.30 -7.67 -11.92
N GLN D 138 34.36 -6.88 -11.79
CA GLN D 138 35.32 -7.01 -10.70
C GLN D 138 35.59 -5.63 -10.13
N PRO D 139 34.90 -5.26 -9.04
CA PRO D 139 35.10 -3.93 -8.44
C PRO D 139 36.55 -3.71 -8.05
N ASN D 140 37.12 -2.60 -8.51
CA ASN D 140 38.50 -2.24 -8.23
C ASN D 140 39.48 -3.30 -8.70
C1 NAG E . 4.41 -20.88 14.72
C2 NAG E . 4.37 -20.88 16.25
C3 NAG E . 2.93 -20.83 16.73
C4 NAG E . 2.18 -19.69 16.08
C5 NAG E . 2.33 -19.75 14.57
C6 NAG E . 1.73 -18.55 13.87
C7 NAG E . 6.14 -21.94 17.57
C8 NAG E . 6.72 -23.23 18.04
N2 NAG E . 5.06 -22.04 16.79
O3 NAG E . 2.92 -20.67 18.14
O4 NAG E . 0.80 -19.79 16.40
O5 NAG E . 3.73 -19.77 14.22
O6 NAG E . 0.74 -18.95 12.93
O7 NAG E . 6.62 -20.87 17.89
C1 NAG E . 0.07 -19.13 17.36
C2 NAG E . -1.39 -18.86 17.00
C3 NAG E . -2.15 -18.36 18.21
C4 NAG E . -2.00 -19.37 19.36
C5 NAG E . -0.53 -19.66 19.62
C6 NAG E . -0.33 -20.77 20.62
C7 NAG E . -0.99 -16.70 15.86
C8 NAG E . -1.22 -15.92 14.61
N2 NAG E . -1.50 -17.94 15.88
O3 NAG E . -3.52 -18.20 17.88
O4 NAG E . -2.59 -18.83 20.53
O5 NAG E . 0.12 -20.08 18.41
O6 NAG E . -1.22 -21.85 20.37
O7 NAG E . -0.36 -16.24 16.82
C1 BMA E . -3.68 -19.50 21.05
C2 BMA E . -3.60 -19.90 22.52
C3 BMA E . -4.97 -20.40 22.97
C4 BMA E . -6.08 -19.42 22.58
C5 BMA E . -6.02 -19.12 21.08
C6 BMA E . -7.05 -18.12 20.63
O2 BMA E . -3.30 -18.78 23.31
O3 BMA E . -5.00 -20.63 24.38
O4 BMA E . -7.35 -19.97 22.89
O5 BMA E . -4.72 -18.59 20.80
O6 BMA E . -6.68 -16.85 21.15
C1 NAG F . 2.23 -26.66 19.18
C2 NAG F . 3.69 -26.44 19.60
C3 NAG F . 3.83 -25.11 20.37
C4 NAG F . 3.09 -23.96 19.69
C5 NAG F . 1.68 -24.38 19.29
C6 NAG F . 0.94 -23.37 18.47
C7 NAG F . 5.39 -27.54 21.02
C8 NAG F . 5.67 -28.71 21.89
N2 NAG F . 4.17 -27.51 20.44
O3 NAG F . 5.20 -24.78 20.49
O4 NAG F . 3.05 -22.86 20.60
O5 NAG F . 1.77 -25.55 18.48
O6 NAG F . 0.13 -24.00 17.50
O7 NAG F . 6.22 -26.67 20.81
C1 NAG F . 3.78 -22.33 21.64
C2 NAG F . 5.23 -22.19 22.15
C3 NAG F . 5.32 -21.11 23.22
C4 NAG F . 4.74 -19.80 22.71
C5 NAG F . 3.31 -20.03 22.23
C6 NAG F . 2.69 -18.80 21.62
C7 NAG F . 7.03 -23.72 22.85
C8 NAG F . 7.36 -25.07 23.39
N2 NAG F . 5.73 -23.46 22.66
O3 NAG F . 6.68 -20.92 23.58
O4 NAG F . 4.75 -18.83 23.74
O5 NAG F . 3.30 -21.04 21.20
O6 NAG F . 3.39 -18.40 20.45
O7 NAG F . 7.89 -22.89 22.59
C1 BMA F . 5.42 -17.92 24.52
C2 BMA F . 6.96 -17.74 24.36
C3 BMA F . 7.39 -16.31 24.71
C4 BMA F . 6.46 -15.28 24.05
C5 BMA F . 5.03 -15.57 24.48
C6 BMA F . 4.04 -14.54 23.96
O2 BMA F . 7.36 -17.96 23.02
O3 BMA F . 8.74 -16.07 24.31
O4 BMA F . 6.83 -13.97 24.46
O5 BMA F . 4.69 -16.85 23.96
O6 BMA F . 4.47 -13.25 24.37
C1 NAG G . -38.45 6.36 21.56
C2 NAG G . -39.85 6.50 22.17
C3 NAG G . -40.45 5.13 22.44
C4 NAG G . -40.42 4.28 21.18
C5 NAG G . -39.00 4.22 20.63
C6 NAG G . -38.89 3.48 19.31
C7 NAG G . -40.44 8.44 23.54
C8 NAG G . -40.29 9.12 24.87
N2 NAG G . -39.80 7.29 23.40
O3 NAG G . -41.79 5.28 22.90
O4 NAG G . -40.86 2.96 21.47
O5 NAG G . -38.52 5.55 20.39
O6 NAG G . -39.51 4.20 18.25
O7 NAG G . -41.12 8.93 22.64
C1 NAG G . -41.90 2.28 20.88
C2 NAG G . -42.41 0.84 20.93
C3 NAG G . -43.61 0.67 20.00
C4 NAG G . -44.68 1.72 20.31
C5 NAG G . -44.08 3.11 20.29
C6 NAG G . -45.05 4.18 20.71
C7 NAG G . -40.39 -0.47 21.42
C8 NAG G . -39.38 -1.43 20.89
N2 NAG G . -41.35 -0.08 20.57
O3 NAG G . -44.14 -0.63 20.16
O4 NAG G . -45.71 1.64 19.34
O5 NAG G . -42.97 3.18 21.20
O6 NAG G . -45.64 3.88 21.96
O7 NAG G . -40.35 -0.06 22.58
C1 NAG H . -10.42 -19.09 -14.08
C2 NAG H . -10.37 -19.15 -15.59
C3 NAG H . -8.98 -19.54 -16.07
C4 NAG H . -7.94 -18.65 -15.45
C5 NAG H . -8.09 -18.60 -13.94
C6 NAG H . -7.16 -17.62 -13.28
C7 NAG H . -12.38 -19.69 -16.91
C8 NAG H . -13.32 -20.76 -17.33
N2 NAG H . -11.38 -20.07 -16.10
O3 NAG H . -8.93 -19.42 -17.49
O4 NAG H . -6.63 -19.15 -15.76
O5 NAG H . -9.42 -18.20 -13.60
O6 NAG H . -6.33 -18.26 -12.32
O7 NAG H . -12.52 -18.52 -17.25
C1 NAG H . -5.75 -18.77 -16.73
C2 NAG H . -4.29 -18.92 -16.37
C3 NAG H . -3.41 -18.71 -17.59
C4 NAG H . -3.85 -19.66 -18.70
C5 NAG H . -5.34 -19.52 -18.97
C6 NAG H . -5.86 -20.55 -19.94
C7 NAG H . -4.04 -16.70 -15.31
C8 NAG H . -3.58 -15.98 -14.08
N2 NAG H . -3.90 -18.04 -15.28
O3 NAG H . -2.06 -18.94 -17.26
O4 NAG H . -3.13 -19.36 -19.90
O5 NAG H . -6.09 -19.69 -17.76
O6 NAG H . -5.33 -21.84 -19.64
O7 NAG H . -4.49 -16.11 -16.27
C1 BMA H . -2.30 -20.33 -20.38
C2 BMA H . -2.47 -20.74 -21.84
C3 BMA H . -1.31 -21.62 -22.28
C4 BMA H . 0.03 -21.00 -21.91
C5 BMA H . 0.05 -20.65 -20.42
C6 BMA H . 1.34 -19.98 -19.99
O2 BMA H . -2.44 -19.59 -22.67
O3 BMA H . -1.36 -21.90 -23.67
O4 BMA H . 1.07 -21.91 -22.19
O5 BMA H . -1.03 -19.76 -20.16
O6 BMA H . 1.36 -18.66 -20.55
C1 NAG I . -10.03 -25.39 -18.33
C2 NAG I . -11.37 -24.76 -18.77
C3 NAG I . -11.10 -23.48 -19.58
C4 NAG I . -10.06 -22.57 -18.93
C5 NAG I . -8.83 -23.38 -18.51
C6 NAG I . -7.83 -22.60 -17.72
C7 NAG I . -13.31 -25.37 -20.16
C8 NAG I . -13.93 -26.43 -20.99
N2 NAG I . -12.13 -25.68 -19.58
O3 NAG I . -12.32 -22.77 -19.71
O4 NAG I . -9.70 -21.57 -19.88
O5 NAG I . -9.26 -24.45 -17.66
O6 NAG I . -7.24 -23.41 -16.72
O7 NAG I . -13.85 -24.29 -19.99
C1 NAG I . -10.26 -20.87 -20.93
C2 NAG I . -11.60 -20.33 -21.46
C3 NAG I . -11.37 -19.32 -22.56
C4 NAG I . -10.43 -18.21 -22.09
C5 NAG I . -9.13 -18.83 -21.59
C6 NAG I . -8.18 -17.82 -21.02
C7 NAG I . -13.77 -21.29 -22.12
C8 NAG I . -14.48 -22.51 -22.62
N2 NAG I . -12.44 -21.42 -21.93
O3 NAG I . -12.62 -18.74 -22.94
O4 NAG I . -10.16 -17.31 -23.15
O5 NAG I . -9.42 -19.77 -20.54
O6 NAG I . -8.72 -17.19 -19.87
O7 NAG I . -14.35 -20.24 -21.89
C1 BMA I . -10.55 -16.27 -23.96
C2 BMA I . -11.96 -15.64 -23.82
C3 BMA I . -11.95 -14.16 -24.21
C4 BMA I . -10.77 -13.43 -23.59
C5 BMA I . -9.48 -14.13 -23.99
C6 BMA I . -8.23 -13.43 -23.50
O2 BMA I . -12.41 -15.69 -22.48
O3 BMA I . -13.16 -13.53 -23.83
O4 BMA I . -10.73 -12.09 -24.04
O5 BMA I . -9.52 -15.44 -23.43
O6 BMA I . -8.26 -12.08 -23.96
C1 NAG J . 38.59 -5.98 -21.71
C2 NAG J . 39.95 -6.28 -22.32
C3 NAG J . 40.11 -7.79 -22.53
C4 NAG J . 39.85 -8.53 -21.22
C5 NAG J . 38.49 -8.14 -20.67
C6 NAG J . 38.19 -8.75 -19.33
C7 NAG J . 41.08 -4.66 -23.79
C8 NAG J . 41.11 -4.04 -25.15
N2 NAG J . 40.12 -5.58 -23.59
O3 NAG J . 41.44 -8.06 -22.98
O4 NAG J . 39.89 -9.94 -21.45
O5 NAG J . 38.43 -6.71 -20.50
O6 NAG J . 38.99 -8.20 -18.30
O7 NAG J . 41.88 -4.36 -22.91
C1 NAG J . 40.69 -10.85 -20.83
C2 NAG J . 40.75 -12.38 -20.81
C3 NAG J . 41.85 -12.86 -19.87
C4 NAG J . 43.17 -12.19 -20.23
C5 NAG J . 43.01 -10.68 -20.28
C6 NAG J . 44.26 -9.97 -20.74
C7 NAG J . 38.43 -13.06 -21.24
C8 NAG J . 37.18 -13.65 -20.66
N2 NAG J . 39.46 -12.94 -20.41
O3 NAG J . 41.97 -14.27 -19.96
O4 NAG J . 44.16 -12.53 -19.25
O5 NAG J . 41.96 -10.34 -21.19
O6 NAG J . 44.72 -10.49 -21.98
O7 NAG J . 38.50 -12.71 -22.41
C1 NAG K . 15.24 11.08 43.49
C2 NAG K . 15.19 9.90 42.53
C3 NAG K . 16.29 8.90 42.87
C4 NAG K . 17.64 9.60 42.89
C5 NAG K . 17.59 10.82 43.81
C6 NAG K . 18.85 11.65 43.76
C7 NAG K . 13.37 8.58 41.54
C8 NAG K . 12.01 8.00 41.75
N2 NAG K . 13.88 9.26 42.57
O3 NAG K . 16.29 7.87 41.89
O4 NAG K . 18.64 8.71 43.37
O5 NAG K . 16.51 11.69 43.41
O6 NAG K . 19.91 10.95 43.13
O7 NAG K . 13.98 8.45 40.48
C1 NAG L . 27.99 -15.45 13.63
C2 NAG L . 28.93 -16.47 14.24
C3 NAG L . 30.33 -15.88 14.37
C4 NAG L . 30.80 -15.31 13.03
C5 NAG L . 29.75 -14.35 12.47
C6 NAG L . 30.08 -13.87 11.08
C7 NAG L . 28.36 -16.17 16.64
C8 NAG L . 27.85 -16.85 17.87
N2 NAG L . 28.46 -16.93 15.54
O3 NAG L . 31.25 -16.89 14.81
O4 NAG L . 32.02 -14.59 13.20
O5 NAG L . 28.49 -15.03 12.37
O6 NAG L . 29.87 -14.90 10.11
O7 NAG L . 28.66 -14.98 16.63
C1 GP4 M . -11.06 9.03 12.16
C2 GP4 M . -11.56 8.69 13.55
C3 GP4 M . -10.62 9.26 14.56
C4 GP4 M . -9.24 8.69 14.35
C5 GP4 M . -8.78 8.97 12.92
C6 GP4 M . -7.42 8.32 12.65
N2 GP4 M . -12.95 9.26 13.77
O4 GP4 M . -8.32 9.24 15.29
O6 GP4 M . -7.08 8.50 11.28
O5 GP4 M . -9.74 8.47 11.96
O7A GP4 M . -8.04 6.66 16.20
P4A GP4 M . -7.34 8.19 16.18
O8A GP4 M . -5.84 8.05 15.48
O9A GP4 M . -7.20 8.75 17.72
C1 NAG N . -11.52 13.70 -43.90
C2 NAG N . -11.81 12.59 -42.91
C3 NAG N . -13.15 11.96 -43.21
C4 NAG N . -14.24 13.02 -43.27
C5 NAG N . -13.84 14.13 -44.23
C6 NAG N . -14.81 15.30 -44.21
C7 NAG N . -10.46 10.84 -41.86
C8 NAG N . -9.33 9.88 -42.05
N2 NAG N . -10.75 11.60 -42.92
O3 NAG N . -13.47 11.00 -42.21
O4 NAG N . -15.47 12.44 -43.72
O5 NAG N . -12.56 14.67 -43.86
O6 NAG N . -16.02 14.96 -43.56
O7 NAG N . -11.07 10.92 -40.81
C1 NAG O . -31.37 -6.98 -13.31
C2 NAG O . -32.58 -7.70 -13.89
C3 NAG O . -33.75 -6.73 -14.05
C4 NAG O . -34.02 -6.00 -12.73
C5 NAG O . -32.74 -5.39 -12.19
C6 NAG O . -32.91 -4.78 -10.82
C7 NAG O . -31.95 -7.65 -16.28
C8 NAG O . -31.66 -8.49 -17.49
N2 NAG O . -32.26 -8.32 -15.18
O3 NAG O . -34.90 -7.44 -14.47
O4 NAG O . -34.97 -4.98 -12.94
O5 NAG O . -31.73 -6.39 -12.07
O6 NAG O . -32.99 -5.79 -9.83
O7 NAG O . -31.89 -6.43 -16.33
C1 GP4 P . 13.20 4.78 -12.62
C2 GP4 P . 13.58 4.26 -13.99
C3 GP4 P . 12.85 5.05 -15.04
C4 GP4 P . 11.37 4.90 -14.82
C5 GP4 P . 10.99 5.35 -13.40
C6 GP4 P . 9.52 5.14 -13.13
N2 GP4 P . 15.08 4.39 -14.21
O4 GP4 P . 10.65 5.67 -15.78
O6 GP4 P . 9.24 5.46 -11.77
O5 GP4 P . 11.78 4.63 -12.42
O7A GP4 P . 9.63 3.25 -16.62
P4A GP4 P . 9.41 4.91 -16.66
O8A GP4 P . 7.93 5.25 -15.97
O9A GP4 P . 9.44 5.44 -18.22
C1 NAG Q . -20.63 17.55 37.74
C2 NAG Q . -21.74 17.62 38.78
C3 NAG Q . -22.69 18.76 38.46
C4 NAG Q . -21.94 20.06 38.30
C5 NAG Q . -20.83 19.90 37.26
C6 NAG Q . -19.96 21.12 37.12
C7 NAG Q . -23.09 15.95 39.99
C8 NAG Q . -23.78 14.64 39.90
N2 NAG Q . -22.45 16.36 38.87
O3 NAG Q . -23.65 18.88 39.51
O4 NAG Q . -22.83 21.09 37.87
O5 NAG Q . -19.96 18.81 37.64
O6 NAG Q . -20.47 22.20 37.88
O7 NAG Q . -23.09 16.63 41.00
C1 2IL R . -13.95 8.48 13.51
C2 2IL R . -15.38 8.87 13.88
O2 2IL R . -13.71 7.23 12.86
C3 2IL R . -15.72 8.19 15.19
O3 2IL R . -15.97 6.80 15.03
C4 2IL R . -16.97 8.86 15.76
O4 2IL R . -13.65 6.28 15.73
C5 2IL R . -17.51 8.05 16.92
C6 2IL R . -18.31 8.98 17.84
C7 2IL R . -19.46 8.19 18.46
C8 2IL R . -19.23 8.05 19.96
C9 2IL R . -20.48 8.54 20.70
C10 2IL R . -21.01 7.42 21.60
C11 2IL R . -22.22 7.95 22.38
C12 2IL R . -22.65 6.90 23.40
C13 2IL R . -24.18 6.78 23.36
C14 2IL R . -24.68 6.36 24.74
C15 2IL R . -14.99 5.87 15.54
C16 2IL R . -15.36 4.43 15.87
C17 2IL R . -16.32 3.87 14.81
C18 2IL R . -17.36 3.01 15.52
C19 2IL R . -18.01 3.84 16.63
C20 2IL R . -18.13 2.98 17.88
C21 2IL R . -19.60 2.62 18.11
C22 2IL R . -19.85 2.47 19.60
C23 2IL R . -21.14 3.21 19.97
C24 2IL R . -22.23 2.18 20.30
C25 2IL R . -22.94 2.61 21.59
C26 2IL R . -21.91 2.98 22.65
C0S 0IL S . -18.36 4.91 23.39
C0T 0IL S . -15.82 6.90 28.65
C1E 0IL S . -10.99 7.75 16.58
O1E 0IL S . -10.79 6.51 15.89
C1F 0IL S . -13.84 9.69 19.26
O1F 0IL S . -14.80 9.46 18.22
C1S 0IL S . -18.87 4.04 24.55
C1T 0IL S . -15.02 6.87 29.95
C28 0IL S . -14.93 5.53 32.69
C2E 0IL S . -11.12 7.77 18.10
O2E 0IL S . -12.84 8.72 19.53
C2F 0IL S . -13.90 10.99 20.07
C2S 0IL S . -18.98 4.91 25.81
C2T 0IL S . -15.95 7.18 31.13
C3E 0IL S . -12.58 7.74 18.51
O3E 0IL S . -11.09 9.00 15.89
C3F 0IL S . -13.91 10.67 21.57
C3S 0IL S . -20.18 4.46 26.63
C3T 0IL S . -16.21 5.91 31.93
C4E 0IL S . -12.89 6.35 19.07
C4F 0IL S . -15.32 10.23 22.02
C4S 0IL S . -19.79 4.37 28.11
C5E 0IL S . -14.39 6.18 19.29
C5F 0IL S . -15.21 8.91 22.76
C6E 0IL S . -14.65 5.95 20.78
C6F 0IL S . -15.87 9.00 24.13
C7E 0IL S . -15.41 4.64 20.98
C7F 0IL S . -14.98 8.33 25.19
C8E 0IL S . -16.85 4.94 21.41
C8F 0IL S . -15.85 7.74 26.30
C9E 0IL S . -17.14 4.25 22.74
C9F 0IL S . -15.05 7.72 27.60
C1 X6N T . -10.80 10.86 10.66
C2 X6N T . -10.54 12.36 10.61
C3 X6N T . -11.76 13.14 11.09
C4 X6N T . -13.01 12.69 10.37
C48 X6N T . -8.83 12.58 9.00
C5 X6N T . -13.15 11.18 10.40
C6 X6N T . -14.37 10.72 9.62
O3 X6N T . -11.55 14.54 10.88
O4 X6N T . -14.15 13.28 11.00
O47 X6N T . -10.22 12.75 9.29
O5 X6N T . -11.97 10.57 9.87
O54 X6N T . -13.67 15.93 11.21
O55 X6N T . -14.70 14.95 8.90
O56 X6N T . -16.25 15.06 11.16
P51 X6N T . -14.69 14.81 10.56
OXT X6N T . -11.01 10.45 12.01
C35 A1L01 U . -15.20 8.45 9.99
C73 A1L01 U . -16.17 7.54 10.71
O52 A1L01 U . -15.04 9.79 10.45
O72 A1L01 U . -14.44 7.97 8.87
C125 A1L01 U . -17.14 6.86 9.76
C243 A1L01 U . -15.88 4.77 10.04
C246 A1L01 U . -18.55 7.37 10.06
C249 A1L01 U . -15.83 3.39 10.72
C252 A1L01 U . -18.77 7.42 11.57
C255 A1L01 U . -19.73 6.32 11.99
C258 A1L01 U . -19.74 6.22 13.52
C261 A1L01 U . -21.17 6.02 14.01
C264 A1L01 U . -21.19 6.06 15.54
C267 A1L01 U . -22.48 5.42 16.05
C270 A1L01 U . -23.43 6.51 16.53
C273 A1L01 U . -24.50 5.88 17.42
C276 A1L01 U . -23.83 5.19 18.60
C279 A1L01 U . -24.70 5.33 19.85
C281 A1L01 U . -17.16 2.66 10.47
C285 A1L01 U . -17.70 2.10 11.78
C288 A1L01 U . -19.23 2.04 11.73
C291 A1L01 U . -19.74 0.96 12.67
C294 A1L01 U . -21.26 1.04 12.76
C297 A1L01 U . -21.67 1.44 14.19
C300 A1L01 U . -23.19 1.45 14.31
C302 A1L01 U . -23.59 1.17 15.77
O240 A1L01 U . -17.13 5.45 9.98
O248 A1L01 U . -14.80 5.15 9.17
C1 NAG V . 24.65 9.22 -38.43
C2 NAG V . 25.72 8.91 -39.48
C3 NAG V . 26.98 9.73 -39.21
C4 NAG V . 26.63 11.21 -39.11
C5 NAG V . 25.55 11.42 -38.07
C6 NAG V . 25.07 12.84 -37.98
C7 NAG V . 26.50 6.87 -40.59
C8 NAG V . 26.77 5.41 -40.45
N2 NAG V . 26.03 7.49 -39.51
O3 NAG V . 27.91 9.51 -40.26
O4 NAG V . 27.79 11.94 -38.72
O5 NAG V . 24.40 10.62 -38.40
O6 NAG V . 25.88 13.69 -38.79
O7 NAG V . 26.69 7.46 -41.65
C1 2IL W . 15.81 3.37 -13.92
C2 2IL W . 17.28 3.30 -14.28
O2 2IL W . 15.22 2.26 -13.24
C3 2IL W . 17.42 2.51 -15.57
O3 2IL W . 17.26 1.11 -15.36
C4 2IL W . 18.81 2.77 -16.13
O4 2IL W . 14.89 1.28 -16.07
C5 2IL W . 19.10 1.79 -17.28
C6 2IL W . 20.13 2.42 -18.22
C7 2IL W . 21.00 1.31 -18.79
C8 2IL W . 20.75 1.19 -20.29
C9 2IL W . 22.09 1.28 -21.03
C10 2IL W . 22.27 0.02 -21.89
C11 2IL W . 23.58 0.15 -22.67
C12 2IL W . 23.69 -1.02 -23.65
C13 2IL W . 25.12 -1.57 -23.59
C14 2IL W . 25.47 -2.18 -24.95
C15 2IL W . 16.06 0.49 -15.85
C16 2IL W . 15.98 -1.00 -16.13
C17 2IL W . 16.74 -1.78 -15.05
C18 2IL W . 17.48 -2.93 -15.72
C19 2IL W . 18.34 -2.36 -16.84
C20 2IL W . 18.21 -3.27 -18.07
C21 2IL W . 19.52 -4.04 -18.25
C22 2IL W . 19.72 -4.31 -19.75
C23 2IL W . 21.16 -3.99 -20.12
C24 2IL W . 21.90 -5.29 -20.42
C25 2IL W . 22.72 -5.15 -21.70
C26 2IL W . 21.83 -4.53 -22.79
C0S 0IL X . 19.00 -1.67 -23.63
C0T 0IL X . 17.17 0.79 -28.98
C1E 0IL X . 12.77 3.43 -17.01
O1E 0IL X . 12.22 2.32 -16.28
C1F 0IL X . 16.07 4.35 -19.71
O1F 0IL X . 16.92 3.89 -18.66
C1S 0IL X . 19.24 -2.68 -24.76
C1T 0IL X . 16.39 0.96 -30.29
C28 0IL X . 15.94 -0.40 -32.98
C2E 0IL X . 12.91 3.35 -18.52
O2E 0IL X . 14.83 3.70 -19.95
C2F 0IL X . 16.51 5.56 -20.56
C2S 0IL X . 19.60 -1.93 -26.04
C2T 0IL X . 17.38 0.94 -31.46
C3E 0IL X . 14.29 2.88 -18.91
O3E 0IL X . 13.23 4.60 -16.35
C3F 0IL X . 16.43 5.19 -22.05
C3S 0IL X . 20.63 -2.74 -26.83
C3T 0IL X . 17.26 -0.38 -32.22
C4E 0IL X . 14.19 1.45 -19.43
C4F 0IL X . 17.64 4.35 -22.46
C4S 0IL X . 20.23 -2.76 -28.30
C5E 0IL X . 15.58 0.84 -19.62
C5F 0IL X . 17.15 3.09 -23.17
C6E 0IL X . 15.76 0.49 -21.10
C6F 0IL X . 17.82 2.94 -24.53
C7E 0IL X . 16.10 -1.00 -21.25
C7F 0IL X . 16.78 2.52 -25.57
C8E 0IL X . 17.56 -1.13 -21.67
C8F 0IL X . 17.43 1.68 -26.65
C9E 0IL X . 17.64 -1.93 -22.99
C9F 0IL X . 16.66 1.84 -27.96
C1 X6N Y . 13.49 6.65 -11.17
C2 X6N Y . 13.67 8.15 -11.19
C3 X6N Y . 15.06 8.53 -11.68
C4 X6N Y . 16.13 7.76 -10.93
C48 X6N Y . 12.10 8.92 -9.61
C5 X6N Y . 15.82 6.27 -10.91
C6 X6N Y . 16.85 5.51 -10.09
O3 X6N Y . 15.27 9.94 -11.50
O4 X6N Y . 17.40 7.97 -11.56
O47 X6N Y . 13.47 8.67 -9.88
O5 X6N Y . 14.52 6.05 -10.37
O54 X6N Y . 17.70 10.64 -11.86
O55 X6N Y . 18.40 9.47 -9.50
O56 X6N Y . 19.92 9.06 -11.75
P51 X6N Y . 18.35 9.30 -11.17
OXT X6N Y . 13.58 6.15 -12.52
C35 A1L01 Z . 16.99 3.08 -10.39
C73 A1L01 Z . 17.65 1.90 -11.07
O52 A1L01 Z . 17.24 4.39 -10.89
O72 A1L01 Z . 16.13 2.89 -9.26
C125 A1L01 Z . 18.39 1.01 -10.08
C243 A1L01 Z . 16.56 -0.63 -10.32
C246 A1L01 Z . 19.88 1.08 -10.38
C249 A1L01 Z . 16.12 -1.96 -10.94
C252 A1L01 Z . 20.10 1.01 -11.89
C255 A1L01 Z . 20.70 -0.34 -12.27
C258 A1L01 Z . 20.68 -0.49 -13.79
C261 A1L01 Z . 21.99 -1.11 -14.26
C264 A1L01 Z . 22.02 -1.13 -15.79
C267 A1L01 Z . 23.08 -2.14 -16.26
C270 A1L01 Z . 24.31 -1.39 -16.77
C273 A1L01 Z . 25.16 -2.33 -17.62
C276 A1L01 Z . 24.31 -2.83 -18.79
C279 A1L01 Z . 25.19 -2.99 -20.03
C281 A1L01 Z . 17.18 -3.03 -10.65
C285 A1L01 Z . 17.54 -3.77 -11.95
C288 A1L01 Z . 18.98 -4.27 -11.86
C291 A1L01 Z . 19.16 -5.49 -12.78
C294 A1L01 Z . 20.64 -5.86 -12.85
C297 A1L01 Z . 21.14 -5.63 -14.28
C300 A1L01 Z . 22.60 -6.09 -14.39
C302 A1L01 Z . 22.90 -6.52 -15.83
O240 A1L01 Z . 17.96 -0.34 -10.25
O248 A1L01 Z . 15.65 0.07 -9.46
#